data_4HNY
#
_entry.id   4HNY
#
_cell.length_a   129.416
_cell.length_b   129.416
_cell.length_c   171.783
_cell.angle_alpha   90.00
_cell.angle_beta   90.00
_cell.angle_gamma   120.00
#
_symmetry.space_group_name_H-M   'P 31'
#
loop_
_entity.id
_entity.type
_entity.pdbx_description
1 polymer 'N-terminal acetyltransferase A complex subunit NAT1'
2 polymer 'N-terminal acetyltransferase A complex catalytic subunit ARD1'
3 non-polymer 'TETRAETHYLENE GLYCOL'
4 non-polymer GLYCEROL
5 water water
#
loop_
_entity_poly.entity_id
_entity_poly.type
_entity_poly.pdbx_seq_one_letter_code
_entity_poly.pdbx_strand_id
1 'polypeptide(L)'
;MSRKRSTKPKPAAKIALKKENDQFLEALKLYEGKQYKKSLKLLDAILKKDGSHVDSLALKGLDLYSVGEKDDAASYVANA
IRKIEGASASPICCHVLGIYMRNTKEYKESIKWFTAALNNGSTNKQIYRDLATLQSQIGDFKNALVSRKKYWEAFLGYRA
NWTSLAVAQDVNGERQQAINTLSQFEKLAEGKISDSEKYEHSECLMYKNDIMYKAASDNQDKLQNVLKHLNDIEPCVFDK
FGLLERKATIYMKLGQLKDASIVYRTLIKRNPDNFKYYKLLEVSLGIQGDNKLKKALYGKLEQFYPRCEPPKFIPLTFLQ
DKEELSKKLREYVLPQLERGVPATFSNVKPLYQRRKSKVSPLLEKIVLDYLSGLDPTQDPIPFIWTNYYLSQHFLFLKDF
PKAQEYIDAALDHTPTLVEFYILKARILKHLGLMDTAAGILEEGRQLDLQDRFINCKTVKYFLRANNIDKAVEVASLFTK
NDDSVNGIKDLHLVEASWFIVEQAEAYYRLYLDRKKKLDDLASLKKEVESDKSEQIANDIKENQWLVRKYKGLALKRFNA
IPKFYKQFEDDQLDFHSYCMRKGTPRAYLEMLEWGKALYTKPMYVRAMKEASKLYFQMHDDRLKRKSDSLDENSDEIQNN
GQNSSSQKKKAKKEAAAMNKRKETEAKSVAAYPSDQDNDVFGEKLIETSTPMEDFATEFYNNYSMQVREDERDYILDFEF
NYRIGKLALCFASLNKFAKRFGTTSGLFGSMAIVLLHATRNDTPFDPILKKVVTKSLEKEYSENFPLNEISNNSFDWLNF
YQEKFGKNDINGLLFLYRYRDDVPIGSSNLKEMIISSLSPLEPHSQNEILQYYLYPYDVPDYA
;
A,C
2 'polypeptide(L)'
;MPINIRRATINDIICMQNANLHNLPENYMMKYYMYHILSWPEASFVATTTTLDCEDSDEQDENDKLELTLDGTNDGRTIK
LDPTYLAPGEKLVGYVLVKMNDDPDQQNEPPNGHITSLSVMRTYRRMGIAENLMRQALFALREVHQAEYVSLHVRQSNRA
ALHLYRDTLAFEVLSIEKSYYQDGEDAYAMKKVLKLEELQISNFTHRRLKENEEKLEDDLESDLLEDIIKQGVNDIIVEQ
KLISEEDL
;
B,D
#
# COMPACT_ATOMS: atom_id res chain seq x y z
N VAL A 54 44.77 49.12 5.93
CA VAL A 54 44.54 47.76 6.43
C VAL A 54 43.29 47.75 7.28
N ASP A 55 43.38 48.35 8.47
CA ASP A 55 42.22 48.69 9.26
C ASP A 55 41.37 49.68 8.46
N SER A 56 42.04 50.49 7.64
CA SER A 56 41.40 51.55 6.87
C SER A 56 40.44 50.98 5.83
N LEU A 57 40.89 49.96 5.12
CA LEU A 57 40.07 49.30 4.11
C LEU A 57 38.79 48.74 4.72
N ALA A 58 38.90 48.18 5.92
CA ALA A 58 37.75 47.59 6.62
C ALA A 58 36.72 48.66 6.97
N LEU A 59 37.16 49.69 7.69
CA LEU A 59 36.26 50.76 8.10
C LEU A 59 35.73 51.51 6.89
N LYS A 60 36.50 51.50 5.81
CA LYS A 60 36.05 52.10 4.56
C LYS A 60 34.78 51.41 4.09
N GLY A 61 34.80 50.08 4.12
CA GLY A 61 33.65 49.29 3.73
C GLY A 61 32.42 49.51 4.58
N LEU A 62 32.58 49.48 5.89
CA LEU A 62 31.45 49.65 6.80
C LEU A 62 30.78 51.00 6.59
N ASP A 63 31.61 52.02 6.39
CA ASP A 63 31.13 53.34 5.98
C ASP A 63 30.32 53.20 4.71
N LEU A 64 30.93 52.61 3.69
CA LEU A 64 30.32 52.45 2.37
C LEU A 64 28.97 51.75 2.45
N TYR A 65 28.89 50.69 3.25
CA TYR A 65 27.63 49.98 3.47
C TYR A 65 26.66 50.87 4.24
N SER A 66 27.17 51.55 5.26
CA SER A 66 26.36 52.43 6.09
C SER A 66 25.79 53.60 5.27
N VAL A 67 26.29 53.79 4.05
CA VAL A 67 25.76 54.80 3.15
C VAL A 67 24.77 54.19 2.17
N GLY A 68 25.12 53.05 1.60
CA GLY A 68 24.23 52.37 0.67
C GLY A 68 24.92 51.86 -0.59
N GLU A 69 26.21 52.16 -0.71
CA GLU A 69 27.00 51.66 -1.83
C GLU A 69 27.50 50.26 -1.51
N LYS A 70 26.58 49.30 -1.60
CA LYS A 70 26.83 47.92 -1.15
C LYS A 70 27.95 47.23 -1.91
N ASP A 71 27.97 47.39 -3.23
CA ASP A 71 28.94 46.71 -4.08
C ASP A 71 30.37 47.18 -3.78
N ASP A 72 30.56 48.48 -3.60
CA ASP A 72 31.88 49.02 -3.27
C ASP A 72 32.29 48.62 -1.85
N ALA A 73 31.31 48.58 -0.95
CA ALA A 73 31.52 48.10 0.41
C ALA A 73 32.16 46.70 0.40
N ALA A 74 31.60 45.81 -0.40
CA ALA A 74 32.03 44.41 -0.46
C ALA A 74 33.49 44.27 -0.94
N SER A 75 33.86 44.94 -2.03
CA SER A 75 35.22 44.83 -2.54
C SER A 75 36.22 45.41 -1.55
N TYR A 76 35.89 46.56 -0.98
CA TYR A 76 36.71 47.15 0.07
C TYR A 76 36.95 46.13 1.18
N VAL A 77 35.87 45.50 1.65
CA VAL A 77 35.99 44.46 2.69
C VAL A 77 36.66 43.21 2.14
N ALA A 78 36.31 42.85 0.91
CA ALA A 78 36.77 41.60 0.29
C ALA A 78 38.29 41.51 0.17
N ASN A 79 38.92 42.64 -0.18
CA ASN A 79 40.36 42.64 -0.34
C ASN A 79 41.05 43.13 0.92
N ALA A 80 40.28 43.76 1.81
CA ALA A 80 40.78 44.11 3.13
C ALA A 80 41.25 42.84 3.85
N ILE A 81 40.61 41.73 3.52
CA ILE A 81 40.94 40.44 4.13
C ILE A 81 42.36 40.02 3.80
N ARG A 82 42.81 40.31 2.58
CA ARG A 82 44.16 39.97 2.15
C ARG A 82 45.18 40.96 2.70
N ALA A 89 44.56 40.18 12.47
CA ALA A 89 44.65 41.62 12.27
C ALA A 89 44.22 42.39 13.52
N SER A 90 44.07 43.71 13.37
CA SER A 90 43.68 44.57 14.49
C SER A 90 42.40 44.11 15.16
N PRO A 91 42.32 44.31 16.48
CA PRO A 91 41.06 44.10 17.21
C PRO A 91 39.94 44.95 16.62
N ILE A 92 40.23 46.22 16.35
CA ILE A 92 39.25 47.11 15.74
C ILE A 92 38.87 46.60 14.36
N CYS A 93 39.86 46.08 13.63
CA CYS A 93 39.61 45.54 12.31
C CYS A 93 38.63 44.37 12.37
N CYS A 94 38.89 43.46 13.30
CA CYS A 94 38.03 42.30 13.48
C CYS A 94 36.63 42.70 13.90
N HIS A 95 36.55 43.71 14.76
CA HIS A 95 35.27 44.25 15.22
C HIS A 95 34.47 44.80 14.03
N VAL A 96 35.12 45.63 13.23
CA VAL A 96 34.50 46.24 12.06
C VAL A 96 33.90 45.19 11.13
N LEU A 97 34.68 44.15 10.88
CA LEU A 97 34.26 43.08 9.97
C LEU A 97 33.12 42.28 10.57
N GLY A 98 33.19 42.04 11.87
CA GLY A 98 32.11 41.35 12.58
C GLY A 98 30.81 42.09 12.37
N ILE A 99 30.86 43.41 12.58
CA ILE A 99 29.71 44.27 12.35
C ILE A 99 29.24 44.19 10.90
N TYR A 100 30.17 44.30 9.96
CA TYR A 100 29.82 44.25 8.55
C TYR A 100 29.14 42.93 8.19
N MET A 101 29.70 41.83 8.68
CA MET A 101 29.18 40.51 8.37
C MET A 101 27.80 40.32 8.98
N ARG A 102 27.57 40.89 10.16
CA ARG A 102 26.25 40.83 10.77
C ARG A 102 25.26 41.61 9.90
N ASN A 103 25.64 42.84 9.57
CA ASN A 103 24.80 43.70 8.77
C ASN A 103 24.37 43.04 7.46
N THR A 104 25.20 42.13 6.96
CA THR A 104 24.93 41.50 5.67
C THR A 104 24.46 40.06 5.84
N LYS A 105 24.08 39.71 7.06
CA LYS A 105 23.46 38.41 7.34
C LYS A 105 24.44 37.25 7.16
N GLU A 106 25.73 37.54 7.27
CA GLU A 106 26.75 36.50 7.31
C GLU A 106 27.08 36.21 8.76
N TYR A 107 26.13 35.61 9.46
CA TYR A 107 26.22 35.44 10.90
C TYR A 107 27.38 34.57 11.30
N LYS A 108 27.56 33.45 10.59
CA LYS A 108 28.71 32.57 10.84
C LYS A 108 30.00 33.36 10.67
N GLU A 109 30.15 34.02 9.53
CA GLU A 109 31.32 34.85 9.29
C GLU A 109 31.47 35.91 10.36
N SER A 110 30.34 36.45 10.79
CA SER A 110 30.34 37.51 11.80
C SER A 110 30.87 36.99 13.13
N ILE A 111 30.47 35.76 13.47
CA ILE A 111 30.93 35.13 14.69
C ILE A 111 32.44 34.87 14.69
N LYS A 112 32.96 34.40 13.55
CA LYS A 112 34.39 34.16 13.41
C LYS A 112 35.20 35.45 13.63
N TRP A 113 34.68 36.56 13.10
CA TRP A 113 35.41 37.82 13.15
C TRP A 113 35.31 38.48 14.51
N PHE A 114 34.20 38.23 15.20
CA PHE A 114 34.05 38.74 16.55
C PHE A 114 34.96 37.95 17.49
N THR A 115 35.01 36.63 17.33
CA THR A 115 35.90 35.81 18.14
C THR A 115 37.35 36.22 17.94
N ALA A 116 37.67 36.64 16.72
CA ALA A 116 39.03 37.03 16.36
C ALA A 116 39.40 38.35 17.02
N ALA A 117 38.44 39.27 17.09
CA ALA A 117 38.66 40.54 17.72
C ALA A 117 39.11 40.35 19.16
N LEU A 118 38.42 39.44 19.85
CA LEU A 118 38.76 39.05 21.21
C LEU A 118 40.11 38.36 21.30
N ASN A 119 40.37 37.41 20.41
CA ASN A 119 41.62 36.66 20.38
C ASN A 119 42.81 37.51 19.98
N ASN A 120 42.56 38.77 19.66
CA ASN A 120 43.62 39.73 19.35
C ASN A 120 43.69 40.80 20.41
N GLY A 121 43.14 40.49 21.58
CA GLY A 121 43.28 41.37 22.73
C GLY A 121 42.25 42.48 22.78
N SER A 122 41.13 42.29 22.12
CA SER A 122 40.02 43.23 22.29
C SER A 122 39.69 43.32 23.78
N THR A 123 39.47 44.55 24.23
CA THR A 123 39.09 44.82 25.61
C THR A 123 37.57 44.98 25.69
N ASN A 124 36.92 45.01 24.53
CA ASN A 124 35.51 45.32 24.43
C ASN A 124 34.61 44.14 24.82
N LYS A 125 33.99 44.22 25.99
CA LYS A 125 33.22 43.11 26.53
C LYS A 125 31.81 43.01 25.94
N GLN A 126 31.37 44.07 25.24
CA GLN A 126 30.08 44.04 24.55
C GLN A 126 30.10 43.05 23.38
N ILE A 127 31.30 42.59 23.03
CA ILE A 127 31.46 41.62 21.94
C ILE A 127 30.81 40.28 22.30
N TYR A 128 30.88 39.90 23.58
CA TYR A 128 30.24 38.66 24.03
C TYR A 128 28.72 38.69 23.85
N ARG A 129 28.11 39.87 24.04
CA ARG A 129 26.69 40.04 23.76
C ARG A 129 26.38 39.89 22.26
N ASP A 130 27.22 40.48 21.41
CA ASP A 130 27.10 40.29 19.96
C ASP A 130 27.19 38.81 19.58
N LEU A 131 28.12 38.11 20.22
CA LEU A 131 28.34 36.70 19.95
C LEU A 131 27.14 35.85 20.38
N ALA A 132 26.72 36.04 21.63
CA ALA A 132 25.57 35.31 22.17
C ALA A 132 24.34 35.46 21.25
N THR A 133 24.12 36.67 20.75
CA THR A 133 23.04 36.92 19.79
C THR A 133 23.22 36.11 18.51
N LEU A 134 24.40 36.22 17.89
CA LEU A 134 24.66 35.55 16.62
C LEU A 134 24.62 34.04 16.79
N GLN A 135 25.22 33.57 17.88
CA GLN A 135 25.34 32.14 18.14
C GLN A 135 23.98 31.54 18.40
N SER A 136 23.13 32.28 19.11
CA SER A 136 21.75 31.90 19.30
C SER A 136 21.01 31.78 17.98
N GLN A 137 21.17 32.80 17.14
CA GLN A 137 20.50 32.85 15.85
C GLN A 137 20.82 31.65 14.98
N ILE A 138 22.08 31.22 14.95
CA ILE A 138 22.45 30.09 14.12
C ILE A 138 22.32 28.76 14.86
N GLY A 139 21.89 28.80 16.12
CA GLY A 139 21.59 27.58 16.86
C GLY A 139 22.77 26.95 17.58
N ASP A 140 23.87 27.67 17.67
CA ASP A 140 25.01 27.18 18.45
C ASP A 140 24.88 27.58 19.91
N PHE A 141 24.01 26.90 20.65
CA PHE A 141 23.75 27.28 22.04
C PHE A 141 24.86 26.84 23.00
N LYS A 142 25.67 25.87 22.58
CA LYS A 142 26.83 25.47 23.37
C LYS A 142 27.80 26.64 23.54
N ASN A 143 28.02 27.39 22.45
CA ASN A 143 28.93 28.53 22.49
C ASN A 143 28.27 29.82 22.98
N ALA A 144 26.97 29.95 22.74
CA ALA A 144 26.21 31.06 23.28
C ALA A 144 26.24 31.04 24.81
N LEU A 145 26.23 29.85 25.41
CA LEU A 145 26.30 29.71 26.87
C LEU A 145 27.58 30.33 27.40
N VAL A 146 28.71 29.96 26.80
CA VAL A 146 30.01 30.57 27.12
C VAL A 146 30.00 32.09 26.99
N SER A 147 29.43 32.58 25.88
CA SER A 147 29.34 34.02 25.65
C SER A 147 28.50 34.68 26.73
N ARG A 148 27.36 34.08 27.04
CA ARG A 148 26.43 34.61 28.03
C ARG A 148 27.09 34.70 29.40
N LYS A 149 27.85 33.66 29.75
CA LYS A 149 28.58 33.63 31.02
C LYS A 149 29.64 34.73 31.08
N LYS A 150 30.37 34.91 29.98
CA LYS A 150 31.40 35.95 29.90
C LYS A 150 30.81 37.37 30.04
N TYR A 151 29.69 37.59 29.38
CA TYR A 151 29.05 38.90 29.36
C TYR A 151 28.46 39.22 30.74
N TRP A 152 27.86 38.19 31.32
CA TRP A 152 27.31 38.24 32.66
C TRP A 152 28.38 38.72 33.66
N GLU A 153 29.57 38.13 33.58
CA GLU A 153 30.65 38.48 34.49
C GLU A 153 31.08 39.95 34.41
N ALA A 154 30.89 40.57 33.25
CA ALA A 154 31.37 41.95 33.07
C ALA A 154 30.26 42.97 33.31
N PHE A 155 29.01 42.52 33.28
CA PHE A 155 27.89 43.42 33.49
C PHE A 155 26.87 42.80 34.43
N LEU A 156 27.28 42.65 35.68
CA LEU A 156 26.49 41.97 36.68
C LEU A 156 25.23 42.72 37.08
N GLY A 157 25.24 44.04 36.89
CA GLY A 157 24.18 44.90 37.40
C GLY A 157 22.87 44.96 36.63
N TYR A 158 22.73 44.14 35.60
CA TYR A 158 21.51 44.13 34.79
C TYR A 158 20.87 42.76 34.83
N ARG A 159 19.63 42.69 35.30
CA ARG A 159 18.93 41.42 35.42
C ARG A 159 18.86 40.68 34.08
N ALA A 160 18.76 41.44 32.99
CA ALA A 160 18.73 40.86 31.63
C ALA A 160 19.83 39.81 31.45
N ASN A 161 21.04 40.10 31.93
CA ASN A 161 22.16 39.20 31.72
C ASN A 161 22.11 37.97 32.61
N TRP A 162 21.34 38.05 33.69
CA TRP A 162 21.10 36.88 34.54
C TRP A 162 20.09 35.97 33.86
N THR A 163 19.01 36.57 33.38
CA THR A 163 17.96 35.82 32.74
C THR A 163 18.49 35.12 31.48
N SER A 164 19.32 35.83 30.73
CA SER A 164 19.79 35.30 29.47
C SER A 164 20.79 34.17 29.73
N LEU A 165 21.55 34.28 30.82
CA LEU A 165 22.44 33.21 31.22
C LEU A 165 21.62 31.99 31.62
N ALA A 166 20.59 32.20 32.44
CA ALA A 166 19.73 31.10 32.84
C ALA A 166 19.10 30.42 31.62
N VAL A 167 18.64 31.21 30.66
CA VAL A 167 18.03 30.67 29.44
C VAL A 167 19.03 29.80 28.67
N ALA A 168 20.27 30.25 28.58
CA ALA A 168 21.30 29.48 27.89
C ALA A 168 21.62 28.18 28.62
N GLN A 169 21.61 28.22 29.95
CA GLN A 169 21.87 27.03 30.74
C GLN A 169 20.70 26.07 30.54
N ASP A 170 19.49 26.61 30.59
CA ASP A 170 18.29 25.81 30.39
C ASP A 170 18.31 25.10 29.03
N VAL A 171 18.68 25.82 27.99
CA VAL A 171 18.69 25.26 26.64
C VAL A 171 19.78 24.19 26.46
N ASN A 172 20.86 24.33 27.23
CA ASN A 172 21.94 23.36 27.16
C ASN A 172 21.72 22.14 28.07
N GLY A 173 20.55 22.08 28.69
CA GLY A 173 20.20 20.97 29.55
C GLY A 173 20.69 21.10 30.99
N GLU A 174 21.25 22.26 31.31
CA GLU A 174 21.73 22.53 32.66
C GLU A 174 20.61 23.18 33.47
N ARG A 175 19.57 22.38 33.76
CA ARG A 175 18.36 22.92 34.37
C ARG A 175 18.57 23.42 35.80
N GLN A 176 19.32 22.67 36.60
CA GLN A 176 19.58 23.05 37.98
C GLN A 176 20.40 24.34 38.05
N GLN A 177 21.43 24.42 37.22
CA GLN A 177 22.21 25.64 37.09
C GLN A 177 21.32 26.82 36.67
N ALA A 178 20.41 26.59 35.73
CA ALA A 178 19.51 27.65 35.29
C ALA A 178 18.63 28.07 36.47
N ILE A 179 18.13 27.08 37.18
CA ILE A 179 17.33 27.34 38.37
C ILE A 179 18.11 28.15 39.41
N ASN A 180 19.33 27.73 39.70
CA ASN A 180 20.13 28.45 40.68
C ASN A 180 20.38 29.88 40.24
N THR A 181 20.70 30.08 38.95
CA THR A 181 20.92 31.43 38.44
C THR A 181 19.71 32.32 38.70
N LEU A 182 18.53 31.80 38.42
CA LEU A 182 17.29 32.55 38.59
C LEU A 182 16.99 32.79 40.07
N SER A 183 17.24 31.78 40.91
CA SER A 183 17.00 31.87 42.35
C SER A 183 17.91 32.88 43.03
N GLN A 184 19.16 32.97 42.58
CA GLN A 184 20.09 33.93 43.15
C GLN A 184 19.64 35.37 42.91
N PHE A 185 19.17 35.66 41.69
CA PHE A 185 18.68 37.01 41.43
C PHE A 185 17.40 37.28 42.22
N GLU A 186 16.51 36.29 42.26
CA GLU A 186 15.30 36.31 43.07
C GLU A 186 15.55 36.80 44.49
N LYS A 187 16.60 36.25 45.11
CA LYS A 187 16.99 36.61 46.46
C LYS A 187 17.48 38.06 46.52
N LEU A 188 18.22 38.48 45.50
CA LEU A 188 18.73 39.84 45.40
C LEU A 188 17.63 40.86 45.23
N ALA A 189 16.45 40.40 44.86
CA ALA A 189 15.36 41.29 44.49
C ALA A 189 14.16 41.08 45.39
N GLU A 190 14.43 40.90 46.68
CA GLU A 190 13.35 40.80 47.66
C GLU A 190 12.97 42.20 48.08
N GLY A 191 13.99 43.03 48.28
CA GLY A 191 13.84 44.45 48.54
C GLY A 191 12.79 45.02 47.60
N LYS A 192 11.61 45.26 48.17
CA LYS A 192 10.35 45.48 47.44
C LYS A 192 10.54 46.04 46.04
N ILE A 193 10.66 45.12 45.08
CA ILE A 193 10.82 45.44 43.66
C ILE A 193 9.89 46.58 43.22
N SER A 194 10.45 47.54 42.49
CA SER A 194 9.69 48.71 42.07
C SER A 194 8.63 48.31 41.04
N ASP A 195 7.66 49.17 40.87
CA ASP A 195 6.50 48.86 40.03
C ASP A 195 6.91 48.60 38.60
N SER A 196 7.95 49.28 38.14
CA SER A 196 8.41 49.09 36.76
C SER A 196 9.26 47.82 36.62
N GLU A 197 9.53 47.14 37.73
CA GLU A 197 10.30 45.90 37.66
C GLU A 197 9.45 44.67 37.99
N LYS A 198 8.20 44.90 38.38
CA LYS A 198 7.34 43.82 38.84
C LYS A 198 6.94 42.85 37.74
N TYR A 199 6.70 43.37 36.53
CA TYR A 199 6.30 42.51 35.43
C TYR A 199 7.40 41.47 35.12
N GLU A 200 8.61 41.96 34.88
CA GLU A 200 9.77 41.10 34.62
C GLU A 200 9.99 40.06 35.72
N HIS A 201 9.78 40.48 36.96
CA HIS A 201 9.96 39.61 38.12
C HIS A 201 8.93 38.47 38.11
N SER A 202 7.69 38.82 37.80
CA SER A 202 6.62 37.81 37.64
C SER A 202 7.00 36.78 36.55
N GLU A 203 7.51 37.27 35.43
CA GLU A 203 7.92 36.40 34.33
C GLU A 203 9.07 35.44 34.68
N CYS A 204 10.06 35.93 35.42
CA CYS A 204 11.17 35.08 35.83
C CYS A 204 10.76 34.05 36.89
N LEU A 205 9.85 34.42 37.79
CA LEU A 205 9.30 33.46 38.74
C LEU A 205 8.59 32.32 38.01
N MET A 206 7.74 32.64 37.04
CA MET A 206 7.05 31.62 36.27
C MET A 206 8.01 30.81 35.42
N TYR A 207 9.01 31.46 34.85
CA TYR A 207 9.98 30.77 34.03
C TYR A 207 10.71 29.74 34.89
N LYS A 208 11.08 30.14 36.10
CA LYS A 208 11.74 29.22 37.00
C LYS A 208 10.85 28.00 37.26
N ASN A 209 9.57 28.24 37.48
CA ASN A 209 8.64 27.14 37.70
C ASN A 209 8.58 26.21 36.49
N ASP A 210 8.59 26.78 35.29
CA ASP A 210 8.66 25.98 34.05
C ASP A 210 9.81 24.98 34.13
N ILE A 211 10.99 25.46 34.51
CA ILE A 211 12.17 24.60 34.48
C ILE A 211 12.04 23.54 35.57
N MET A 212 11.55 23.92 36.76
CA MET A 212 11.33 22.94 37.84
C MET A 212 10.26 21.94 37.44
N TYR A 213 9.25 22.40 36.69
CA TYR A 213 8.15 21.53 36.27
C TYR A 213 8.66 20.43 35.32
N LYS A 214 9.40 20.82 34.29
CA LYS A 214 10.05 19.89 33.37
C LYS A 214 10.91 18.87 34.09
N ALA A 215 11.76 19.36 35.00
CA ALA A 215 12.71 18.52 35.72
C ALA A 215 12.00 17.51 36.61
N ALA A 216 10.79 17.87 37.06
CA ALA A 216 10.00 17.03 37.94
C ALA A 216 9.49 15.78 37.23
N SER A 217 9.24 15.89 35.94
CA SER A 217 8.65 14.81 35.16
C SER A 217 7.41 14.23 35.87
N ASP A 218 7.42 12.92 36.14
CA ASP A 218 6.27 12.25 36.77
C ASP A 218 6.52 11.97 38.25
N ASN A 219 7.69 12.36 38.75
CA ASN A 219 8.03 12.17 40.15
C ASN A 219 7.09 12.94 41.08
N GLN A 220 6.42 12.22 41.96
CA GLN A 220 5.38 12.78 42.81
C GLN A 220 5.92 13.77 43.84
N ASP A 221 7.03 13.42 44.48
CA ASP A 221 7.65 14.29 45.47
C ASP A 221 8.11 15.59 44.81
N LYS A 222 8.69 15.45 43.62
CA LYS A 222 9.20 16.60 42.91
C LYS A 222 8.05 17.48 42.47
N LEU A 223 6.97 16.85 42.02
CA LEU A 223 5.78 17.60 41.59
C LEU A 223 5.16 18.35 42.76
N GLN A 224 5.19 17.74 43.93
CA GLN A 224 4.56 18.36 45.09
C GLN A 224 5.36 19.61 45.46
N ASN A 225 6.66 19.58 45.16
CA ASN A 225 7.52 20.71 45.47
C ASN A 225 7.34 21.84 44.45
N VAL A 226 7.19 21.46 43.18
CA VAL A 226 6.87 22.44 42.14
C VAL A 226 5.57 23.17 42.46
N LEU A 227 4.62 22.46 43.05
CA LEU A 227 3.32 23.01 43.41
C LEU A 227 3.41 23.99 44.60
N LYS A 228 4.17 23.62 45.63
CA LYS A 228 4.41 24.53 46.75
C LYS A 228 5.10 25.79 46.26
N HIS A 229 6.11 25.64 45.40
CA HIS A 229 6.76 26.79 44.79
C HIS A 229 5.74 27.65 44.03
N LEU A 230 4.87 26.98 43.28
CA LEU A 230 3.87 27.68 42.49
C LEU A 230 2.96 28.49 43.40
N ASN A 231 2.56 27.88 44.51
CA ASN A 231 1.70 28.54 45.48
C ASN A 231 2.39 29.70 46.20
N ASP A 232 3.68 29.53 46.48
CA ASP A 232 4.43 30.61 47.10
C ASP A 232 4.54 31.83 46.20
N ILE A 233 4.78 31.63 44.90
CA ILE A 233 5.05 32.76 44.00
C ILE A 233 3.78 33.46 43.47
N GLU A 234 2.62 32.85 43.70
CA GLU A 234 1.36 33.28 43.11
C GLU A 234 1.04 34.78 43.29
N PRO A 235 1.20 35.31 44.51
CA PRO A 235 0.91 36.73 44.72
C PRO A 235 1.80 37.68 43.89
N CYS A 236 2.95 37.20 43.44
CA CYS A 236 3.89 38.00 42.67
C CYS A 236 3.88 37.64 41.19
N VAL A 237 2.99 36.73 40.81
CA VAL A 237 2.85 36.30 39.44
C VAL A 237 1.55 36.87 38.87
N PHE A 238 1.66 37.62 37.77
CA PHE A 238 0.49 38.28 37.21
C PHE A 238 -0.09 37.54 36.01
N ASP A 239 0.68 36.59 35.49
CA ASP A 239 0.20 35.66 34.47
C ASP A 239 -0.68 34.60 35.13
N LYS A 240 -1.88 34.99 35.56
CA LYS A 240 -2.76 34.07 36.23
C LYS A 240 -3.24 32.92 35.35
N PHE A 241 -3.57 33.19 34.08
CA PHE A 241 -3.94 32.10 33.19
C PHE A 241 -2.82 31.06 33.21
N GLY A 242 -1.58 31.55 33.00
CA GLY A 242 -0.42 30.67 32.95
C GLY A 242 -0.28 29.87 34.24
N LEU A 243 -0.42 30.55 35.37
CA LEU A 243 -0.25 29.89 36.66
C LEU A 243 -1.34 28.88 36.93
N LEU A 244 -2.60 29.21 36.64
CA LEU A 244 -3.69 28.28 36.88
C LEU A 244 -3.61 27.05 35.99
N GLU A 245 -3.28 27.25 34.72
CA GLU A 245 -3.11 26.12 33.81
C GLU A 245 -2.00 25.18 34.28
N ARG A 246 -0.90 25.76 34.77
CA ARG A 246 0.19 24.98 35.34
C ARG A 246 -0.28 24.25 36.61
N LYS A 247 -1.09 24.93 37.42
CA LYS A 247 -1.53 24.37 38.68
C LYS A 247 -2.40 23.14 38.46
N ALA A 248 -3.33 23.25 37.50
CA ALA A 248 -4.24 22.16 37.16
C ALA A 248 -3.49 20.95 36.60
N THR A 249 -2.51 21.22 35.76
CA THR A 249 -1.72 20.15 35.16
C THR A 249 -0.96 19.36 36.24
N ILE A 250 -0.31 20.07 37.14
CA ILE A 250 0.35 19.45 38.29
C ILE A 250 -0.65 18.63 39.11
N TYR A 251 -1.80 19.22 39.41
CA TYR A 251 -2.84 18.54 40.18
C TYR A 251 -3.20 17.23 39.53
N MET A 252 -3.44 17.25 38.22
CA MET A 252 -3.75 16.02 37.47
C MET A 252 -2.63 14.99 37.62
N LYS A 253 -1.39 15.43 37.49
CA LYS A 253 -0.26 14.49 37.55
C LYS A 253 -0.06 13.93 38.94
N LEU A 254 -0.59 14.63 39.94
CA LEU A 254 -0.55 14.15 41.32
C LEU A 254 -1.76 13.25 41.63
N GLY A 255 -2.65 13.06 40.66
CA GLY A 255 -3.85 12.28 40.90
C GLY A 255 -4.86 13.03 41.76
N GLN A 256 -4.66 14.33 41.91
CA GLN A 256 -5.56 15.17 42.71
C GLN A 256 -6.63 15.78 41.82
N LEU A 257 -7.59 14.94 41.42
CA LEU A 257 -8.51 15.33 40.35
C LEU A 257 -9.56 16.36 40.79
N LYS A 258 -10.01 16.28 42.05
CA LYS A 258 -10.99 17.23 42.54
C LYS A 258 -10.38 18.64 42.56
N ASP A 259 -9.13 18.73 43.01
CA ASP A 259 -8.39 20.02 42.98
C ASP A 259 -8.26 20.54 41.57
N ALA A 260 -7.93 19.67 40.63
CA ALA A 260 -7.82 20.06 39.23
C ALA A 260 -9.14 20.61 38.71
N SER A 261 -10.22 19.92 39.02
CA SER A 261 -11.54 20.31 38.53
C SER A 261 -11.90 21.70 39.03
N ILE A 262 -11.49 22.02 40.25
CA ILE A 262 -11.72 23.36 40.80
C ILE A 262 -10.96 24.41 39.97
N VAL A 263 -9.73 24.10 39.61
CA VAL A 263 -8.96 25.00 38.77
C VAL A 263 -9.56 25.11 37.37
N TYR A 264 -9.96 23.97 36.80
CA TYR A 264 -10.56 24.03 35.46
C TYR A 264 -11.83 24.86 35.49
N ARG A 265 -12.60 24.74 36.56
CA ARG A 265 -13.82 25.55 36.72
C ARG A 265 -13.46 27.03 36.84
N THR A 266 -12.31 27.31 37.43
CA THR A 266 -11.82 28.67 37.56
C THR A 266 -11.35 29.23 36.20
N LEU A 267 -10.64 28.41 35.44
CA LEU A 267 -10.24 28.78 34.10
C LEU A 267 -11.46 29.03 33.21
N ILE A 268 -12.46 28.14 33.29
CA ILE A 268 -13.68 28.29 32.49
C ILE A 268 -14.37 29.61 32.84
N LYS A 269 -14.48 29.92 34.13
CA LYS A 269 -15.14 31.16 34.51
C LYS A 269 -14.38 32.41 34.00
N ARG A 270 -13.06 32.29 33.85
CA ARG A 270 -12.22 33.37 33.32
C ARG A 270 -12.34 33.49 31.80
N ASN A 271 -12.60 32.38 31.14
CA ASN A 271 -12.83 32.37 29.70
C ASN A 271 -13.75 31.23 29.31
N PRO A 272 -15.07 31.46 29.41
CA PRO A 272 -16.01 30.35 29.19
C PRO A 272 -16.17 30.02 27.72
N ASP A 273 -15.39 30.69 26.88
CA ASP A 273 -15.45 30.46 25.44
C ASP A 273 -14.28 29.60 24.96
N ASN A 274 -13.49 29.09 25.89
CA ASN A 274 -12.35 28.26 25.51
C ASN A 274 -12.73 26.77 25.64
N PHE A 275 -12.95 26.08 24.52
CA PHE A 275 -13.35 24.67 24.51
C PHE A 275 -12.43 23.80 25.32
N LYS A 276 -11.14 24.15 25.33
CA LYS A 276 -10.15 23.25 25.90
C LYS A 276 -10.35 23.06 27.40
N TYR A 277 -10.79 24.10 28.08
CA TYR A 277 -10.95 23.99 29.54
C TYR A 277 -12.09 23.02 29.87
N TYR A 278 -13.09 22.97 28.98
CA TYR A 278 -14.27 22.13 29.23
C TYR A 278 -13.92 20.67 29.09
N LYS A 279 -13.13 20.34 28.08
CA LYS A 279 -12.70 18.96 27.89
C LYS A 279 -11.80 18.48 29.05
N LEU A 280 -10.93 19.37 29.55
CA LEU A 280 -10.06 18.99 30.67
C LEU A 280 -10.86 18.85 31.98
N LEU A 281 -11.89 19.68 32.13
CA LEU A 281 -12.81 19.56 33.23
C LEU A 281 -13.46 18.18 33.28
N GLU A 282 -13.92 17.69 32.12
CA GLU A 282 -14.55 16.36 32.03
C GLU A 282 -13.64 15.27 32.56
N VAL A 283 -12.39 15.28 32.16
CA VAL A 283 -11.43 14.31 32.63
C VAL A 283 -11.19 14.43 34.13
N SER A 284 -11.12 15.66 34.64
CA SER A 284 -10.89 15.82 36.07
C SER A 284 -12.09 15.33 36.89
N LEU A 285 -13.29 15.37 36.30
CA LEU A 285 -14.50 14.91 36.97
C LEU A 285 -14.72 13.42 36.76
N GLY A 286 -13.94 12.86 35.87
CA GLY A 286 -13.99 11.42 35.62
C GLY A 286 -15.25 10.95 34.92
N ILE A 287 -15.89 11.85 34.18
CA ILE A 287 -17.16 11.53 33.52
C ILE A 287 -17.02 11.58 31.99
N GLN A 288 -15.79 11.39 31.49
CA GLN A 288 -15.52 11.63 30.07
C GLN A 288 -16.29 10.65 29.19
N GLY A 289 -16.63 9.48 29.73
CA GLY A 289 -17.43 8.55 28.96
C GLY A 289 -18.89 8.45 29.38
N ASP A 290 -19.29 9.31 30.30
CA ASP A 290 -20.62 9.20 30.88
C ASP A 290 -21.59 10.22 30.26
N ASN A 291 -22.48 9.73 29.40
CA ASN A 291 -23.39 10.62 28.69
C ASN A 291 -24.42 11.31 29.58
N LYS A 292 -24.93 10.58 30.57
CA LYS A 292 -25.95 11.13 31.44
C LYS A 292 -25.35 12.24 32.30
N LEU A 293 -24.16 11.99 32.83
CA LEU A 293 -23.53 12.99 33.68
C LEU A 293 -22.97 14.16 32.87
N LYS A 294 -22.43 13.88 31.68
CA LYS A 294 -21.96 14.95 30.81
C LYS A 294 -23.12 15.85 30.43
N LYS A 295 -24.28 15.23 30.19
CA LYS A 295 -25.46 15.99 29.84
C LYS A 295 -25.84 16.98 30.94
N ALA A 296 -25.80 16.49 32.17
CA ALA A 296 -26.20 17.29 33.33
C ALA A 296 -25.16 18.38 33.58
N LEU A 297 -23.90 18.01 33.46
CA LEU A 297 -22.80 18.97 33.60
C LEU A 297 -22.98 20.16 32.64
N TYR A 298 -23.09 19.87 31.35
CA TYR A 298 -23.21 20.94 30.37
C TYR A 298 -24.53 21.71 30.53
N GLY A 299 -25.59 21.04 30.93
CA GLY A 299 -26.83 21.76 31.23
C GLY A 299 -26.61 22.82 32.33
N LYS A 300 -25.88 22.44 33.36
CA LYS A 300 -25.54 23.37 34.45
C LYS A 300 -24.61 24.48 33.92
N LEU A 301 -23.60 24.11 33.15
CA LEU A 301 -22.63 25.10 32.66
C LEU A 301 -23.31 26.08 31.70
N GLU A 302 -24.34 25.61 31.01
CA GLU A 302 -25.12 26.47 30.14
C GLU A 302 -25.88 27.54 30.93
N GLN A 303 -26.27 27.22 32.16
CA GLN A 303 -26.91 28.24 33.01
C GLN A 303 -25.90 29.26 33.56
N PHE A 304 -24.66 28.85 33.81
CA PHE A 304 -23.60 29.80 34.20
C PHE A 304 -23.21 30.69 33.02
N TYR A 305 -23.15 30.08 31.84
CA TYR A 305 -22.55 30.68 30.65
C TYR A 305 -23.47 30.56 29.43
N PRO A 306 -24.64 31.22 29.46
CA PRO A 306 -25.64 31.02 28.41
C PRO A 306 -25.27 31.64 27.06
N ARG A 307 -24.23 32.47 27.02
CA ARG A 307 -23.89 33.14 25.78
C ARG A 307 -22.76 32.42 25.05
N CYS A 308 -22.28 31.32 25.63
CA CYS A 308 -21.08 30.68 25.15
C CYS A 308 -21.39 29.37 24.44
N GLU A 309 -20.54 29.02 23.49
CA GLU A 309 -20.79 27.90 22.61
C GLU A 309 -20.52 26.49 23.18
N PRO A 310 -19.46 26.33 24.00
CA PRO A 310 -19.09 24.98 24.44
C PRO A 310 -20.21 24.21 25.18
N PRO A 311 -20.91 24.85 26.14
CA PRO A 311 -22.02 24.12 26.77
C PRO A 311 -23.17 23.81 25.81
N LYS A 312 -23.34 24.61 24.76
CA LYS A 312 -24.40 24.35 23.78
C LYS A 312 -23.96 23.36 22.73
N PHE A 313 -22.67 23.42 22.39
CA PHE A 313 -22.17 22.65 21.27
C PHE A 313 -21.67 21.27 21.69
N ILE A 314 -21.05 21.14 22.86
CA ILE A 314 -20.41 19.85 23.16
C ILE A 314 -21.43 18.70 23.30
N PRO A 315 -22.61 18.98 23.89
CA PRO A 315 -23.62 17.89 23.94
C PRO A 315 -24.02 17.41 22.53
N LEU A 316 -23.88 18.28 21.52
CA LEU A 316 -24.24 17.90 20.16
C LEU A 316 -23.34 16.79 19.66
N THR A 317 -22.13 16.70 20.23
CA THR A 317 -21.18 15.69 19.77
C THR A 317 -21.45 14.32 20.42
N PHE A 318 -22.20 14.26 21.51
CA PHE A 318 -22.37 12.94 22.13
C PHE A 318 -23.81 12.48 22.39
N LEU A 319 -24.80 13.38 22.35
CA LEU A 319 -26.16 12.95 22.67
C LEU A 319 -26.67 11.90 21.68
N GLN A 320 -27.41 10.92 22.18
CA GLN A 320 -27.94 9.87 21.33
C GLN A 320 -29.46 9.87 21.20
N ASP A 321 -30.14 10.25 22.27
CA ASP A 321 -31.61 10.36 22.22
C ASP A 321 -32.01 11.35 21.14
N LYS A 322 -32.84 10.88 20.21
CA LYS A 322 -33.23 11.68 19.07
C LYS A 322 -33.91 12.98 19.46
N GLU A 323 -34.84 12.92 20.41
CA GLU A 323 -35.60 14.11 20.79
C GLU A 323 -34.73 15.13 21.52
N GLU A 324 -33.88 14.64 22.42
CA GLU A 324 -33.00 15.52 23.17
C GLU A 324 -31.98 16.18 22.23
N LEU A 325 -31.39 15.39 21.33
CA LEU A 325 -30.45 15.95 20.36
C LEU A 325 -31.12 16.98 19.44
N SER A 326 -32.33 16.65 18.95
CA SER A 326 -33.09 17.60 18.13
C SER A 326 -33.30 18.91 18.84
N LYS A 327 -33.65 18.81 20.11
CA LYS A 327 -33.87 20.02 20.91
C LYS A 327 -32.59 20.86 21.05
N LYS A 328 -31.48 20.21 21.40
CA LYS A 328 -30.23 20.95 21.54
C LYS A 328 -29.76 21.50 20.19
N LEU A 329 -30.00 20.75 19.12
CA LEU A 329 -29.68 21.26 17.78
C LEU A 329 -30.53 22.49 17.44
N ARG A 330 -31.82 22.42 17.73
CA ARG A 330 -32.69 23.57 17.52
C ARG A 330 -32.21 24.79 18.33
N GLU A 331 -31.86 24.57 19.59
CA GLU A 331 -31.42 25.66 20.46
C GLU A 331 -30.11 26.26 19.99
N TYR A 332 -29.29 25.46 19.35
CA TYR A 332 -28.00 25.94 18.88
C TYR A 332 -28.13 26.70 17.57
N VAL A 333 -28.78 26.06 16.60
CA VAL A 333 -28.84 26.57 15.23
C VAL A 333 -29.87 27.71 14.98
N LEU A 334 -31.11 27.55 15.43
CA LEU A 334 -32.16 28.51 15.08
C LEU A 334 -31.90 29.97 15.53
N PRO A 335 -31.33 30.18 16.74
CA PRO A 335 -31.04 31.58 17.11
C PRO A 335 -30.00 32.22 16.18
N GLN A 336 -29.05 31.43 15.69
CA GLN A 336 -28.09 31.92 14.71
C GLN A 336 -28.75 32.29 13.36
N LEU A 337 -29.68 31.46 12.90
CA LEU A 337 -30.39 31.75 11.66
C LEU A 337 -31.24 33.03 11.80
N GLU A 338 -31.96 33.14 12.91
CA GLU A 338 -32.82 34.27 13.17
C GLU A 338 -32.04 35.61 13.24
N ARG A 339 -30.81 35.56 13.75
CA ARG A 339 -29.86 36.69 13.75
C ARG A 339 -29.23 36.95 12.38
N GLY A 340 -29.36 35.99 11.46
CA GLY A 340 -28.73 36.08 10.16
C GLY A 340 -27.23 35.87 10.20
N VAL A 341 -26.78 34.83 10.89
CA VAL A 341 -25.35 34.56 11.02
C VAL A 341 -24.90 33.77 9.79
N PRO A 342 -24.01 34.37 8.97
CA PRO A 342 -23.49 33.68 7.77
C PRO A 342 -22.77 32.39 8.08
N ALA A 343 -22.19 32.32 9.28
CA ALA A 343 -21.34 31.19 9.67
C ALA A 343 -22.11 30.02 10.27
N THR A 344 -23.43 30.13 10.31
CA THR A 344 -24.24 29.10 10.98
C THR A 344 -23.89 27.70 10.48
N PHE A 345 -23.86 27.51 9.17
CA PHE A 345 -23.58 26.19 8.70
C PHE A 345 -22.15 25.78 9.06
N SER A 346 -21.19 26.68 8.86
CA SER A 346 -19.80 26.41 9.21
C SER A 346 -19.64 26.03 10.67
N ASN A 347 -20.45 26.63 11.54
CA ASN A 347 -20.41 26.33 12.96
C ASN A 347 -20.85 24.88 13.30
N VAL A 348 -21.78 24.31 12.53
CA VAL A 348 -22.21 22.93 12.78
C VAL A 348 -21.60 21.90 11.81
N LYS A 349 -20.79 22.36 10.86
CA LYS A 349 -20.17 21.48 9.89
C LYS A 349 -19.39 20.32 10.53
N PRO A 350 -18.67 20.60 11.64
CA PRO A 350 -17.94 19.49 12.26
C PRO A 350 -18.87 18.35 12.72
N LEU A 351 -20.15 18.66 12.94
CA LEU A 351 -21.16 17.66 13.29
C LEU A 351 -21.58 16.87 12.06
N TYR A 352 -21.69 17.56 10.93
CA TYR A 352 -21.97 16.87 9.67
C TYR A 352 -20.81 15.94 9.34
N GLN A 353 -19.59 16.39 9.65
CA GLN A 353 -18.38 15.66 9.29
C GLN A 353 -18.23 14.42 10.15
N ARG A 354 -18.46 14.56 11.45
CA ARG A 354 -18.27 13.46 12.39
C ARG A 354 -19.56 12.67 12.72
N ARG A 355 -20.75 13.26 12.52
CA ARG A 355 -21.99 12.51 12.80
C ARG A 355 -23.03 12.64 11.69
N LYS A 356 -22.57 12.50 10.43
CA LYS A 356 -23.38 12.85 9.25
C LYS A 356 -24.77 12.22 9.28
N SER A 357 -24.81 10.90 9.29
CA SER A 357 -26.06 10.17 9.17
C SER A 357 -27.06 10.47 10.29
N LYS A 358 -26.57 10.84 11.46
CA LYS A 358 -27.46 11.12 12.57
C LYS A 358 -27.96 12.55 12.58
N VAL A 359 -27.05 13.49 12.38
CA VAL A 359 -27.39 14.89 12.51
C VAL A 359 -28.03 15.52 11.25
N SER A 360 -27.68 15.02 10.07
CA SER A 360 -28.17 15.57 8.80
C SER A 360 -29.70 15.61 8.72
N PRO A 361 -30.35 14.45 8.93
CA PRO A 361 -31.81 14.33 8.90
C PRO A 361 -32.46 15.20 9.95
N LEU A 362 -31.87 15.29 11.13
CA LEU A 362 -32.43 16.11 12.20
C LEU A 362 -32.38 17.61 11.82
N LEU A 363 -31.24 18.08 11.34
CA LEU A 363 -31.10 19.49 10.98
C LEU A 363 -31.89 19.84 9.73
N GLU A 364 -31.96 18.91 8.78
CA GLU A 364 -32.77 19.14 7.59
C GLU A 364 -34.22 19.43 7.98
N LYS A 365 -34.76 18.60 8.85
CA LYS A 365 -36.13 18.77 9.32
C LYS A 365 -36.26 20.06 10.13
N ILE A 366 -35.32 20.26 11.05
CA ILE A 366 -35.35 21.45 11.89
C ILE A 366 -35.32 22.75 11.07
N VAL A 367 -34.46 22.80 10.05
CA VAL A 367 -34.29 24.07 9.35
C VAL A 367 -35.34 24.24 8.25
N LEU A 368 -35.84 23.15 7.68
CA LEU A 368 -36.94 23.25 6.71
C LEU A 368 -38.22 23.72 7.40
N ASP A 369 -38.50 23.17 8.57
CA ASP A 369 -39.62 23.60 9.42
C ASP A 369 -39.51 25.09 9.75
N TYR A 370 -38.33 25.52 10.18
CA TYR A 370 -38.13 26.90 10.54
C TYR A 370 -38.43 27.79 9.34
N LEU A 371 -37.86 27.43 8.19
CA LEU A 371 -38.09 28.17 6.96
C LEU A 371 -39.58 28.29 6.63
N SER A 372 -40.32 27.20 6.82
CA SER A 372 -41.75 27.15 6.48
CA SER A 372 -41.73 27.19 6.41
C SER A 372 -42.54 28.21 7.23
N GLY A 373 -41.99 28.68 8.34
CA GLY A 373 -42.69 29.67 9.14
C GLY A 373 -42.29 31.11 8.85
N LEU A 374 -41.36 31.31 7.92
CA LEU A 374 -40.86 32.66 7.67
C LEU A 374 -41.61 33.35 6.55
N ASP A 375 -41.98 34.60 6.80
CA ASP A 375 -42.50 35.45 5.73
C ASP A 375 -41.30 36.06 5.01
N PRO A 376 -41.17 35.80 3.70
CA PRO A 376 -40.03 36.29 2.88
C PRO A 376 -39.91 37.82 2.84
N THR A 377 -41.02 38.53 2.96
CA THR A 377 -40.98 39.98 2.86
C THR A 377 -40.79 40.65 4.23
N GLN A 378 -41.44 40.11 5.26
CA GLN A 378 -41.38 40.71 6.59
C GLN A 378 -40.38 40.00 7.52
N ASP A 379 -39.85 38.86 7.09
CA ASP A 379 -38.74 38.22 7.79
C ASP A 379 -37.55 38.00 6.86
N PRO A 380 -37.08 39.07 6.20
CA PRO A 380 -36.09 38.92 5.12
C PRO A 380 -34.76 38.32 5.59
N ILE A 381 -34.30 38.71 6.78
CA ILE A 381 -32.99 38.28 7.26
C ILE A 381 -32.95 36.79 7.68
N PRO A 382 -33.90 36.35 8.51
CA PRO A 382 -34.05 34.90 8.71
C PRO A 382 -34.23 34.15 7.39
N PHE A 383 -35.11 34.65 6.53
CA PHE A 383 -35.42 33.99 5.25
C PHE A 383 -34.17 33.76 4.39
N ILE A 384 -33.39 34.81 4.13
CA ILE A 384 -32.27 34.65 3.23
C ILE A 384 -31.14 33.84 3.87
N TRP A 385 -30.94 33.98 5.17
CA TRP A 385 -29.83 33.27 5.78
C TRP A 385 -30.21 31.84 6.13
N THR A 386 -31.50 31.56 6.16
CA THR A 386 -31.99 30.19 6.32
C THR A 386 -31.88 29.46 4.98
N ASN A 387 -32.25 30.14 3.91
CA ASN A 387 -32.02 29.60 2.57
C ASN A 387 -30.54 29.34 2.28
N TYR A 388 -29.69 30.26 2.73
CA TYR A 388 -28.23 30.13 2.62
C TYR A 388 -27.72 28.88 3.37
N TYR A 389 -28.21 28.68 4.59
CA TYR A 389 -27.88 27.45 5.34
C TYR A 389 -28.28 26.20 4.55
N LEU A 390 -29.53 26.14 4.12
CA LEU A 390 -30.06 24.95 3.41
C LEU A 390 -29.31 24.69 2.12
N SER A 391 -28.85 25.75 1.47
CA SER A 391 -28.06 25.58 0.26
C SER A 391 -26.74 24.86 0.59
N GLN A 392 -26.10 25.26 1.69
CA GLN A 392 -24.86 24.63 2.11
C GLN A 392 -25.12 23.20 2.57
N HIS A 393 -26.22 23.02 3.29
CA HIS A 393 -26.65 21.70 3.73
C HIS A 393 -26.73 20.73 2.55
N PHE A 394 -27.48 21.09 1.52
CA PHE A 394 -27.64 20.16 0.39
C PHE A 394 -26.40 20.09 -0.49
N LEU A 395 -25.60 21.15 -0.48
CA LEU A 395 -24.30 21.09 -1.17
C LEU A 395 -23.39 20.08 -0.48
N PHE A 396 -23.29 20.14 0.85
CA PHE A 396 -22.50 19.17 1.61
C PHE A 396 -22.97 17.73 1.36
N LEU A 397 -24.28 17.56 1.23
CA LEU A 397 -24.86 16.23 0.96
C LEU A 397 -24.74 15.84 -0.51
N LYS A 398 -24.12 16.70 -1.31
CA LYS A 398 -23.92 16.46 -2.75
C LYS A 398 -25.23 16.38 -3.54
N ASP A 399 -26.25 17.10 -3.06
CA ASP A 399 -27.48 17.25 -3.84
C ASP A 399 -27.49 18.65 -4.47
N PHE A 400 -26.94 18.76 -5.67
CA PHE A 400 -26.62 20.07 -6.25
C PHE A 400 -27.82 20.87 -6.76
N PRO A 401 -28.77 20.18 -7.41
CA PRO A 401 -30.01 20.86 -7.82
C PRO A 401 -30.74 21.50 -6.64
N LYS A 402 -30.89 20.78 -5.53
CA LYS A 402 -31.53 21.35 -4.36
C LYS A 402 -30.72 22.51 -3.76
N ALA A 403 -29.40 22.36 -3.73
CA ALA A 403 -28.51 23.43 -3.27
C ALA A 403 -28.73 24.70 -4.12
N GLN A 404 -28.89 24.54 -5.43
CA GLN A 404 -29.07 25.69 -6.31
C GLN A 404 -30.40 26.39 -6.07
N GLU A 405 -31.44 25.61 -5.77
CA GLU A 405 -32.76 26.16 -5.52
C GLU A 405 -32.74 27.08 -4.32
N TYR A 406 -32.09 26.64 -3.25
CA TYR A 406 -32.06 27.46 -2.04
C TYR A 406 -31.19 28.69 -2.21
N ILE A 407 -30.04 28.56 -2.88
CA ILE A 407 -29.21 29.75 -3.11
C ILE A 407 -29.93 30.74 -4.05
N ASP A 408 -30.57 30.24 -5.12
CA ASP A 408 -31.38 31.09 -5.98
C ASP A 408 -32.46 31.87 -5.22
N ALA A 409 -33.19 31.20 -4.33
CA ALA A 409 -34.18 31.89 -3.48
C ALA A 409 -33.54 33.04 -2.65
N ALA A 410 -32.37 32.81 -2.07
CA ALA A 410 -31.72 33.88 -1.33
C ALA A 410 -31.28 35.03 -2.26
N LEU A 411 -30.66 34.67 -3.38
CA LEU A 411 -30.25 35.65 -4.38
C LEU A 411 -31.41 36.45 -4.97
N ASP A 412 -32.49 35.76 -5.31
CA ASP A 412 -33.68 36.41 -5.85
C ASP A 412 -34.17 37.49 -4.90
N HIS A 413 -34.16 37.18 -3.61
CA HIS A 413 -34.60 38.11 -2.59
C HIS A 413 -33.61 39.26 -2.41
N THR A 414 -32.34 38.95 -2.24
CA THR A 414 -31.34 39.93 -1.87
C THR A 414 -30.04 39.71 -2.64
N PRO A 415 -29.84 40.44 -3.75
CA PRO A 415 -28.69 40.24 -4.65
C PRO A 415 -27.45 41.06 -4.31
N THR A 416 -27.45 41.73 -3.16
CA THR A 416 -26.32 42.57 -2.79
C THR A 416 -25.27 41.86 -1.93
N LEU A 417 -25.48 40.58 -1.64
CA LEU A 417 -24.57 39.87 -0.74
C LEU A 417 -23.64 38.89 -1.45
N VAL A 418 -22.34 39.22 -1.42
CA VAL A 418 -21.29 38.46 -2.08
C VAL A 418 -21.30 36.96 -1.75
N GLU A 419 -21.52 36.62 -0.48
CA GLU A 419 -21.58 35.23 -0.03
C GLU A 419 -22.43 34.35 -0.97
N PHE A 420 -23.54 34.89 -1.46
CA PHE A 420 -24.49 34.12 -2.23
C PHE A 420 -23.94 33.80 -3.63
N TYR A 421 -23.24 34.76 -4.22
CA TYR A 421 -22.56 34.52 -5.50
C TYR A 421 -21.43 33.50 -5.40
N ILE A 422 -20.67 33.58 -4.31
CA ILE A 422 -19.59 32.64 -4.08
C ILE A 422 -20.15 31.21 -3.95
N LEU A 423 -21.17 31.04 -3.10
CA LEU A 423 -21.79 29.72 -2.94
C LEU A 423 -22.45 29.22 -4.22
N LYS A 424 -23.17 30.10 -4.92
CA LYS A 424 -23.85 29.62 -6.11
C LYS A 424 -22.86 29.22 -7.22
N ALA A 425 -21.73 29.91 -7.30
CA ALA A 425 -20.74 29.62 -8.33
C ALA A 425 -20.13 28.24 -8.09
N ARG A 426 -19.86 27.96 -6.82
CA ARG A 426 -19.37 26.65 -6.42
C ARG A 426 -20.38 25.54 -6.75
N ILE A 427 -21.66 25.77 -6.48
CA ILE A 427 -22.70 24.81 -6.82
C ILE A 427 -22.76 24.53 -8.33
N LEU A 428 -22.65 25.58 -9.15
CA LEU A 428 -22.70 25.43 -10.60
C LEU A 428 -21.45 24.71 -11.12
N LYS A 429 -20.31 24.93 -10.46
CA LYS A 429 -19.09 24.22 -10.78
C LYS A 429 -19.33 22.71 -10.67
N HIS A 430 -19.96 22.31 -9.56
CA HIS A 430 -20.27 20.90 -9.29
C HIS A 430 -21.28 20.33 -10.28
N LEU A 431 -22.05 21.20 -10.91
CA LEU A 431 -22.98 20.78 -11.95
C LEU A 431 -22.32 20.78 -13.32
N GLY A 432 -21.02 21.04 -13.35
CA GLY A 432 -20.24 21.05 -14.59
C GLY A 432 -20.48 22.24 -15.51
N LEU A 433 -21.13 23.29 -15.00
CA LEU A 433 -21.42 24.47 -15.79
C LEU A 433 -20.37 25.58 -15.55
N MET A 434 -19.20 25.39 -16.14
CA MET A 434 -17.98 26.16 -15.83
C MET A 434 -18.01 27.63 -16.25
N ASP A 435 -18.65 27.92 -17.38
CA ASP A 435 -18.77 29.29 -17.84
C ASP A 435 -19.79 30.06 -17.01
N THR A 436 -20.91 29.41 -16.69
CA THR A 436 -21.95 30.00 -15.87
C THR A 436 -21.44 30.25 -14.45
N ALA A 437 -20.70 29.28 -13.91
CA ALA A 437 -20.12 29.42 -12.58
C ALA A 437 -19.16 30.60 -12.56
N ALA A 438 -18.35 30.73 -13.60
CA ALA A 438 -17.39 31.83 -13.66
C ALA A 438 -18.14 33.17 -13.81
N GLY A 439 -19.20 33.18 -14.60
CA GLY A 439 -20.03 34.36 -14.78
C GLY A 439 -20.62 34.84 -13.47
N ILE A 440 -21.12 33.91 -12.67
CA ILE A 440 -21.77 34.25 -11.42
C ILE A 440 -20.76 34.83 -10.44
N LEU A 441 -19.61 34.18 -10.34
CA LEU A 441 -18.54 34.64 -9.46
C LEU A 441 -18.09 36.05 -9.88
N GLU A 442 -18.04 36.29 -11.19
CA GLU A 442 -17.66 37.59 -11.72
C GLU A 442 -18.66 38.69 -11.31
N GLU A 443 -19.96 38.38 -11.32
CA GLU A 443 -20.95 39.30 -10.78
C GLU A 443 -20.65 39.59 -9.31
N GLY A 444 -20.35 38.54 -8.55
CA GLY A 444 -19.97 38.71 -7.16
C GLY A 444 -18.76 39.62 -6.98
N ARG A 445 -17.84 39.55 -7.94
CA ARG A 445 -16.59 40.30 -7.88
C ARG A 445 -16.86 41.81 -8.01
N GLN A 446 -17.91 42.19 -8.72
CA GLN A 446 -18.24 43.60 -8.94
C GLN A 446 -18.67 44.27 -7.65
N LEU A 447 -19.08 43.47 -6.66
CA LEU A 447 -19.56 44.01 -5.41
C LEU A 447 -18.40 44.38 -4.50
N ASP A 448 -17.26 43.74 -4.69
CA ASP A 448 -16.04 44.13 -3.98
C ASP A 448 -14.80 43.85 -4.83
N LEU A 449 -14.42 44.85 -5.61
CA LEU A 449 -13.33 44.73 -6.56
C LEU A 449 -11.94 44.66 -5.93
N GLN A 450 -11.83 44.94 -4.64
CA GLN A 450 -10.51 44.89 -4.01
C GLN A 450 -10.34 43.68 -3.12
N ASP A 451 -11.38 42.86 -3.00
CA ASP A 451 -11.25 41.64 -2.21
C ASP A 451 -10.27 40.68 -2.90
N ARG A 452 -9.23 40.27 -2.18
CA ARG A 452 -8.24 39.36 -2.74
C ARG A 452 -8.76 37.93 -2.93
N PHE A 453 -9.54 37.44 -1.99
CA PHE A 453 -10.05 36.09 -2.08
C PHE A 453 -10.91 35.93 -3.34
N ILE A 454 -11.82 36.86 -3.59
CA ILE A 454 -12.72 36.72 -4.74
C ILE A 454 -12.04 37.01 -6.06
N ASN A 455 -11.04 37.89 -6.03
CA ASN A 455 -10.22 38.14 -7.21
C ASN A 455 -9.52 36.86 -7.68
N CYS A 456 -8.86 36.18 -6.74
CA CYS A 456 -8.18 34.90 -7.06
C CYS A 456 -9.15 33.80 -7.49
N LYS A 457 -10.25 33.67 -6.77
CA LYS A 457 -11.18 32.59 -7.05
C LYS A 457 -11.79 32.82 -8.43
N THR A 458 -12.05 34.08 -8.76
CA THR A 458 -12.59 34.40 -10.08
C THR A 458 -11.62 34.05 -11.22
N VAL A 459 -10.35 34.35 -11.03
CA VAL A 459 -9.32 33.93 -11.98
C VAL A 459 -9.33 32.40 -12.19
N LYS A 460 -9.32 31.65 -11.09
CA LYS A 460 -9.32 30.19 -11.17
C LYS A 460 -10.54 29.66 -11.92
N TYR A 461 -11.69 30.26 -11.69
CA TYR A 461 -12.91 29.80 -12.36
C TYR A 461 -12.91 30.10 -13.85
N PHE A 462 -12.45 31.28 -14.26
CA PHE A 462 -12.36 31.54 -15.69
C PHE A 462 -11.34 30.62 -16.36
N LEU A 463 -10.29 30.28 -15.64
CA LEU A 463 -9.30 29.33 -16.17
C LEU A 463 -9.94 27.95 -16.36
N ARG A 464 -10.74 27.50 -15.40
CA ARG A 464 -11.41 26.22 -15.53
C ARG A 464 -12.39 26.26 -16.69
N ALA A 465 -12.96 27.44 -16.95
CA ALA A 465 -13.87 27.60 -18.08
C ALA A 465 -13.10 27.84 -19.37
N ASN A 466 -11.76 27.80 -19.28
CA ASN A 466 -10.89 28.11 -20.41
C ASN A 466 -11.22 29.45 -21.03
N ASN A 467 -11.53 30.43 -20.19
CA ASN A 467 -11.71 31.79 -20.65
C ASN A 467 -10.42 32.57 -20.33
N ILE A 468 -9.45 32.44 -21.23
CA ILE A 468 -8.10 32.96 -21.00
C ILE A 468 -8.07 34.49 -20.83
N ASP A 469 -8.75 35.20 -21.72
CA ASP A 469 -8.69 36.65 -21.71
C ASP A 469 -9.25 37.22 -20.41
N LYS A 470 -10.39 36.71 -19.98
CA LYS A 470 -10.99 37.17 -18.74
C LYS A 470 -10.13 36.83 -17.52
N ALA A 471 -9.44 35.68 -17.56
CA ALA A 471 -8.57 35.30 -16.45
C ALA A 471 -7.41 36.28 -16.32
N VAL A 472 -6.76 36.58 -17.44
CA VAL A 472 -5.66 37.52 -17.48
C VAL A 472 -6.08 38.91 -16.99
N GLU A 473 -7.19 39.41 -17.51
CA GLU A 473 -7.71 40.70 -17.07
C GLU A 473 -7.92 40.77 -15.56
N VAL A 474 -8.62 39.78 -15.00
CA VAL A 474 -8.92 39.82 -13.57
C VAL A 474 -7.66 39.64 -12.74
N ALA A 475 -6.73 38.81 -13.23
CA ALA A 475 -5.50 38.49 -12.49
C ALA A 475 -4.56 39.68 -12.38
N SER A 476 -4.55 40.54 -13.40
CA SER A 476 -3.62 41.68 -13.39
C SER A 476 -4.22 42.97 -12.80
N LEU A 477 -5.40 42.87 -12.21
CA LEU A 477 -6.05 44.07 -11.68
C LEU A 477 -5.18 44.79 -10.65
N PHE A 478 -4.72 44.08 -9.62
CA PHE A 478 -3.97 44.71 -8.53
C PHE A 478 -2.50 45.01 -8.87
N THR A 479 -2.04 44.48 -10.00
CA THR A 479 -0.63 44.62 -10.37
C THR A 479 -0.46 45.35 -11.69
N LYS A 480 -1.45 46.17 -12.03
CA LYS A 480 -1.50 46.82 -13.34
C LYS A 480 -0.19 47.48 -13.72
N ASN A 481 0.46 48.14 -12.77
CA ASN A 481 1.66 48.92 -13.10
C ASN A 481 2.95 48.30 -12.56
N ASP A 482 3.91 48.07 -13.46
CA ASP A 482 5.24 47.58 -13.11
C ASP A 482 5.17 46.32 -12.24
N ASP A 483 4.18 45.46 -12.52
CA ASP A 483 3.96 44.27 -11.69
C ASP A 483 4.06 44.59 -10.19
N SER A 484 3.46 45.69 -9.78
CA SER A 484 3.55 46.15 -8.40
C SER A 484 2.17 46.50 -7.85
N VAL A 485 2.03 46.36 -6.54
CA VAL A 485 0.83 46.82 -5.86
C VAL A 485 1.14 48.15 -5.14
N ASN A 486 0.65 49.24 -5.69
CA ASN A 486 0.77 50.55 -5.03
C ASN A 486 2.23 50.94 -4.76
N GLY A 487 3.07 50.83 -5.79
CA GLY A 487 4.45 51.25 -5.67
C GLY A 487 5.40 50.23 -5.06
N ILE A 488 4.87 49.11 -4.60
CA ILE A 488 5.70 48.08 -3.97
C ILE A 488 5.98 46.91 -4.92
N LYS A 489 7.24 46.83 -5.36
CA LYS A 489 7.76 45.85 -6.35
C LYS A 489 7.72 44.42 -5.85
N ASP A 490 8.03 44.28 -4.57
CA ASP A 490 8.27 43.02 -3.90
C ASP A 490 7.00 42.61 -3.19
N LEU A 491 6.29 41.63 -3.75
CA LEU A 491 4.92 41.42 -3.35
C LEU A 491 4.81 40.90 -1.94
N HIS A 492 5.89 40.30 -1.45
CA HIS A 492 5.85 39.71 -0.11
C HIS A 492 5.81 40.81 0.93
N LEU A 493 6.12 42.04 0.51
CA LEU A 493 6.06 43.19 1.41
C LEU A 493 4.66 43.81 1.48
N VAL A 494 3.73 43.37 0.63
CA VAL A 494 2.40 44.01 0.64
C VAL A 494 1.20 43.05 0.56
N GLU A 495 1.34 41.92 -0.13
CA GLU A 495 0.28 40.91 -0.22
C GLU A 495 0.53 39.74 0.72
N ALA A 496 -0.51 38.99 1.06
CA ALA A 496 -0.31 37.79 1.88
C ALA A 496 0.11 36.61 0.99
N SER A 497 0.66 35.58 1.61
CA SER A 497 1.17 34.44 0.88
C SER A 497 0.13 33.74 0.00
N TRP A 498 -1.14 33.69 0.42
CA TRP A 498 -2.14 32.97 -0.37
C TRP A 498 -2.46 33.66 -1.70
N PHE A 499 -2.57 34.98 -1.69
CA PHE A 499 -2.80 35.71 -2.93
C PHE A 499 -1.67 35.40 -3.91
N ILE A 500 -0.45 35.41 -3.39
CA ILE A 500 0.75 35.23 -4.21
C ILE A 500 0.84 33.80 -4.81
N VAL A 501 0.54 32.78 -4.01
CA VAL A 501 0.65 31.40 -4.52
C VAL A 501 -0.47 31.16 -5.55
N GLU A 502 -1.63 31.78 -5.31
CA GLU A 502 -2.76 31.66 -6.24
C GLU A 502 -2.42 32.29 -7.57
N GLN A 503 -1.72 33.41 -7.53
CA GLN A 503 -1.23 34.06 -8.73
C GLN A 503 -0.19 33.19 -9.42
N ALA A 504 0.73 32.60 -8.64
CA ALA A 504 1.75 31.73 -9.23
C ALA A 504 1.06 30.61 -10.00
N GLU A 505 0.05 29.99 -9.38
CA GLU A 505 -0.68 28.89 -10.02
C GLU A 505 -1.42 29.34 -11.28
N ALA A 506 -2.07 30.49 -11.21
CA ALA A 506 -2.84 31.02 -12.33
C ALA A 506 -1.92 31.32 -13.51
N TYR A 507 -0.78 31.95 -13.24
CA TYR A 507 0.19 32.23 -14.28
C TYR A 507 0.79 30.96 -14.82
N TYR A 508 1.06 30.01 -13.92
CA TYR A 508 1.54 28.71 -14.39
C TYR A 508 0.57 28.08 -15.38
N ARG A 509 -0.72 28.18 -15.08
CA ARG A 509 -1.71 27.60 -15.96
C ARG A 509 -1.83 28.41 -17.26
N LEU A 510 -1.70 29.73 -17.16
CA LEU A 510 -1.72 30.61 -18.33
C LEU A 510 -0.53 30.30 -19.22
N TYR A 511 0.57 29.94 -18.56
CA TYR A 511 1.78 29.57 -19.25
C TYR A 511 1.60 28.28 -20.04
N LEU A 512 1.05 27.24 -19.40
CA LEU A 512 0.78 25.97 -20.10
C LEU A 512 -0.15 26.17 -21.30
N ASP A 513 -1.13 27.05 -21.18
CA ASP A 513 -2.03 27.35 -22.28
C ASP A 513 -1.27 27.89 -23.51
N ARG A 514 -0.39 28.87 -23.28
CA ARG A 514 0.38 29.45 -24.37
C ARG A 514 1.37 28.44 -24.90
N LYS A 515 1.88 27.61 -24.00
CA LYS A 515 2.83 26.57 -24.38
C LYS A 515 2.21 25.63 -25.43
N LYS A 516 0.97 25.23 -25.21
CA LYS A 516 0.26 24.36 -26.15
C LYS A 516 -0.07 25.06 -27.47
N LYS A 517 -0.55 26.31 -27.39
CA LYS A 517 -0.83 27.09 -28.59
C LYS A 517 0.40 27.20 -29.48
N LEU A 518 1.57 27.24 -28.85
CA LEU A 518 2.83 27.30 -29.58
C LEU A 518 3.08 26.00 -30.33
N ASP A 519 2.94 24.88 -29.62
CA ASP A 519 3.09 23.56 -30.23
C ASP A 519 2.22 23.43 -31.48
N ASP A 520 0.98 23.89 -31.37
CA ASP A 520 0.01 23.81 -32.46
C ASP A 520 0.40 24.71 -33.64
N LEU A 521 0.92 25.89 -33.35
CA LEU A 521 1.41 26.80 -34.39
C LEU A 521 2.63 26.25 -35.11
N ALA A 522 3.38 25.40 -34.42
CA ALA A 522 4.55 24.77 -34.99
C ALA A 522 4.18 23.76 -36.08
N SER A 523 2.94 23.27 -36.04
CA SER A 523 2.48 22.24 -36.98
C SER A 523 1.49 22.77 -38.00
N GLN A 535 1.34 36.69 -40.95
CA GLN A 535 0.41 36.51 -39.84
C GLN A 535 0.90 35.44 -38.87
N ILE A 536 1.23 34.26 -39.40
CA ILE A 536 1.56 33.11 -38.55
C ILE A 536 2.87 33.26 -37.79
N ALA A 537 3.91 33.70 -38.48
CA ALA A 537 5.19 33.97 -37.83
C ALA A 537 5.01 35.07 -36.78
N ASN A 538 4.05 35.95 -37.02
CA ASN A 538 3.69 37.00 -36.07
C ASN A 538 2.99 36.40 -34.85
N ASP A 539 2.10 35.44 -35.09
CA ASP A 539 1.37 34.78 -34.02
C ASP A 539 2.31 33.97 -33.13
N ILE A 540 3.19 33.21 -33.77
CA ILE A 540 4.23 32.47 -33.05
C ILE A 540 5.08 33.40 -32.21
N LYS A 541 5.43 34.56 -32.77
CA LYS A 541 6.19 35.57 -32.03
C LYS A 541 5.39 36.12 -30.85
N GLU A 542 4.11 36.37 -31.06
CA GLU A 542 3.25 36.84 -29.97
C GLU A 542 3.17 35.79 -28.87
N ASN A 543 3.04 34.53 -29.27
CA ASN A 543 2.86 33.46 -28.31
C ASN A 543 4.15 33.08 -27.58
N GLN A 544 5.27 33.09 -28.32
CA GLN A 544 6.57 32.80 -27.70
C GLN A 544 6.82 33.81 -26.61
N TRP A 545 6.30 35.00 -26.81
CA TRP A 545 6.53 36.07 -25.88
C TRP A 545 5.61 35.95 -24.65
N LEU A 546 4.37 35.51 -24.87
CA LEU A 546 3.43 35.32 -23.78
C LEU A 546 3.85 34.12 -22.92
N VAL A 547 4.39 33.09 -23.56
CA VAL A 547 4.92 31.94 -22.85
C VAL A 547 6.02 32.34 -21.85
N ARG A 548 6.93 33.22 -22.28
CA ARG A 548 8.00 33.68 -21.40
C ARG A 548 7.42 34.52 -20.27
N LYS A 549 6.56 35.45 -20.62
CA LYS A 549 5.96 36.35 -19.65
C LYS A 549 5.20 35.59 -18.56
N TYR A 550 4.35 34.65 -18.96
CA TYR A 550 3.54 33.94 -17.96
C TYR A 550 4.40 32.99 -17.13
N LYS A 551 5.41 32.38 -17.74
CA LYS A 551 6.30 31.51 -16.98
C LYS A 551 7.10 32.31 -15.98
N GLY A 552 7.64 33.45 -16.42
CA GLY A 552 8.40 34.30 -15.53
C GLY A 552 7.54 34.78 -14.36
N LEU A 553 6.31 35.17 -14.65
CA LEU A 553 5.43 35.68 -13.60
C LEU A 553 5.10 34.58 -12.60
N ALA A 554 4.92 33.36 -13.08
CA ALA A 554 4.65 32.25 -12.19
C ALA A 554 5.86 32.04 -11.27
N LEU A 555 7.05 32.06 -11.87
CA LEU A 555 8.25 31.78 -11.08
C LEU A 555 8.49 32.91 -10.08
N LYS A 556 8.28 34.13 -10.55
CA LYS A 556 8.45 35.30 -9.72
C LYS A 556 7.45 35.32 -8.55
N ARG A 557 6.22 34.87 -8.80
CA ARG A 557 5.24 34.77 -7.74
C ARG A 557 5.64 33.70 -6.72
N PHE A 558 6.04 32.53 -7.20
CA PHE A 558 6.48 31.47 -6.28
C PHE A 558 7.67 31.95 -5.45
N ASN A 559 8.59 32.67 -6.08
CA ASN A 559 9.82 33.07 -5.38
C ASN A 559 9.62 34.13 -4.32
N ALA A 560 8.50 34.85 -4.39
CA ALA A 560 8.19 35.80 -3.34
C ALA A 560 7.90 35.08 -2.00
N ILE A 561 7.45 33.84 -2.07
CA ILE A 561 6.96 33.15 -0.88
C ILE A 561 8.07 32.87 0.14
N PRO A 562 9.18 32.24 -0.30
CA PRO A 562 10.28 31.96 0.63
C PRO A 562 10.76 33.23 1.36
N LYS A 563 10.66 34.37 0.68
CA LYS A 563 11.07 35.64 1.27
C LYS A 563 10.29 35.98 2.51
N PHE A 564 9.00 35.66 2.53
CA PHE A 564 8.17 35.82 3.73
C PHE A 564 8.83 35.19 4.92
N TYR A 565 9.21 33.92 4.74
CA TYR A 565 9.68 33.09 5.83
C TYR A 565 11.15 33.34 6.17
N LYS A 566 11.95 33.72 5.17
CA LYS A 566 13.31 34.12 5.43
C LYS A 566 13.29 35.32 6.37
N GLN A 567 12.38 36.25 6.11
CA GLN A 567 12.30 37.47 6.89
C GLN A 567 11.91 37.17 8.34
N PHE A 568 10.96 36.26 8.53
CA PHE A 568 10.57 35.84 9.88
C PHE A 568 11.75 35.21 10.62
N GLU A 569 12.52 34.36 9.94
CA GLU A 569 13.66 33.73 10.60
C GLU A 569 14.62 34.81 11.06
N ASP A 570 14.83 35.81 10.20
CA ASP A 570 15.83 36.82 10.47
C ASP A 570 15.31 37.86 11.47
N ASP A 571 14.00 38.00 11.58
CA ASP A 571 13.40 38.91 12.56
C ASP A 571 13.73 38.47 14.00
N GLN A 572 14.11 37.20 14.19
CA GLN A 572 14.44 36.70 15.52
C GLN A 572 15.62 37.44 16.13
N LEU A 573 16.50 37.93 15.27
CA LEU A 573 17.83 38.38 15.69
C LEU A 573 17.80 39.33 16.88
N ASP A 574 16.97 40.37 16.81
CA ASP A 574 16.91 41.37 17.87
C ASP A 574 16.29 40.84 19.16
N PHE A 575 15.61 39.72 19.08
CA PHE A 575 14.90 39.23 20.25
C PHE A 575 15.81 38.41 21.18
N HIS A 576 16.94 37.94 20.69
CA HIS A 576 17.89 37.21 21.54
C HIS A 576 18.37 38.05 22.72
N SER A 577 18.21 39.37 22.61
CA SER A 577 18.58 40.23 23.71
C SER A 577 17.37 41.04 24.18
N TYR A 578 16.48 41.41 23.25
CA TYR A 578 15.32 42.23 23.64
C TYR A 578 14.37 41.53 24.63
N CYS A 579 14.04 40.26 24.39
CA CYS A 579 13.25 39.49 25.35
C CYS A 579 13.91 39.41 26.74
N MET A 580 15.24 39.31 26.78
CA MET A 580 15.95 39.30 28.05
C MET A 580 15.75 40.61 28.80
N ARG A 581 15.83 41.72 28.06
CA ARG A 581 15.71 43.06 28.63
C ARG A 581 14.28 43.35 29.05
N LYS A 582 13.33 42.92 28.23
CA LYS A 582 11.91 43.05 28.56
C LYS A 582 11.49 42.07 29.64
N GLY A 583 12.21 40.97 29.78
CA GLY A 583 11.89 39.97 30.78
C GLY A 583 10.81 39.01 30.33
N THR A 584 10.89 38.49 29.11
CA THR A 584 9.89 37.51 28.66
C THR A 584 10.55 36.20 28.22
N PRO A 585 11.30 35.55 29.13
CA PRO A 585 12.05 34.36 28.73
C PRO A 585 11.14 33.19 28.26
N ARG A 586 9.94 33.05 28.81
CA ARG A 586 9.07 31.96 28.35
C ARG A 586 8.69 32.19 26.90
N ALA A 587 8.30 33.43 26.58
CA ALA A 587 7.90 33.77 25.22
C ALA A 587 9.08 33.61 24.27
N TYR A 588 10.28 34.01 24.74
CA TYR A 588 11.48 33.85 23.96
C TYR A 588 11.70 32.40 23.54
N LEU A 589 11.52 31.45 24.46
CA LEU A 589 11.77 30.05 24.13
C LEU A 589 10.74 29.54 23.12
N GLU A 590 9.50 30.02 23.20
CA GLU A 590 8.50 29.65 22.21
C GLU A 590 8.88 30.19 20.83
N MET A 591 9.44 31.40 20.79
CA MET A 591 9.93 31.96 19.53
C MET A 591 10.99 31.06 18.90
N LEU A 592 11.88 30.52 19.74
CA LEU A 592 12.95 29.69 19.22
C LEU A 592 12.41 28.39 18.61
N GLU A 593 11.45 27.76 19.26
CA GLU A 593 10.79 26.57 18.70
C GLU A 593 10.06 26.90 17.39
N TRP A 594 9.36 28.04 17.39
CA TRP A 594 8.69 28.56 16.21
C TRP A 594 9.66 28.74 15.05
N GLY A 595 10.81 29.35 15.30
CA GLY A 595 11.75 29.67 14.24
C GLY A 595 12.36 28.41 13.65
N LYS A 596 12.37 27.35 14.44
CA LYS A 596 12.92 26.08 13.97
C LYS A 596 11.93 25.32 13.09
N ALA A 597 10.76 25.90 12.84
CA ALA A 597 9.74 25.20 12.08
C ALA A 597 9.18 26.05 10.94
N LEU A 598 9.73 27.25 10.76
CA LEU A 598 9.23 28.15 9.73
C LEU A 598 9.20 27.55 8.33
N TYR A 599 10.24 26.78 7.98
CA TYR A 599 10.36 26.26 6.62
C TYR A 599 9.61 24.93 6.44
N THR A 600 8.70 24.63 7.36
CA THR A 600 7.89 23.43 7.27
C THR A 600 6.39 23.76 7.30
N LYS A 601 6.06 25.04 7.32
CA LYS A 601 4.66 25.45 7.29
C LYS A 601 4.03 24.99 6.00
N PRO A 602 2.75 24.61 6.07
CA PRO A 602 1.91 24.21 4.93
C PRO A 602 2.09 25.13 3.72
N MET A 603 1.90 26.43 3.91
CA MET A 603 2.02 27.35 2.78
C MET A 603 3.45 27.36 2.22
N TYR A 604 4.45 27.28 3.08
CA TYR A 604 5.82 27.24 2.55
C TYR A 604 6.06 25.96 1.74
N VAL A 605 5.63 24.84 2.30
CA VAL A 605 5.80 23.54 1.65
C VAL A 605 5.01 23.47 0.33
N ARG A 606 3.80 24.03 0.32
CA ARG A 606 3.00 24.10 -0.89
C ARG A 606 3.72 24.91 -1.99
N ALA A 607 4.24 26.08 -1.63
CA ALA A 607 4.94 26.92 -2.59
C ALA A 607 6.19 26.23 -3.12
N MET A 608 6.89 25.53 -2.24
CA MET A 608 8.13 24.86 -2.61
C MET A 608 7.89 23.76 -3.63
N LYS A 609 6.89 22.92 -3.35
CA LYS A 609 6.63 21.76 -4.20
C LYS A 609 6.05 22.17 -5.55
N GLU A 610 5.21 23.20 -5.53
CA GLU A 610 4.63 23.70 -6.78
C GLU A 610 5.70 24.43 -7.61
N ALA A 611 6.56 25.21 -6.97
CA ALA A 611 7.65 25.84 -7.73
C ALA A 611 8.62 24.81 -8.28
N SER A 612 8.75 23.69 -7.58
CA SER A 612 9.73 22.67 -7.95
C SER A 612 9.55 22.14 -9.37
N LYS A 613 8.30 22.08 -9.85
CA LYS A 613 8.04 21.54 -11.18
C LYS A 613 8.57 22.49 -12.28
N LEU A 614 8.53 23.79 -12.01
CA LEU A 614 9.14 24.76 -12.89
C LEU A 614 10.66 24.59 -12.91
N TYR A 615 11.25 24.42 -11.74
CA TYR A 615 12.69 24.25 -11.66
C TYR A 615 13.15 22.93 -12.25
N PHE A 616 12.41 21.85 -11.99
CA PHE A 616 12.80 20.54 -12.52
C PHE A 616 12.70 20.56 -14.05
N GLN A 617 11.67 21.22 -14.57
CA GLN A 617 11.49 21.27 -16.02
C GLN A 617 12.53 22.14 -16.74
N MET A 618 12.99 23.22 -16.10
CA MET A 618 14.03 24.04 -16.71
C MET A 618 15.30 23.20 -16.85
N HIS A 619 15.54 22.36 -15.85
CA HIS A 619 16.65 21.41 -15.90
C HIS A 619 16.39 20.32 -16.94
N ASP A 620 15.23 19.67 -16.86
CA ASP A 620 14.94 18.56 -17.76
C ASP A 620 14.88 19.02 -19.23
N ASP A 621 14.19 20.13 -19.48
CA ASP A 621 14.01 20.60 -20.85
C ASP A 621 15.30 21.12 -21.47
N ARG A 622 16.21 21.69 -20.66
CA ARG A 622 17.51 22.12 -21.16
CA ARG A 622 17.50 22.12 -21.18
C ARG A 622 18.28 20.91 -21.69
N LEU A 623 18.25 19.82 -20.94
CA LEU A 623 18.91 18.60 -21.38
C LEU A 623 18.23 18.06 -22.64
N LYS A 624 16.89 18.14 -22.68
CA LYS A 624 16.16 17.71 -23.87
C LYS A 624 16.58 18.51 -25.10
N ARG A 625 16.49 19.84 -25.03
CA ARG A 625 16.91 20.70 -26.14
C ARG A 625 18.37 20.42 -26.52
N LYS A 626 19.22 20.18 -25.52
CA LYS A 626 20.62 19.86 -25.78
C LYS A 626 20.76 18.61 -26.66
N SER A 627 20.07 17.53 -26.29
CA SER A 627 20.10 16.31 -27.07
C SER A 627 19.51 16.57 -28.46
N ASP A 628 18.44 17.37 -28.50
CA ASP A 628 17.79 17.73 -29.77
C ASP A 628 18.73 18.38 -30.80
N SER A 629 19.56 19.32 -30.35
CA SER A 629 20.37 20.13 -31.27
C SER A 629 21.81 19.62 -31.37
N LEU A 630 22.04 18.38 -30.94
CA LEU A 630 23.37 17.78 -30.95
C LEU A 630 24.11 17.96 -32.29
N ASP A 631 23.38 18.11 -33.39
CA ASP A 631 24.01 18.27 -34.71
C ASP A 631 23.93 19.67 -35.29
N GLU A 632 23.08 20.52 -34.71
CA GLU A 632 22.74 21.78 -35.37
C GLU A 632 23.80 22.86 -35.28
N ASN A 633 23.86 23.70 -36.31
CA ASN A 633 24.49 25.02 -36.19
C ASN A 633 23.61 25.99 -35.42
N ASP A 679 13.97 42.43 -13.20
CA ASP A 679 13.12 42.69 -14.36
C ASP A 679 11.67 42.34 -14.06
N VAL A 680 10.75 43.04 -14.73
CA VAL A 680 9.38 43.15 -14.24
C VAL A 680 8.56 41.85 -14.33
N PHE A 681 8.87 41.00 -15.30
CA PHE A 681 8.11 39.77 -15.51
C PHE A 681 8.95 38.51 -15.27
N GLY A 682 10.00 38.64 -14.46
CA GLY A 682 10.84 37.51 -14.08
C GLY A 682 11.58 36.78 -15.20
N GLU A 683 11.87 37.49 -16.29
CA GLU A 683 12.55 36.89 -17.43
C GLU A 683 13.88 36.27 -17.04
N LYS A 684 14.60 36.91 -16.13
CA LYS A 684 15.91 36.41 -15.73
C LYS A 684 15.79 35.08 -15.00
N LEU A 685 14.76 34.95 -14.18
CA LEU A 685 14.55 33.75 -13.39
C LEU A 685 14.41 32.51 -14.27
N ILE A 686 13.73 32.66 -15.41
CA ILE A 686 13.42 31.51 -16.25
C ILE A 686 14.50 31.23 -17.27
N GLU A 687 15.50 32.09 -17.36
CA GLU A 687 16.60 31.79 -18.27
C GLU A 687 17.78 31.19 -17.51
N THR A 688 17.61 30.96 -16.22
CA THR A 688 18.72 30.46 -15.43
C THR A 688 19.33 29.17 -16.00
N SER A 689 20.64 29.09 -15.87
CA SER A 689 21.36 27.87 -16.22
C SER A 689 21.64 27.02 -14.99
N THR A 690 21.27 27.51 -13.81
CA THR A 690 21.43 26.71 -12.58
C THR A 690 20.10 26.49 -11.86
N PRO A 691 19.07 26.02 -12.58
CA PRO A 691 17.74 25.93 -11.95
C PRO A 691 17.76 25.06 -10.68
N MET A 692 18.58 24.03 -10.64
CA MET A 692 18.57 23.13 -9.49
C MET A 692 19.19 23.80 -8.27
N GLU A 693 20.27 24.54 -8.48
CA GLU A 693 20.87 25.30 -7.39
C GLU A 693 19.93 26.42 -6.94
N ASP A 694 19.23 27.03 -7.89
CA ASP A 694 18.25 28.07 -7.54
C ASP A 694 17.13 27.54 -6.66
N PHE A 695 16.61 26.36 -6.99
CA PHE A 695 15.57 25.72 -6.18
C PHE A 695 16.09 25.46 -4.76
N ALA A 696 17.30 24.93 -4.69
CA ALA A 696 17.91 24.53 -3.43
C ALA A 696 18.09 25.72 -2.49
N THR A 697 18.67 26.80 -3.02
CA THR A 697 18.96 27.96 -2.20
C THR A 697 17.71 28.75 -1.88
N GLU A 698 16.78 28.81 -2.82
CA GLU A 698 15.57 29.61 -2.59
C GLU A 698 14.48 28.87 -1.79
N PHE A 699 14.43 27.53 -1.91
CA PHE A 699 13.33 26.77 -1.33
C PHE A 699 13.79 25.60 -0.47
N TYR A 700 14.59 24.71 -1.06
CA TYR A 700 14.68 23.36 -0.56
C TYR A 700 15.63 23.15 0.60
N ASN A 701 16.76 23.85 0.59
CA ASN A 701 17.75 23.66 1.67
C ASN A 701 17.17 23.99 3.04
N ASN A 702 16.48 25.13 3.13
CA ASN A 702 15.90 25.55 4.40
C ASN A 702 14.81 24.62 4.88
N TYR A 703 14.01 24.13 3.95
CA TYR A 703 12.99 23.15 4.31
C TYR A 703 13.63 21.85 4.78
N SER A 704 14.57 21.33 3.99
CA SER A 704 15.20 20.04 4.32
C SER A 704 15.93 20.10 5.65
N MET A 705 16.43 21.29 5.98
CA MET A 705 17.18 21.51 7.20
C MET A 705 16.30 21.44 8.44
N GLN A 706 14.99 21.58 8.25
CA GLN A 706 14.08 21.72 9.38
C GLN A 706 13.07 20.58 9.47
N VAL A 707 12.81 19.91 8.36
CA VAL A 707 11.68 19.00 8.29
C VAL A 707 11.88 17.76 9.17
N ARG A 708 10.80 17.29 9.79
CA ARG A 708 10.85 16.07 10.59
C ARG A 708 10.83 14.82 9.69
N GLU A 709 11.54 13.78 10.09
CA GLU A 709 11.63 12.56 9.28
C GLU A 709 10.27 11.91 9.04
N ASP A 710 9.33 12.10 9.96
CA ASP A 710 7.99 11.54 9.76
C ASP A 710 7.13 12.49 8.94
N GLU A 711 7.73 13.59 8.51
CA GLU A 711 7.05 14.54 7.63
C GLU A 711 7.78 14.70 6.31
N ARG A 712 8.99 14.13 6.24
CA ARG A 712 9.85 14.28 5.08
C ARG A 712 9.22 13.63 3.86
N ASP A 713 9.20 14.36 2.75
CA ASP A 713 8.69 13.83 1.49
C ASP A 713 9.81 13.15 0.70
N TYR A 714 9.82 11.83 0.70
CA TYR A 714 10.92 11.09 0.10
C TYR A 714 10.83 11.03 -1.41
N ILE A 715 9.65 11.27 -1.97
CA ILE A 715 9.56 11.33 -3.42
C ILE A 715 10.27 12.60 -3.91
N LEU A 716 9.98 13.73 -3.27
CA LEU A 716 10.66 14.97 -3.56
C LEU A 716 12.21 14.84 -3.41
N ASP A 717 12.66 14.30 -2.29
CA ASP A 717 14.09 14.17 -2.05
C ASP A 717 14.76 13.32 -3.14
N PHE A 718 14.12 12.21 -3.51
CA PHE A 718 14.64 11.36 -4.57
C PHE A 718 14.77 12.15 -5.86
N GLU A 719 13.70 12.82 -6.28
CA GLU A 719 13.70 13.48 -7.58
C GLU A 719 14.59 14.73 -7.61
N PHE A 720 14.73 15.40 -6.46
CA PHE A 720 15.67 16.52 -6.37
C PHE A 720 17.10 16.02 -6.53
N ASN A 721 17.52 15.12 -5.65
CA ASN A 721 18.90 14.64 -5.66
C ASN A 721 19.26 13.84 -6.93
N TYR A 722 18.25 13.28 -7.58
CA TYR A 722 18.46 12.63 -8.86
C TYR A 722 18.98 13.63 -9.91
N ARG A 723 18.40 14.82 -9.93
CA ARG A 723 18.77 15.80 -10.96
C ARG A 723 20.09 16.52 -10.67
N ILE A 724 20.58 16.44 -9.44
CA ILE A 724 21.88 17.02 -9.11
C ILE A 724 22.93 15.92 -8.90
N GLY A 725 22.57 14.70 -9.26
CA GLY A 725 23.53 13.61 -9.30
C GLY A 725 23.83 12.89 -8.00
N LYS A 726 23.24 13.31 -6.88
CA LYS A 726 23.58 12.72 -5.59
C LYS A 726 22.83 11.40 -5.39
N LEU A 727 23.31 10.35 -6.06
CA LEU A 727 22.56 9.10 -6.24
C LEU A 727 22.53 8.22 -5.00
N ALA A 728 23.30 8.56 -3.98
CA ALA A 728 23.26 7.80 -2.72
C ALA A 728 22.23 8.41 -1.78
N LEU A 729 21.92 9.69 -1.99
CA LEU A 729 20.81 10.31 -1.30
C LEU A 729 19.52 9.76 -1.88
N CYS A 730 19.51 9.56 -3.20
CA CYS A 730 18.40 8.89 -3.85
C CYS A 730 18.12 7.55 -3.20
N PHE A 731 19.17 6.77 -2.93
CA PHE A 731 18.97 5.46 -2.35
C PHE A 731 18.43 5.55 -0.94
N ALA A 732 19.02 6.42 -0.14
CA ALA A 732 18.53 6.64 1.22
C ALA A 732 17.04 6.95 1.22
N SER A 733 16.62 7.81 0.29
CA SER A 733 15.21 8.20 0.18
C SER A 733 14.32 7.03 -0.21
N LEU A 734 14.80 6.19 -1.12
CA LEU A 734 14.06 5.01 -1.55
C LEU A 734 13.86 4.04 -0.39
N ASN A 735 14.91 3.86 0.41
CA ASN A 735 14.89 2.94 1.53
C ASN A 735 13.93 3.38 2.63
N LYS A 736 14.09 4.62 3.07
CA LYS A 736 13.26 5.20 4.11
C LYS A 736 11.79 5.18 3.71
N PHE A 737 11.52 5.42 2.43
CA PHE A 737 10.17 5.34 1.89
C PHE A 737 9.53 3.97 2.11
N ALA A 738 10.25 2.92 1.73
CA ALA A 738 9.75 1.54 1.87
C ALA A 738 9.40 1.23 3.32
N LYS A 739 10.26 1.66 4.23
CA LYS A 739 10.07 1.46 5.68
C LYS A 739 8.75 2.01 6.21
N ARG A 740 8.03 2.79 5.41
CA ARG A 740 6.74 3.34 5.85
C ARG A 740 5.59 2.94 4.92
N PHE A 741 5.89 2.72 3.64
CA PHE A 741 4.84 2.55 2.63
C PHE A 741 4.92 1.19 1.91
N GLY A 742 5.86 0.36 2.31
CA GLY A 742 5.93 -0.99 1.78
C GLY A 742 6.72 -1.14 0.48
N THR A 743 7.11 -2.38 0.20
CA THR A 743 7.90 -2.68 -0.99
C THR A 743 7.04 -3.21 -2.15
N THR A 744 5.71 -3.08 -2.02
CA THR A 744 4.82 -3.46 -3.12
C THR A 744 4.06 -2.24 -3.62
N SER A 745 4.28 -1.12 -2.95
CA SER A 745 3.78 0.16 -3.41
C SER A 745 4.32 0.47 -4.82
N GLY A 746 3.45 0.95 -5.69
CA GLY A 746 3.84 1.35 -7.03
C GLY A 746 4.93 2.40 -7.03
N LEU A 747 4.83 3.36 -6.11
CA LEU A 747 5.82 4.43 -6.04
C LEU A 747 7.19 3.89 -5.70
N PHE A 748 7.22 2.94 -4.77
CA PHE A 748 8.49 2.32 -4.39
C PHE A 748 9.15 1.67 -5.58
N GLY A 749 8.37 0.86 -6.31
CA GLY A 749 8.88 0.13 -7.45
C GLY A 749 9.44 1.07 -8.50
N SER A 750 8.75 2.18 -8.68
CA SER A 750 9.14 3.19 -9.66
C SER A 750 10.47 3.82 -9.32
N MET A 751 10.63 4.25 -8.07
CA MET A 751 11.88 4.85 -7.63
C MET A 751 13.04 3.87 -7.76
N ALA A 752 12.82 2.62 -7.34
CA ALA A 752 13.85 1.60 -7.39
C ALA A 752 14.31 1.40 -8.83
N ILE A 753 13.35 1.30 -9.75
CA ILE A 753 13.64 1.07 -11.14
C ILE A 753 14.51 2.21 -11.70
N VAL A 754 14.09 3.44 -11.44
CA VAL A 754 14.83 4.58 -11.93
C VAL A 754 16.22 4.61 -11.31
N LEU A 755 16.33 4.20 -10.05
CA LEU A 755 17.62 4.22 -9.36
C LEU A 755 18.55 3.16 -9.94
N LEU A 756 17.96 2.02 -10.31
CA LEU A 756 18.74 0.90 -10.85
C LEU A 756 19.35 1.28 -12.19
N HIS A 757 18.54 1.92 -13.03
CA HIS A 757 19.01 2.42 -14.30
C HIS A 757 20.16 3.40 -14.10
N ALA A 758 20.10 4.19 -13.02
CA ALA A 758 21.13 5.19 -12.77
C ALA A 758 22.49 4.56 -12.48
N THR A 759 22.48 3.28 -12.09
CA THR A 759 23.70 2.57 -11.74
C THR A 759 24.42 1.98 -12.94
N ARG A 760 23.80 2.03 -14.12
CA ARG A 760 24.48 1.63 -15.35
C ARG A 760 25.80 2.38 -15.53
N PRO A 764 25.76 7.84 -16.80
CA PRO A 764 25.72 9.31 -16.82
C PRO A 764 26.06 9.98 -15.46
N PHE A 765 26.01 9.22 -14.37
CA PHE A 765 26.33 9.73 -13.03
C PHE A 765 27.77 9.40 -12.64
N ASP A 766 28.24 9.92 -11.51
CA ASP A 766 29.61 9.69 -11.06
C ASP A 766 29.95 8.22 -10.93
N PRO A 767 31.04 7.79 -11.57
CA PRO A 767 31.42 6.37 -11.53
C PRO A 767 31.59 5.83 -10.11
N ILE A 768 32.45 6.47 -9.32
CA ILE A 768 32.85 5.97 -8.01
C ILE A 768 31.73 5.98 -6.97
N LEU A 769 30.51 6.23 -7.42
CA LEU A 769 29.36 6.33 -6.52
C LEU A 769 28.21 5.50 -7.05
N LYS A 770 28.20 5.27 -8.36
CA LYS A 770 27.32 4.26 -8.94
C LYS A 770 27.68 2.91 -8.33
N LYS A 771 28.95 2.76 -7.97
CA LYS A 771 29.40 1.54 -7.30
C LYS A 771 28.80 1.47 -5.90
N VAL A 772 28.95 2.54 -5.14
CA VAL A 772 28.46 2.61 -3.78
C VAL A 772 26.98 2.21 -3.69
N VAL A 773 26.17 2.80 -4.56
CA VAL A 773 24.75 2.51 -4.60
C VAL A 773 24.49 1.04 -4.89
N THR A 774 25.14 0.53 -5.93
CA THR A 774 24.98 -0.87 -6.30
C THR A 774 25.24 -1.82 -5.12
N LYS A 775 26.31 -1.56 -4.39
CA LYS A 775 26.64 -2.37 -3.21
C LYS A 775 25.68 -2.10 -2.06
N SER A 776 25.03 -0.94 -2.08
CA SER A 776 23.99 -0.65 -1.09
C SER A 776 22.69 -1.35 -1.49
N LEU A 777 22.49 -1.48 -2.80
CA LEU A 777 21.28 -2.12 -3.32
C LEU A 777 21.40 -3.64 -3.31
N GLU A 778 22.61 -4.14 -3.03
CA GLU A 778 22.87 -5.58 -2.98
C GLU A 778 21.86 -6.33 -2.09
N LYS A 779 21.42 -5.69 -1.02
CA LYS A 779 20.38 -6.26 -0.17
C LYS A 779 18.97 -5.75 -0.56
N GLU A 780 18.67 -5.79 -1.85
CA GLU A 780 17.32 -5.75 -2.37
C GLU A 780 17.25 -6.74 -3.55
N TYR A 781 18.18 -7.68 -3.54
CA TYR A 781 18.37 -8.69 -4.58
C TYR A 781 17.15 -9.59 -4.82
N SER A 782 16.37 -9.82 -3.78
CA SER A 782 15.19 -10.68 -3.88
C SER A 782 14.03 -9.92 -4.50
N GLU A 783 13.85 -8.67 -4.09
CA GLU A 783 12.77 -7.83 -4.60
C GLU A 783 13.20 -7.09 -5.86
N PHE A 795 15.67 -5.99 -21.86
CA PHE A 795 14.85 -6.25 -20.67
C PHE A 795 13.72 -5.22 -20.55
N ASP A 796 12.48 -5.70 -20.50
CA ASP A 796 11.32 -4.81 -20.48
C ASP A 796 10.91 -4.43 -19.05
N TRP A 797 11.25 -3.21 -18.63
CA TRP A 797 11.01 -2.81 -17.25
C TRP A 797 9.56 -2.42 -16.95
N LEU A 798 8.81 -2.05 -17.97
CA LEU A 798 7.38 -1.80 -17.73
C LEU A 798 6.65 -3.09 -17.41
N ASN A 799 6.85 -4.10 -18.24
CA ASN A 799 6.20 -5.38 -18.03
C ASN A 799 6.58 -5.93 -16.65
N PHE A 800 7.83 -5.76 -16.23
CA PHE A 800 8.24 -6.14 -14.88
C PHE A 800 7.43 -5.35 -13.87
N TYR A 801 7.17 -4.09 -14.16
CA TYR A 801 6.39 -3.23 -13.27
C TYR A 801 4.93 -3.67 -13.18
N GLN A 802 4.33 -3.94 -14.33
CA GLN A 802 2.92 -4.33 -14.36
C GLN A 802 2.70 -5.67 -13.66
N GLU A 803 3.76 -6.47 -13.57
CA GLU A 803 3.66 -7.81 -13.00
C GLU A 803 4.03 -7.87 -11.51
N LYS A 804 4.93 -7.00 -11.06
CA LYS A 804 5.31 -7.02 -9.65
C LYS A 804 4.58 -5.98 -8.82
N PHE A 805 3.94 -5.01 -9.49
CA PHE A 805 3.32 -3.89 -8.79
C PHE A 805 1.90 -3.55 -9.24
N GLY A 806 1.46 -4.17 -10.34
CA GLY A 806 0.12 -3.89 -10.84
C GLY A 806 0.04 -2.55 -11.53
N LYS A 807 -1.16 -2.17 -11.98
CA LYS A 807 -1.31 -0.98 -12.81
C LYS A 807 -2.32 0.01 -12.23
N ASN A 808 -2.45 -0.02 -10.91
CA ASN A 808 -3.46 0.75 -10.19
C ASN A 808 -2.90 1.96 -9.41
N ASP A 809 -1.60 1.96 -9.19
CA ASP A 809 -0.98 3.03 -8.42
C ASP A 809 -0.69 4.21 -9.34
N ILE A 810 -1.61 5.18 -9.35
CA ILE A 810 -1.54 6.34 -10.23
C ILE A 810 -0.22 7.09 -10.06
N ASN A 811 0.17 7.32 -8.80
CA ASN A 811 1.42 8.00 -8.52
C ASN A 811 2.65 7.23 -9.00
N GLY A 812 2.56 5.90 -9.00
CA GLY A 812 3.64 5.06 -9.50
C GLY A 812 3.75 5.16 -11.01
N LEU A 813 2.59 5.29 -11.67
CA LEU A 813 2.57 5.37 -13.12
C LEU A 813 3.08 6.74 -13.56
N LEU A 814 2.72 7.78 -12.82
CA LEU A 814 3.11 9.15 -13.16
C LEU A 814 4.61 9.30 -13.00
N PHE A 815 5.15 8.66 -11.97
CA PHE A 815 6.58 8.65 -11.72
C PHE A 815 7.34 8.02 -12.90
N LEU A 816 6.87 6.87 -13.37
CA LEU A 816 7.46 6.25 -14.55
C LEU A 816 7.39 7.17 -15.77
N TYR A 817 6.30 7.93 -15.86
CA TYR A 817 6.07 8.76 -17.04
C TYR A 817 7.11 9.87 -17.13
N ARG A 818 7.52 10.39 -15.99
CA ARG A 818 8.52 11.45 -15.97
C ARG A 818 9.91 10.92 -16.34
N TYR A 819 10.15 9.62 -16.20
CA TYR A 819 11.46 9.09 -16.53
C TYR A 819 11.40 8.05 -17.64
N ARG A 820 10.33 8.10 -18.44
CA ARG A 820 10.03 7.04 -19.40
C ARG A 820 11.04 6.97 -20.54
N ASP A 821 11.62 8.11 -20.90
CA ASP A 821 12.60 8.15 -21.97
C ASP A 821 13.98 7.87 -21.40
N ASP A 822 14.03 7.65 -20.09
CA ASP A 822 15.26 7.36 -19.35
C ASP A 822 15.49 5.87 -19.10
N VAL A 823 14.42 5.14 -18.81
CA VAL A 823 14.55 3.79 -18.27
C VAL A 823 15.03 2.80 -19.35
N PRO A 824 14.28 2.66 -20.45
CA PRO A 824 13.07 3.42 -20.82
C PRO A 824 11.78 2.73 -20.40
N ILE A 825 10.66 3.42 -20.60
CA ILE A 825 9.33 2.90 -20.31
C ILE A 825 8.43 3.17 -21.50
N GLY A 826 7.82 2.13 -22.06
CA GLY A 826 6.90 2.26 -23.18
C GLY A 826 5.85 3.33 -22.95
N SER A 827 5.91 4.42 -23.71
CA SER A 827 5.09 5.58 -23.37
C SER A 827 3.62 5.39 -23.73
N SER A 828 3.32 4.71 -24.85
CA SER A 828 1.94 4.51 -25.27
C SER A 828 1.17 3.64 -24.26
N ASN A 829 1.75 2.50 -23.90
CA ASN A 829 1.12 1.60 -22.94
C ASN A 829 1.01 2.26 -21.57
N LEU A 830 2.01 3.06 -21.21
CA LEU A 830 2.00 3.78 -19.94
C LEU A 830 0.86 4.78 -19.88
N LYS A 831 0.72 5.57 -20.94
CA LYS A 831 -0.35 6.56 -21.01
C LYS A 831 -1.72 5.91 -20.93
N GLU A 832 -1.85 4.74 -21.54
CA GLU A 832 -3.13 4.01 -21.52
C GLU A 832 -3.50 3.60 -20.10
N MET A 833 -2.54 3.05 -19.38
CA MET A 833 -2.72 2.70 -17.96
C MET A 833 -3.13 3.92 -17.16
N ILE A 834 -2.44 5.04 -17.40
CA ILE A 834 -2.75 6.25 -16.65
C ILE A 834 -4.17 6.68 -16.96
N ILE A 835 -4.55 6.60 -18.23
CA ILE A 835 -5.87 7.06 -18.63
C ILE A 835 -6.95 6.13 -18.11
N SER A 836 -6.62 4.84 -17.98
CA SER A 836 -7.56 3.88 -17.41
C SER A 836 -7.81 4.21 -15.95
N SER A 837 -6.74 4.55 -15.25
CA SER A 837 -6.78 4.85 -13.82
C SER A 837 -7.53 6.15 -13.54
N LEU A 838 -7.79 6.90 -14.61
CA LEU A 838 -8.53 8.15 -14.50
C LEU A 838 -9.93 8.02 -15.14
N SER A 839 -10.28 6.81 -15.57
CA SER A 839 -11.60 6.55 -16.16
C SER A 839 -12.76 7.01 -15.26
N PRO A 840 -12.60 6.85 -13.93
CA PRO A 840 -13.59 7.35 -12.97
C PRO A 840 -14.00 8.83 -13.13
N LEU A 841 -13.05 9.71 -13.41
CA LEU A 841 -13.30 11.15 -13.39
C LEU A 841 -14.10 11.65 -14.61
N GLU A 842 -14.81 12.77 -14.43
CA GLU A 842 -15.46 13.49 -15.52
C GLU A 842 -14.47 13.85 -16.63
N PRO A 843 -14.93 13.87 -17.89
CA PRO A 843 -14.05 14.05 -19.05
C PRO A 843 -13.23 15.34 -19.01
N HIS A 844 -13.88 16.46 -18.71
CA HIS A 844 -13.19 17.75 -18.65
C HIS A 844 -12.12 17.74 -17.56
N SER A 845 -12.42 17.06 -16.45
CA SER A 845 -11.49 16.99 -15.34
C SER A 845 -10.26 16.16 -15.72
N GLN A 846 -10.50 15.03 -16.38
CA GLN A 846 -9.42 14.18 -16.86
C GLN A 846 -8.44 14.96 -17.71
N ASN A 847 -8.97 15.74 -18.66
CA ASN A 847 -8.16 16.60 -19.51
C ASN A 847 -7.22 17.48 -18.68
N GLU A 848 -7.77 18.11 -17.66
CA GLU A 848 -7.00 19.01 -16.81
C GLU A 848 -5.90 18.26 -16.07
N ILE A 849 -6.14 17.00 -15.74
CA ILE A 849 -5.12 16.19 -15.08
C ILE A 849 -3.96 15.90 -16.03
N LEU A 850 -4.29 15.57 -17.27
CA LEU A 850 -3.28 15.26 -18.27
C LEU A 850 -2.45 16.49 -18.57
N GLN A 851 -3.12 17.65 -18.61
CA GLN A 851 -2.46 18.91 -18.91
C GLN A 851 -1.43 19.22 -17.83
N TYR A 852 -1.79 18.94 -16.58
CA TYR A 852 -0.91 19.21 -15.46
C TYR A 852 0.19 18.16 -15.26
N TYR A 853 -0.09 16.90 -15.56
CA TYR A 853 0.77 15.79 -15.14
C TYR A 853 1.48 15.02 -16.24
N LEU A 854 1.00 15.13 -17.48
CA LEU A 854 1.68 14.48 -18.61
C LEU A 854 2.29 15.49 -19.58
N TYR A 855 1.50 16.48 -19.98
CA TYR A 855 1.88 17.42 -21.04
C TYR A 855 3.27 18.01 -20.89
N PRO A 856 3.56 18.60 -19.72
CA PRO A 856 4.84 19.29 -19.52
C PRO A 856 6.05 18.39 -19.76
N TYR A 857 5.83 17.08 -19.69
CA TYR A 857 6.90 16.10 -19.84
C TYR A 857 6.90 15.53 -21.26
N ASP A 858 5.95 15.96 -22.09
CA ASP A 858 5.86 15.51 -23.49
C ASP A 858 6.74 16.32 -24.44
N VAL A 859 6.65 17.64 -24.36
CA VAL A 859 7.34 18.54 -25.29
C VAL A 859 8.12 19.60 -24.53
N PRO A 860 9.41 19.74 -24.85
CA PRO A 860 10.23 20.74 -24.16
C PRO A 860 9.84 22.19 -24.53
N ASP A 861 9.92 23.12 -23.58
CA ASP A 861 9.76 24.55 -23.85
C ASP A 861 10.74 25.04 -24.92
N TYR A 862 10.40 26.14 -25.59
CA TYR A 862 11.28 26.83 -26.57
C TYR A 862 11.30 26.06 -27.88
N PRO B 2 -17.80 25.26 15.50
CA PRO B 2 -17.92 26.43 16.36
C PRO B 2 -16.63 27.23 16.41
N ILE B 3 -16.65 28.31 17.17
CA ILE B 3 -15.51 29.21 17.35
C ILE B 3 -14.88 28.93 18.70
N ASN B 4 -13.55 29.08 18.79
CA ASN B 4 -12.83 28.92 20.04
C ASN B 4 -12.13 30.22 20.40
N ILE B 5 -12.22 30.64 21.67
CA ILE B 5 -11.47 31.83 22.09
C ILE B 5 -10.34 31.46 23.05
N ARG B 6 -9.12 31.93 22.76
CA ARG B 6 -7.96 31.64 23.59
C ARG B 6 -6.90 32.73 23.45
N ARG B 7 -5.84 32.61 24.24
CA ARG B 7 -4.72 33.54 24.22
C ARG B 7 -3.90 33.33 22.97
N ALA B 8 -3.45 34.43 22.35
CA ALA B 8 -2.52 34.34 21.21
C ALA B 8 -1.17 33.80 21.65
N THR B 9 -0.50 33.08 20.74
CA THR B 9 0.92 32.78 20.93
C THR B 9 1.67 33.17 19.65
N ILE B 10 2.99 32.99 19.66
CA ILE B 10 3.82 33.30 18.51
C ILE B 10 3.37 32.50 17.29
N ASN B 11 2.81 31.32 17.53
CA ASN B 11 2.35 30.47 16.45
C ASN B 11 1.14 31.02 15.73
N ASP B 12 0.51 32.02 16.32
CA ASP B 12 -0.63 32.68 15.69
C ASP B 12 -0.26 33.81 14.74
N ILE B 13 0.94 34.37 14.83
CA ILE B 13 1.17 35.66 14.18
C ILE B 13 1.19 35.55 12.65
N ILE B 14 1.64 34.43 12.12
CA ILE B 14 1.60 34.25 10.67
C ILE B 14 0.14 34.14 10.20
N CYS B 15 -0.70 33.54 11.03
CA CYS B 15 -2.12 33.40 10.71
C CYS B 15 -2.86 34.74 10.67
N MET B 16 -2.31 35.73 11.35
CA MET B 16 -2.92 37.05 11.42
C MET B 16 -2.82 37.82 10.11
N GLN B 17 -1.98 37.33 9.19
CA GLN B 17 -1.73 38.06 7.96
C GLN B 17 -2.76 37.72 6.88
N ASN B 18 -3.55 36.68 7.11
CA ASN B 18 -4.57 36.21 6.15
C ASN B 18 -5.46 37.36 5.67
N ALA B 19 -5.47 37.57 4.35
CA ALA B 19 -6.18 38.70 3.72
C ALA B 19 -7.66 38.78 4.10
N ASN B 20 -8.24 37.67 4.54
CA ASN B 20 -9.61 37.67 5.05
C ASN B 20 -9.72 38.44 6.38
N LEU B 21 -8.58 38.73 6.99
CA LEU B 21 -8.57 39.51 8.23
C LEU B 21 -8.22 41.00 8.04
N HIS B 22 -7.95 41.43 6.82
CA HIS B 22 -7.54 42.82 6.61
C HIS B 22 -8.31 43.54 5.51
N ASN B 23 -8.74 44.76 5.80
CA ASN B 23 -9.47 45.59 4.85
C ASN B 23 -8.53 46.17 3.79
N LEU B 24 -7.37 46.68 4.24
CA LEU B 24 -6.28 47.07 3.35
C LEU B 24 -5.00 46.40 3.86
N PRO B 25 -4.24 45.77 2.95
CA PRO B 25 -3.13 44.91 3.35
C PRO B 25 -1.78 45.60 3.51
N GLU B 26 -1.30 45.66 4.75
CA GLU B 26 0.04 46.17 5.04
C GLU B 26 0.89 45.03 5.65
N ASN B 27 1.39 44.15 4.78
CA ASN B 27 2.05 42.94 5.24
C ASN B 27 3.46 43.16 5.79
N TYR B 28 3.94 44.40 5.75
CA TYR B 28 5.24 44.72 6.31
C TYR B 28 5.16 44.99 7.82
N MET B 29 4.03 44.64 8.42
CA MET B 29 3.82 44.90 9.83
C MET B 29 4.26 43.71 10.70
N MET B 30 4.77 42.67 10.05
CA MET B 30 4.98 41.37 10.70
C MET B 30 5.94 41.39 11.88
N LYS B 31 7.04 42.13 11.75
CA LYS B 31 7.97 42.28 12.85
C LYS B 31 7.30 43.03 13.99
N TYR B 32 6.38 43.92 13.65
CA TYR B 32 5.64 44.67 14.66
C TYR B 32 4.72 43.73 15.47
N TYR B 33 4.22 42.70 14.78
CA TYR B 33 3.42 41.68 15.43
C TYR B 33 4.25 40.80 16.34
N MET B 34 5.41 40.33 15.86
CA MET B 34 6.32 39.60 16.73
C MET B 34 6.56 40.41 18.00
N TYR B 35 6.89 41.68 17.78
CA TYR B 35 7.20 42.61 18.86
C TYR B 35 6.10 42.68 19.93
N HIS B 36 4.83 42.68 19.51
CA HIS B 36 3.73 42.66 20.47
C HIS B 36 3.75 41.37 21.26
N ILE B 37 3.77 40.26 20.53
CA ILE B 37 3.56 38.94 21.13
C ILE B 37 4.73 38.54 22.03
N LEU B 38 5.91 39.09 21.75
CA LEU B 38 7.07 38.77 22.56
C LEU B 38 7.35 39.83 23.66
N SER B 39 6.64 40.96 23.65
CA SER B 39 6.74 41.99 24.69
C SER B 39 5.60 41.93 25.70
N TRP B 40 4.39 41.68 25.21
CA TRP B 40 3.21 41.56 26.04
C TRP B 40 2.54 40.24 25.70
N PRO B 41 3.21 39.13 26.05
CA PRO B 41 2.80 37.77 25.67
C PRO B 41 1.49 37.27 26.32
N GLU B 42 0.89 38.05 27.23
CA GLU B 42 -0.36 37.63 27.87
C GLU B 42 -1.54 38.57 27.53
N ALA B 43 -1.33 39.49 26.61
CA ALA B 43 -2.33 40.55 26.43
C ALA B 43 -3.20 40.31 25.22
N SER B 44 -2.74 39.50 24.28
CA SER B 44 -3.46 39.32 23.00
C SER B 44 -4.24 38.01 22.90
N PHE B 45 -5.40 38.07 22.25
CA PHE B 45 -6.28 36.88 22.15
C PHE B 45 -6.73 36.66 20.73
N VAL B 46 -7.10 35.41 20.44
CA VAL B 46 -7.53 35.03 19.11
C VAL B 46 -8.82 34.23 19.17
N ALA B 47 -9.51 34.19 18.06
CA ALA B 47 -10.69 33.37 17.86
C ALA B 47 -10.37 32.46 16.68
N THR B 48 -10.69 31.18 16.81
CA THR B 48 -10.22 30.20 15.83
C THR B 48 -11.29 29.19 15.46
N THR B 49 -11.15 28.66 14.25
CA THR B 49 -11.79 27.41 13.84
C THR B 49 -10.71 26.52 13.28
N THR B 50 -11.07 25.27 13.03
CA THR B 50 -10.12 24.26 12.58
C THR B 50 -9.72 24.45 11.10
N THR B 51 -8.50 24.09 10.74
CA THR B 51 -8.05 24.21 9.36
C THR B 51 -6.82 23.32 9.12
N LEU B 52 -6.40 23.19 7.87
CA LEU B 52 -5.15 22.50 7.51
C LEU B 52 -4.00 23.49 7.29
N ASP B 53 -4.36 24.71 6.90
CA ASP B 53 -3.39 25.78 6.66
C ASP B 53 -4.06 27.11 6.99
N CYS B 54 -3.65 27.73 8.11
CA CYS B 54 -4.23 28.99 8.55
C CYS B 54 -3.95 30.13 7.56
N GLU B 55 -3.00 29.92 6.66
CA GLU B 55 -2.68 30.97 5.67
C GLU B 55 -3.51 30.87 4.40
N ASP B 56 -4.27 29.78 4.26
CA ASP B 56 -5.10 29.58 3.07
C ASP B 56 -6.41 30.33 3.23
N SER B 57 -6.71 31.24 2.33
CA SER B 57 -7.92 32.05 2.45
C SER B 57 -9.16 31.31 1.92
N ASP B 58 -8.96 30.20 1.22
CA ASP B 58 -10.07 29.49 0.60
C ASP B 58 -10.77 28.54 1.57
N GLU B 59 -12.11 28.63 1.61
CA GLU B 59 -12.92 27.65 2.30
C GLU B 59 -12.56 26.26 1.78
N GLN B 60 -11.67 25.60 2.52
CA GLN B 60 -11.07 24.36 2.04
C GLN B 60 -11.90 23.15 2.45
N ASP B 61 -12.50 22.47 1.47
CA ASP B 61 -13.40 21.37 1.77
C ASP B 61 -12.65 20.05 1.88
N GLU B 62 -12.61 19.51 3.09
CA GLU B 62 -11.90 18.26 3.37
C GLU B 62 -12.42 17.09 2.55
N ASN B 63 -13.65 17.21 2.08
CA ASN B 63 -14.31 16.13 1.35
C ASN B 63 -14.34 16.34 -0.16
N ASP B 64 -13.46 17.21 -0.67
CA ASP B 64 -13.34 17.43 -2.12
C ASP B 64 -11.96 17.99 -2.48
N LYS B 65 -10.96 17.11 -2.50
CA LYS B 65 -9.57 17.49 -2.73
C LYS B 65 -9.26 17.71 -4.21
N LEU B 66 -9.72 16.78 -5.06
CA LEU B 66 -9.41 16.82 -6.50
C LEU B 66 -9.71 18.16 -7.15
N GLU B 67 -10.69 18.88 -6.62
CA GLU B 67 -11.04 20.22 -7.11
C GLU B 67 -9.89 21.21 -6.87
N LEU B 68 -9.06 20.92 -5.88
CA LEU B 68 -7.90 21.76 -5.57
C LEU B 68 -6.77 21.48 -6.55
N THR B 69 -6.46 20.20 -6.72
CA THR B 69 -5.51 19.75 -7.74
C THR B 69 -5.89 20.29 -9.10
N LEU B 70 -7.18 20.21 -9.42
CA LEU B 70 -7.69 20.64 -10.72
C LEU B 70 -7.60 22.14 -10.90
N ASP B 71 -7.47 22.86 -9.78
CA ASP B 71 -7.26 24.31 -9.82
C ASP B 71 -5.80 24.72 -9.90
N GLY B 72 -4.92 23.74 -10.07
CA GLY B 72 -3.50 24.05 -10.19
C GLY B 72 -2.79 24.03 -8.85
N THR B 73 -3.51 23.65 -7.80
CA THR B 73 -2.86 23.47 -6.50
C THR B 73 -2.28 22.06 -6.48
N ASN B 74 -1.15 21.90 -7.16
CA ASN B 74 -0.50 20.61 -7.28
C ASN B 74 0.96 20.75 -7.76
N ASP B 75 1.77 19.72 -7.51
CA ASP B 75 3.19 19.72 -7.86
C ASP B 75 3.51 19.13 -9.23
N GLY B 76 2.50 18.81 -10.02
CA GLY B 76 2.75 18.24 -11.33
C GLY B 76 3.31 16.82 -11.28
N ARG B 77 3.32 16.21 -10.10
CA ARG B 77 4.01 14.93 -9.90
C ARG B 77 3.25 13.88 -9.07
N THR B 78 2.54 14.31 -8.03
CA THR B 78 1.78 13.38 -7.19
C THR B 78 0.32 13.82 -7.03
N ILE B 79 -0.58 12.85 -6.93
CA ILE B 79 -2.00 13.11 -6.73
C ILE B 79 -2.54 12.46 -5.45
N LYS B 80 -3.19 13.27 -4.60
CA LYS B 80 -3.81 12.81 -3.35
C LYS B 80 -2.95 11.84 -2.53
N GLY B 89 -4.75 22.01 12.48
CA GLY B 89 -4.35 23.37 12.80
C GLY B 89 -5.49 24.32 13.15
N GLU B 90 -5.19 25.62 13.19
CA GLU B 90 -6.17 26.64 13.59
C GLU B 90 -6.13 27.93 12.78
N LYS B 91 -7.20 28.20 12.04
CA LYS B 91 -7.38 29.47 11.33
C LYS B 91 -7.92 30.53 12.27
N LEU B 92 -7.50 31.78 12.09
CA LEU B 92 -8.07 32.82 12.91
C LEU B 92 -9.26 33.42 12.19
N VAL B 93 -10.38 33.56 12.91
CA VAL B 93 -11.54 34.25 12.37
C VAL B 93 -11.63 35.63 13.01
N GLY B 94 -10.71 35.89 13.94
CA GLY B 94 -10.61 37.18 14.60
C GLY B 94 -9.40 37.22 15.53
N TYR B 95 -8.97 38.43 15.88
CA TYR B 95 -7.92 38.55 16.91
C TYR B 95 -7.86 39.97 17.45
N VAL B 96 -7.25 40.11 18.61
CA VAL B 96 -7.01 41.43 19.19
C VAL B 96 -5.54 41.47 19.55
N LEU B 97 -4.82 42.44 19.01
CA LEU B 97 -3.40 42.59 19.27
C LEU B 97 -3.18 43.77 20.21
N VAL B 98 -2.54 43.52 21.34
CA VAL B 98 -2.59 44.46 22.46
C VAL B 98 -1.19 44.83 22.96
N LYS B 99 -1.02 46.09 23.35
CA LYS B 99 0.24 46.49 23.95
C LYS B 99 0.00 47.44 25.12
N MET B 100 1.01 47.57 25.96
CA MET B 100 1.12 48.70 26.87
C MET B 100 1.79 49.85 26.14
N ASN B 101 1.38 51.07 26.46
CA ASN B 101 2.07 52.22 25.87
C ASN B 101 3.47 52.37 26.46
N ASP B 102 4.45 52.43 25.57
CA ASP B 102 5.86 52.25 25.92
C ASP B 102 6.75 53.36 25.36
N ASP B 103 6.14 54.43 24.86
CA ASP B 103 6.91 55.54 24.30
C ASP B 103 7.85 56.16 25.32
N GLU B 109 3.17 59.68 33.17
CA GLU B 109 2.34 58.81 32.34
C GLU B 109 1.91 57.55 33.09
N PRO B 110 0.68 57.53 33.62
CA PRO B 110 0.15 56.32 34.26
C PRO B 110 0.14 55.16 33.28
N PRO B 111 0.45 53.95 33.74
CA PRO B 111 0.36 52.78 32.86
C PRO B 111 -0.98 52.71 32.13
N ASN B 112 -0.94 52.56 30.82
CA ASN B 112 -2.16 52.45 30.03
C ASN B 112 -1.93 51.54 28.83
N GLY B 113 -3.00 50.87 28.40
CA GLY B 113 -2.92 49.90 27.34
C GLY B 113 -3.43 50.47 26.03
N HIS B 114 -3.16 49.77 24.94
CA HIS B 114 -3.51 50.26 23.61
C HIS B 114 -3.88 49.09 22.72
N ILE B 115 -5.05 49.16 22.11
CA ILE B 115 -5.49 48.18 21.14
C ILE B 115 -4.84 48.45 19.80
N THR B 116 -3.78 47.74 19.45
CA THR B 116 -3.11 48.04 18.18
C THR B 116 -4.01 47.64 17.03
N SER B 117 -4.74 46.55 17.22
CA SER B 117 -5.48 45.98 16.11
C SER B 117 -6.57 45.06 16.64
N LEU B 118 -7.79 45.27 16.17
CA LEU B 118 -8.94 44.44 16.48
C LEU B 118 -9.53 43.99 15.15
N SER B 119 -9.56 42.71 14.89
CA SER B 119 -10.02 42.30 13.56
C SER B 119 -10.84 41.03 13.61
N VAL B 120 -11.96 41.03 12.88
CA VAL B 120 -12.86 39.88 12.79
C VAL B 120 -13.27 39.69 11.32
N MET B 121 -13.20 38.46 10.83
CA MET B 121 -13.68 38.15 9.47
C MET B 121 -15.15 38.55 9.31
N ARG B 122 -15.46 39.22 8.22
CA ARG B 122 -16.84 39.66 7.98
C ARG B 122 -17.80 38.47 7.99
N THR B 123 -17.33 37.30 7.55
CA THR B 123 -18.21 36.14 7.50
C THR B 123 -18.46 35.61 8.91
N TYR B 124 -17.67 36.06 9.88
CA TYR B 124 -17.92 35.71 11.29
C TYR B 124 -18.53 36.86 12.07
N ARG B 125 -19.26 37.71 11.36
CA ARG B 125 -20.05 38.74 12.03
C ARG B 125 -21.22 38.13 12.84
N ARG B 126 -21.66 38.87 13.85
CA ARG B 126 -22.82 38.49 14.65
CA ARG B 126 -22.82 38.50 14.67
C ARG B 126 -22.58 37.22 15.48
N MET B 127 -21.33 37.03 15.90
CA MET B 127 -20.94 35.88 16.73
C MET B 127 -20.35 36.34 18.08
N GLY B 128 -20.33 37.65 18.30
CA GLY B 128 -19.85 38.22 19.55
C GLY B 128 -18.34 38.15 19.69
N ILE B 129 -17.66 37.95 18.56
CA ILE B 129 -16.21 37.71 18.61
C ILE B 129 -15.39 38.93 19.02
N ALA B 130 -15.67 40.09 18.42
CA ALA B 130 -14.93 41.32 18.79
C ALA B 130 -15.13 41.63 20.26
N GLU B 131 -16.35 41.43 20.73
CA GLU B 131 -16.67 41.67 22.14
C GLU B 131 -15.92 40.73 23.10
N ASN B 132 -16.04 39.43 22.87
CA ASN B 132 -15.32 38.44 23.67
C ASN B 132 -13.82 38.69 23.68
N LEU B 133 -13.26 39.02 22.52
CA LEU B 133 -11.83 39.31 22.46
C LEU B 133 -11.44 40.54 23.29
N MET B 134 -12.23 41.61 23.17
CA MET B 134 -11.93 42.84 23.88
C MET B 134 -12.08 42.68 25.40
N ARG B 135 -13.06 41.92 25.85
CA ARG B 135 -13.24 41.72 27.28
C ARG B 135 -12.04 40.98 27.88
N GLN B 136 -11.53 39.98 27.15
CA GLN B 136 -10.33 39.29 27.59
C GLN B 136 -9.13 40.26 27.65
N ALA B 137 -9.00 41.08 26.61
CA ALA B 137 -7.88 42.00 26.51
C ALA B 137 -7.91 43.06 27.61
N LEU B 138 -9.09 43.61 27.86
CA LEU B 138 -9.26 44.62 28.91
C LEU B 138 -8.88 44.02 30.27
N PHE B 139 -9.42 42.85 30.58
CA PHE B 139 -9.13 42.18 31.84
C PHE B 139 -7.63 41.89 32.00
N ALA B 140 -7.01 41.36 30.94
CA ALA B 140 -5.56 41.10 30.93
C ALA B 140 -4.74 42.35 31.19
N LEU B 141 -5.12 43.46 30.56
CA LEU B 141 -4.38 44.70 30.69
C LEU B 141 -4.36 45.10 32.15
N ARG B 142 -5.48 44.90 32.82
CA ARG B 142 -5.55 45.26 34.23
C ARG B 142 -4.80 44.27 35.11
N GLU B 143 -5.02 42.99 34.85
CA GLU B 143 -4.51 41.94 35.70
C GLU B 143 -3.01 41.75 35.56
N VAL B 144 -2.53 41.77 34.33
CA VAL B 144 -1.15 41.41 34.07
C VAL B 144 -0.22 42.61 34.19
N HIS B 145 -0.70 43.76 33.72
CA HIS B 145 0.14 44.95 33.60
C HIS B 145 -0.33 46.07 34.49
N GLN B 146 -1.38 45.83 35.27
CA GLN B 146 -1.97 46.86 36.13
C GLN B 146 -2.26 48.15 35.35
N ALA B 147 -2.71 48.01 34.11
CA ALA B 147 -3.03 49.17 33.30
C ALA B 147 -4.15 49.97 33.98
N GLU B 148 -4.10 51.29 33.86
CA GLU B 148 -5.08 52.12 34.54
C GLU B 148 -6.21 52.49 33.60
N TYR B 149 -5.93 52.51 32.31
CA TYR B 149 -6.96 52.85 31.36
C TYR B 149 -6.56 52.46 29.96
N VAL B 150 -7.53 52.52 29.07
CA VAL B 150 -7.31 52.36 27.64
C VAL B 150 -8.04 53.49 26.96
N SER B 151 -7.33 54.20 26.09
CA SER B 151 -7.92 55.26 25.29
C SER B 151 -7.87 54.90 23.83
N LEU B 152 -8.77 55.51 23.08
CA LEU B 152 -8.77 55.34 21.64
C LEU B 152 -9.70 56.37 21.03
N HIS B 153 -9.57 56.55 19.72
CA HIS B 153 -10.44 57.44 18.96
CA HIS B 153 -10.46 57.42 18.97
C HIS B 153 -11.22 56.61 17.94
N VAL B 154 -12.47 57.00 17.69
CA VAL B 154 -13.31 56.33 16.67
C VAL B 154 -13.96 57.33 15.71
N ARG B 155 -13.93 57.07 14.40
CA ARG B 155 -14.46 58.10 13.49
C ARG B 155 -15.97 58.13 13.56
N GLN B 156 -16.53 59.31 13.32
CA GLN B 156 -17.94 59.58 13.59
C GLN B 156 -18.90 58.63 12.86
N SER B 157 -18.45 58.06 11.76
CA SER B 157 -19.36 57.28 10.90
C SER B 157 -19.18 55.79 11.12
N ASN B 158 -18.24 55.42 11.98
CA ASN B 158 -17.94 54.02 12.19
C ASN B 158 -18.86 53.46 13.27
N ARG B 159 -20.10 53.15 12.89
CA ARG B 159 -21.12 52.77 13.85
C ARG B 159 -20.82 51.50 14.64
N ALA B 160 -20.28 50.49 13.96
CA ALA B 160 -19.99 49.21 14.60
C ALA B 160 -19.00 49.43 15.74
N ALA B 161 -18.00 50.25 15.48
CA ALA B 161 -16.93 50.47 16.44
C ALA B 161 -17.43 51.33 17.59
N LEU B 162 -18.20 52.37 17.29
CA LEU B 162 -18.80 53.21 18.31
C LEU B 162 -19.65 52.40 19.28
N HIS B 163 -20.52 51.59 18.71
CA HIS B 163 -21.41 50.78 19.51
C HIS B 163 -20.62 49.79 20.39
N LEU B 164 -19.59 49.18 19.81
CA LEU B 164 -18.79 48.21 20.54
C LEU B 164 -18.08 48.84 21.72
N TYR B 165 -17.41 49.95 21.47
CA TYR B 165 -16.61 50.54 22.53
C TYR B 165 -17.46 51.35 23.53
N ARG B 166 -18.35 52.19 23.01
CA ARG B 166 -19.13 53.04 23.90
C ARG B 166 -20.23 52.26 24.62
N ASP B 167 -20.93 51.40 23.89
CA ASP B 167 -22.12 50.77 24.47
C ASP B 167 -21.75 49.42 25.03
N THR B 168 -21.37 48.47 24.17
CA THR B 168 -21.07 47.12 24.63
C THR B 168 -19.99 47.09 25.71
N LEU B 169 -18.88 47.80 25.51
CA LEU B 169 -17.76 47.76 26.45
C LEU B 169 -17.75 48.93 27.45
N ALA B 170 -18.75 49.81 27.34
CA ALA B 170 -18.90 50.94 28.26
C ALA B 170 -17.67 51.85 28.39
N PHE B 171 -16.97 52.10 27.29
CA PHE B 171 -15.99 53.20 27.24
C PHE B 171 -16.74 54.51 27.44
N GLU B 172 -16.13 55.46 28.16
CA GLU B 172 -16.71 56.79 28.28
C GLU B 172 -16.28 57.64 27.08
N VAL B 173 -17.19 58.47 26.58
CA VAL B 173 -16.83 59.46 25.57
C VAL B 173 -16.32 60.73 26.24
N LEU B 174 -15.01 60.98 26.16
CA LEU B 174 -14.43 62.18 26.75
C LEU B 174 -14.85 63.44 25.99
N SER B 175 -14.78 63.36 24.67
CA SER B 175 -15.02 64.52 23.83
C SER B 175 -15.18 64.11 22.37
N ILE B 176 -15.74 65.03 21.58
CA ILE B 176 -15.71 64.93 20.14
C ILE B 176 -14.53 65.77 19.64
N GLU B 177 -13.58 65.14 18.98
CA GLU B 177 -12.47 65.87 18.37
C GLU B 177 -12.89 66.35 16.98
N LYS B 178 -13.13 67.64 16.83
CA LYS B 178 -13.71 68.12 15.59
C LYS B 178 -12.71 68.09 14.45
N SER B 179 -13.13 67.60 13.28
CA SER B 179 -12.28 67.55 12.10
C SER B 179 -11.00 66.78 12.37
N TYR B 180 -11.11 65.72 13.15
CA TYR B 180 -9.95 64.94 13.53
C TYR B 180 -9.29 64.34 12.29
N TYR B 181 -10.13 63.90 11.35
CA TYR B 181 -9.67 63.21 10.16
C TYR B 181 -9.52 64.16 9.00
N GLN B 182 -8.61 63.80 8.09
CA GLN B 182 -8.31 64.65 6.96
C GLN B 182 -9.54 64.91 6.11
N ASP B 183 -10.48 63.96 6.09
CA ASP B 183 -11.69 64.21 5.28
C ASP B 183 -12.76 65.03 6.04
N GLY B 184 -12.39 65.59 7.19
CA GLY B 184 -13.25 66.48 7.94
C GLY B 184 -14.06 65.79 9.03
N GLU B 185 -14.04 64.45 9.03
CA GLU B 185 -14.82 63.67 9.98
C GLU B 185 -14.36 63.93 11.40
N ASP B 186 -15.33 64.07 12.31
CA ASP B 186 -15.04 64.13 13.74
C ASP B 186 -14.57 62.79 14.25
N ALA B 187 -13.89 62.80 15.39
CA ALA B 187 -13.57 61.57 16.11
C ALA B 187 -14.22 61.57 17.50
N TYR B 188 -14.68 60.41 17.96
CA TYR B 188 -15.07 60.22 19.36
C TYR B 188 -13.84 59.78 20.15
N ALA B 189 -13.39 60.64 21.07
CA ALA B 189 -12.26 60.31 21.93
C ALA B 189 -12.81 59.57 23.14
N MET B 190 -12.36 58.33 23.31
CA MET B 190 -12.95 57.47 24.33
C MET B 190 -11.90 56.94 25.28
N LYS B 191 -12.34 56.62 26.49
CA LYS B 191 -11.44 56.10 27.50
C LYS B 191 -12.19 55.22 28.46
N LYS B 192 -11.57 54.11 28.83
CA LYS B 192 -12.10 53.22 29.85
C LYS B 192 -11.13 53.10 30.99
N VAL B 193 -11.57 53.51 32.17
CA VAL B 193 -10.84 53.30 33.39
C VAL B 193 -10.97 51.83 33.78
N LEU B 194 -9.83 51.20 34.05
CA LEU B 194 -9.80 49.77 34.25
C LEU B 194 -9.77 49.40 35.72
N LYS B 195 -10.77 48.62 36.15
CA LYS B 195 -10.80 48.10 37.51
C LYS B 195 -11.07 46.61 37.46
N LEU B 196 -10.30 45.83 38.18
CA LEU B 196 -10.35 44.37 38.05
C LEU B 196 -11.73 43.80 38.36
N GLU B 197 -12.31 44.23 39.47
CA GLU B 197 -13.64 43.77 39.87
C GLU B 197 -14.70 44.11 38.81
N GLU B 198 -14.51 45.20 38.07
CA GLU B 198 -15.48 45.58 37.04
C GLU B 198 -15.30 44.82 35.72
N LEU B 199 -14.11 44.27 35.51
CA LEU B 199 -13.79 43.69 34.21
C LEU B 199 -13.92 42.18 34.22
N GLN B 200 -14.08 41.60 35.42
CA GLN B 200 -14.24 40.16 35.56
C GLN B 200 -15.23 39.64 34.51
N ILE B 201 -14.75 38.72 33.69
CA ILE B 201 -15.55 38.17 32.59
C ILE B 201 -16.89 37.63 33.06
N SER B 202 -16.96 37.09 34.28
CA SER B 202 -18.23 36.58 34.81
C SER B 202 -19.28 37.66 35.00
N ASN B 203 -18.85 38.92 35.01
CA ASN B 203 -19.81 40.03 35.09
C ASN B 203 -20.76 40.09 33.90
N PHE B 204 -20.33 39.56 32.77
CA PHE B 204 -21.03 39.77 31.51
C PHE B 204 -21.64 38.47 30.95
N THR B 205 -21.65 37.42 31.76
CA THR B 205 -22.09 36.11 31.26
C THR B 205 -23.58 36.05 30.97
N HIS B 206 -24.35 36.93 31.59
CA HIS B 206 -25.79 36.98 31.40
C HIS B 206 -26.28 38.30 30.79
N ARG B 207 -25.39 39.01 30.12
CA ARG B 207 -25.76 40.28 29.52
C ARG B 207 -26.85 40.14 28.47
N ARG B 208 -27.72 41.15 28.40
CA ARG B 208 -28.80 41.21 27.41
C ARG B 208 -29.67 39.96 27.46
N LEU B 209 -30.08 39.58 28.67
CA LEU B 209 -30.93 38.41 28.87
C LEU B 209 -31.62 38.45 30.23
N LYS B 215 -29.98 34.50 37.42
CA LYS B 215 -28.65 34.58 36.85
C LYS B 215 -27.63 33.82 37.70
N LEU B 216 -27.39 32.56 37.36
CA LEU B 216 -26.53 31.69 38.17
C LEU B 216 -25.04 31.83 37.83
N GLU B 217 -24.18 31.57 38.81
CA GLU B 217 -22.75 31.58 38.55
C GLU B 217 -22.05 30.52 39.38
N ASP B 218 -20.91 30.03 38.90
CA ASP B 218 -20.12 29.02 39.60
C ASP B 218 -19.42 29.64 40.80
N ASP B 219 -19.60 29.08 41.99
CA ASP B 219 -18.98 29.72 43.13
C ASP B 219 -17.54 29.24 43.37
N LEU B 220 -17.16 28.18 42.67
CA LEU B 220 -15.78 27.67 42.69
C LEU B 220 -15.42 26.98 44.01
N GLU B 221 -16.39 26.80 44.88
CA GLU B 221 -16.15 26.11 46.14
C GLU B 221 -17.07 24.92 46.28
N SER B 222 -18.31 25.07 45.83
CA SER B 222 -19.27 24.00 45.83
C SER B 222 -18.71 22.77 45.10
N ASP B 223 -19.25 21.61 45.43
CA ASP B 223 -18.93 20.40 44.69
C ASP B 223 -19.90 20.32 43.53
N LEU B 224 -19.44 20.72 42.36
CA LEU B 224 -20.30 20.92 41.20
C LEU B 224 -20.97 19.62 40.77
N LEU B 225 -20.19 18.57 40.59
CA LEU B 225 -20.77 17.32 40.12
C LEU B 225 -21.80 16.76 41.14
N GLU B 226 -21.48 16.84 42.42
CA GLU B 226 -22.40 16.36 43.46
C GLU B 226 -23.71 17.16 43.47
N ASP B 227 -23.59 18.48 43.37
CA ASP B 227 -24.75 19.36 43.42
C ASP B 227 -25.65 19.04 42.25
N ILE B 228 -25.04 18.76 41.11
CA ILE B 228 -25.79 18.43 39.93
C ILE B 228 -26.56 17.13 40.08
N ILE B 229 -25.91 16.14 40.68
CA ILE B 229 -26.53 14.83 40.83
C ILE B 229 -27.75 14.97 41.75
N LYS B 230 -27.58 15.71 42.83
CA LYS B 230 -28.67 15.98 43.76
C LYS B 230 -29.80 16.83 43.14
N GLN B 231 -29.46 17.78 42.27
CA GLN B 231 -30.51 18.59 41.64
C GLN B 231 -31.36 17.73 40.71
N GLY B 232 -30.72 16.82 39.98
CA GLY B 232 -31.41 15.96 39.04
C GLY B 232 -32.40 15.06 39.75
N VAL B 233 -32.03 14.66 40.96
CA VAL B 233 -32.88 13.87 41.82
C VAL B 233 -34.21 14.60 42.10
N ASN B 234 -34.22 15.93 41.98
CA ASN B 234 -35.48 16.67 42.05
C ASN B 234 -36.14 16.73 40.67
N ASP B 235 -36.99 15.73 40.43
CA ASP B 235 -37.82 15.50 39.24
C ASP B 235 -37.42 14.19 38.59
N LEU C 25 7.78 -66.80 21.79
CA LEU C 25 8.30 -66.29 20.52
C LEU C 25 7.87 -67.17 19.35
N GLU C 26 7.23 -68.28 19.66
CA GLU C 26 6.60 -69.09 18.62
C GLU C 26 5.51 -68.25 17.96
N ALA C 27 4.87 -67.40 18.76
CA ALA C 27 3.87 -66.48 18.27
C ALA C 27 4.49 -65.57 17.20
N LEU C 28 5.76 -65.22 17.41
CA LEU C 28 6.49 -64.31 16.54
C LEU C 28 6.81 -64.93 15.19
N LYS C 29 7.31 -66.17 15.20
CA LYS C 29 7.58 -66.88 13.96
C LYS C 29 6.31 -66.91 13.13
N LEU C 30 5.19 -67.20 13.79
CA LEU C 30 3.86 -67.18 13.16
C LEU C 30 3.45 -65.79 12.69
N TYR C 31 4.09 -64.75 13.22
CA TYR C 31 3.86 -63.40 12.74
C TYR C 31 4.76 -63.08 11.53
N GLU C 32 5.98 -63.60 11.56
CA GLU C 32 6.96 -63.32 10.51
C GLU C 32 6.71 -64.10 9.21
N VAL C 54 4.46 -58.71 28.65
CA VAL C 54 4.12 -57.53 27.84
C VAL C 54 4.55 -57.75 26.38
N ASP C 55 5.60 -58.54 26.19
CA ASP C 55 6.03 -58.98 24.86
C ASP C 55 4.88 -59.63 24.09
N SER C 56 3.91 -60.15 24.83
CA SER C 56 2.71 -60.74 24.27
C SER C 56 1.66 -59.68 23.95
N LEU C 57 1.51 -58.71 24.84
CA LEU C 57 0.51 -57.66 24.64
C LEU C 57 0.92 -56.71 23.52
N ALA C 58 2.20 -56.74 23.16
CA ALA C 58 2.71 -55.92 22.07
C ALA C 58 2.44 -56.61 20.74
N LEU C 59 2.85 -57.87 20.63
CA LEU C 59 2.59 -58.68 19.45
C LEU C 59 1.10 -58.75 19.15
N LYS C 60 0.29 -59.11 20.14
CA LYS C 60 -1.15 -59.20 19.98
C LYS C 60 -1.71 -57.93 19.33
N GLY C 61 -1.17 -56.78 19.74
CA GLY C 61 -1.53 -55.51 19.12
C GLY C 61 -1.17 -55.51 17.65
N LEU C 62 0.04 -55.97 17.34
CA LEU C 62 0.53 -55.93 15.97
C LEU C 62 -0.28 -56.89 15.10
N ASP C 63 -0.61 -58.05 15.66
CA ASP C 63 -1.43 -59.04 14.98
C ASP C 63 -2.82 -58.51 14.69
N LEU C 64 -3.50 -58.06 15.74
CA LEU C 64 -4.80 -57.40 15.59
C LEU C 64 -4.76 -56.41 14.43
N TYR C 65 -3.68 -55.61 14.39
CA TYR C 65 -3.50 -54.65 13.32
C TYR C 65 -3.33 -55.38 11.99
N SER C 66 -2.47 -56.39 11.98
CA SER C 66 -2.11 -57.10 10.76
C SER C 66 -3.28 -57.86 10.16
N VAL C 67 -4.49 -57.57 10.63
CA VAL C 67 -5.64 -58.37 10.26
C VAL C 67 -6.91 -57.50 10.22
N GLY C 68 -6.76 -56.20 10.45
CA GLY C 68 -7.84 -55.26 10.25
C GLY C 68 -8.57 -54.81 11.51
N GLU C 69 -8.46 -55.59 12.57
CA GLU C 69 -9.04 -55.19 13.86
C GLU C 69 -8.19 -54.08 14.48
N LYS C 70 -8.41 -52.86 13.99
CA LYS C 70 -7.51 -51.75 14.29
C LYS C 70 -7.78 -51.16 15.68
N ASP C 71 -9.04 -50.87 15.95
CA ASP C 71 -9.42 -50.26 17.22
C ASP C 71 -9.04 -51.15 18.39
N ASP C 72 -9.16 -52.46 18.20
CA ASP C 72 -8.74 -53.42 19.22
C ASP C 72 -7.22 -53.47 19.31
N ALA C 73 -6.55 -53.50 18.17
CA ALA C 73 -5.09 -53.49 18.11
C ALA C 73 -4.53 -52.32 18.93
N ALA C 74 -5.11 -51.15 18.70
CA ALA C 74 -4.76 -49.95 19.42
C ALA C 74 -4.85 -50.15 20.94
N SER C 75 -5.91 -50.82 21.37
CA SER C 75 -6.16 -51.01 22.79
C SER C 75 -5.09 -51.89 23.44
N TYR C 76 -4.71 -52.98 22.77
CA TYR C 76 -3.73 -53.91 23.34
C TYR C 76 -2.34 -53.29 23.32
N VAL C 77 -2.15 -52.29 22.47
CA VAL C 77 -0.89 -51.56 22.45
C VAL C 77 -0.87 -50.51 23.55
N ALA C 78 -1.99 -49.79 23.69
CA ALA C 78 -2.07 -48.73 24.70
C ALA C 78 -1.89 -49.29 26.09
N ASN C 79 -1.96 -50.62 26.19
CA ASN C 79 -1.90 -51.30 27.48
C ASN C 79 -0.52 -51.89 27.76
N ALA C 80 0.09 -52.48 26.75
CA ALA C 80 1.46 -52.99 26.88
C ALA C 80 2.39 -51.83 27.21
N ILE C 81 1.99 -50.64 26.77
CA ILE C 81 2.70 -49.40 27.03
C ILE C 81 2.42 -48.91 28.44
N ARG C 82 1.15 -48.93 28.81
CA ARG C 82 0.70 -48.61 30.16
C ARG C 82 1.49 -49.43 31.18
N LYS C 83 1.73 -50.69 30.85
CA LYS C 83 2.43 -51.63 31.73
C LYS C 83 3.94 -51.59 31.53
N ILE C 84 4.47 -50.44 31.11
CA ILE C 84 5.90 -50.33 30.83
C ILE C 84 6.53 -49.21 31.65
N GLU C 85 7.80 -49.38 32.01
CA GLU C 85 8.51 -48.37 32.80
C GLU C 85 9.17 -47.34 31.88
N SER C 88 11.61 -49.62 30.55
CA SER C 88 12.72 -50.49 30.19
C SER C 88 12.22 -51.84 29.65
N ALA C 89 11.51 -51.79 28.53
CA ALA C 89 10.96 -52.98 27.90
C ALA C 89 12.05 -53.80 27.22
N SER C 90 11.71 -55.01 26.79
CA SER C 90 12.65 -55.85 26.06
C SER C 90 12.91 -55.26 24.67
N PRO C 91 14.09 -55.56 24.12
CA PRO C 91 14.46 -55.20 22.74
C PRO C 91 13.33 -55.53 21.75
N ILE C 92 12.88 -56.78 21.75
CA ILE C 92 11.79 -57.23 20.89
C ILE C 92 10.52 -56.40 21.07
N CYS C 93 10.18 -56.07 22.32
CA CYS C 93 8.95 -55.33 22.57
C CYS C 93 9.05 -53.94 22.00
N CYS C 94 10.25 -53.37 22.07
CA CYS C 94 10.50 -52.04 21.51
C CYS C 94 10.45 -52.09 19.99
N HIS C 95 10.96 -53.18 19.43
CA HIS C 95 10.97 -53.40 18.00
C HIS C 95 9.55 -53.50 17.47
N VAL C 96 8.73 -54.29 18.16
CA VAL C 96 7.34 -54.52 17.78
C VAL C 96 6.52 -53.25 17.85
N LEU C 97 6.72 -52.47 18.91
CA LEU C 97 6.00 -51.21 19.06
C LEU C 97 6.46 -50.22 17.98
N GLY C 98 7.76 -50.22 17.70
CA GLY C 98 8.31 -49.38 16.64
C GLY C 98 7.65 -49.70 15.31
N ILE C 99 7.54 -50.99 15.01
CA ILE C 99 6.96 -51.42 13.75
C ILE C 99 5.49 -51.01 13.70
N TYR C 100 4.80 -51.20 14.82
CA TYR C 100 3.40 -50.82 14.94
C TYR C 100 3.22 -49.31 14.72
N MET C 101 4.04 -48.51 15.42
CA MET C 101 3.95 -47.06 15.31
C MET C 101 4.23 -46.57 13.89
N ARG C 102 5.12 -47.26 13.18
CA ARG C 102 5.35 -46.92 11.79
C ARG C 102 4.14 -47.29 10.94
N ASN C 103 3.55 -48.46 11.21
CA ASN C 103 2.39 -48.89 10.44
C ASN C 103 1.23 -47.92 10.58
N THR C 104 1.04 -47.41 11.78
CA THR C 104 -0.03 -46.46 12.05
C THR C 104 0.40 -45.02 11.79
N LYS C 105 1.59 -44.84 11.23
CA LYS C 105 2.12 -43.53 10.82
C LYS C 105 2.44 -42.61 12.01
N GLU C 106 2.68 -43.18 13.18
CA GLU C 106 3.16 -42.41 14.32
C GLU C 106 4.69 -42.39 14.31
N TYR C 107 5.25 -41.57 13.41
CA TYR C 107 6.66 -41.67 13.08
C TYR C 107 7.57 -41.24 14.23
N LYS C 108 7.20 -40.19 14.94
CA LYS C 108 7.97 -39.78 16.11
C LYS C 108 7.97 -40.87 17.18
N GLU C 109 6.80 -41.48 17.40
CA GLU C 109 6.67 -42.56 18.38
C GLU C 109 7.49 -43.75 17.98
N SER C 110 7.47 -44.04 16.68
CA SER C 110 8.18 -45.16 16.12
C SER C 110 9.67 -44.99 16.40
N ILE C 111 10.15 -43.75 16.22
CA ILE C 111 11.55 -43.43 16.48
C ILE C 111 11.90 -43.69 17.93
N LYS C 112 11.04 -43.28 18.86
CA LYS C 112 11.30 -43.52 20.29
C LYS C 112 11.49 -45.01 20.59
N TRP C 113 10.65 -45.84 19.97
CA TRP C 113 10.64 -47.26 20.33
C TRP C 113 11.80 -48.02 19.71
N PHE C 114 12.18 -47.63 18.49
CA PHE C 114 13.34 -48.21 17.82
C PHE C 114 14.66 -47.87 18.51
N THR C 115 14.82 -46.62 18.97
CA THR C 115 16.05 -46.27 19.65
C THR C 115 16.06 -46.91 21.03
N ALA C 116 14.89 -47.00 21.65
CA ALA C 116 14.77 -47.68 22.93
C ALA C 116 15.17 -49.14 22.80
N ALA C 117 14.89 -49.73 21.64
CA ALA C 117 15.24 -51.12 21.39
C ALA C 117 16.77 -51.28 21.38
N LEU C 118 17.45 -50.29 20.80
CA LEU C 118 18.91 -50.28 20.79
C LEU C 118 19.44 -50.04 22.18
N ASN C 119 18.81 -49.09 22.88
CA ASN C 119 19.23 -48.70 24.22
C ASN C 119 19.12 -49.83 25.23
N ASN C 120 18.21 -50.76 24.97
CA ASN C 120 17.96 -51.87 25.89
C ASN C 120 18.59 -53.18 25.41
N GLY C 121 19.55 -53.05 24.50
CA GLY C 121 20.46 -54.15 24.21
C GLY C 121 20.31 -54.89 22.90
N SER C 122 19.49 -54.37 21.99
CA SER C 122 19.23 -55.05 20.73
C SER C 122 20.48 -55.16 19.88
N THR C 123 20.59 -56.26 19.14
CA THR C 123 21.76 -56.52 18.29
C THR C 123 21.41 -56.38 16.82
N ASN C 124 20.20 -55.91 16.56
CA ASN C 124 19.74 -55.73 15.20
C ASN C 124 20.19 -54.40 14.63
N LYS C 125 21.30 -54.40 13.90
CA LYS C 125 21.84 -53.16 13.35
C LYS C 125 20.96 -52.58 12.22
N GLN C 126 20.07 -53.39 11.67
CA GLN C 126 19.14 -52.94 10.64
C GLN C 126 18.20 -51.86 11.17
N ILE C 127 18.12 -51.74 12.50
CA ILE C 127 17.29 -50.74 13.15
C ILE C 127 17.73 -49.33 12.79
N TYR C 128 19.03 -49.17 12.56
CA TYR C 128 19.55 -47.84 12.24
C TYR C 128 18.99 -47.31 10.92
N ARG C 129 18.69 -48.22 9.99
CA ARG C 129 18.13 -47.79 8.71
C ARG C 129 16.62 -47.49 8.85
N ASP C 130 15.93 -48.25 9.69
CA ASP C 130 14.57 -47.88 10.10
C ASP C 130 14.56 -46.48 10.67
N LEU C 131 15.51 -46.20 11.56
CA LEU C 131 15.61 -44.87 12.18
C LEU C 131 15.89 -43.79 11.13
N ALA C 132 16.89 -44.02 10.29
CA ALA C 132 17.24 -43.03 9.28
C ALA C 132 16.09 -42.74 8.32
N THR C 133 15.37 -43.78 7.94
CA THR C 133 14.12 -43.63 7.18
C THR C 133 13.13 -42.72 7.91
N LEU C 134 12.84 -43.06 9.17
CA LEU C 134 11.88 -42.30 9.94
C LEU C 134 12.32 -40.87 10.23
N GLN C 135 13.60 -40.69 10.51
CA GLN C 135 14.15 -39.38 10.84
C GLN C 135 14.17 -38.48 9.62
N SER C 136 14.43 -39.07 8.46
CA SER C 136 14.41 -38.33 7.22
C SER C 136 12.99 -37.86 6.93
N GLN C 137 12.02 -38.75 7.14
CA GLN C 137 10.61 -38.47 6.90
C GLN C 137 10.13 -37.25 7.71
N ILE C 138 10.48 -37.18 8.99
CA ILE C 138 10.01 -36.08 9.84
C ILE C 138 10.96 -34.88 9.79
N GLY C 139 11.95 -34.94 8.90
CA GLY C 139 12.87 -33.83 8.70
C GLY C 139 13.95 -33.68 9.75
N ASP C 140 14.18 -34.71 10.55
CA ASP C 140 15.25 -34.61 11.55
C ASP C 140 16.55 -35.14 10.94
N PHE C 141 17.15 -34.35 10.04
CA PHE C 141 18.30 -34.84 9.29
C PHE C 141 19.57 -34.85 10.12
N LYS C 142 19.61 -34.10 11.22
CA LYS C 142 20.78 -34.16 12.09
C LYS C 142 20.88 -35.56 12.74
N ASN C 143 19.79 -36.04 13.32
CA ASN C 143 19.84 -37.39 13.86
C ASN C 143 19.93 -38.44 12.75
N ALA C 144 19.33 -38.15 11.60
CA ALA C 144 19.36 -39.10 10.49
C ALA C 144 20.80 -39.34 10.04
N LEU C 145 21.61 -38.27 10.04
CA LEU C 145 23.04 -38.38 9.76
C LEU C 145 23.73 -39.36 10.72
N VAL C 146 23.42 -39.27 12.02
CA VAL C 146 23.93 -40.23 13.01
C VAL C 146 23.56 -41.67 12.65
N SER C 147 22.29 -41.89 12.31
CA SER C 147 21.83 -43.23 11.96
C SER C 147 22.50 -43.77 10.70
N ARG C 148 22.72 -42.90 9.71
CA ARG C 148 23.38 -43.30 8.48
C ARG C 148 24.83 -43.72 8.76
N LYS C 149 25.52 -42.93 9.58
CA LYS C 149 26.85 -43.27 10.07
C LYS C 149 26.87 -44.69 10.64
N LYS C 150 26.04 -44.93 11.65
CA LYS C 150 25.99 -46.22 12.33
C LYS C 150 25.66 -47.37 11.38
N TYR C 151 24.71 -47.16 10.50
CA TYR C 151 24.30 -48.22 9.60
C TYR C 151 25.42 -48.47 8.59
N TRP C 152 26.04 -47.39 8.13
CA TRP C 152 27.16 -47.48 7.21
C TRP C 152 28.29 -48.34 7.80
N GLU C 153 28.63 -48.10 9.07
CA GLU C 153 29.67 -48.88 9.74
C GLU C 153 29.35 -50.37 9.80
N ALA C 154 28.08 -50.70 10.00
CA ALA C 154 27.66 -52.09 10.15
C ALA C 154 27.56 -52.81 8.80
N PHE C 155 27.40 -52.04 7.73
CA PHE C 155 27.19 -52.65 6.41
C PHE C 155 27.92 -51.86 5.33
N LEU C 156 29.24 -51.91 5.39
CA LEU C 156 30.10 -51.14 4.49
C LEU C 156 30.11 -51.69 3.06
N GLY C 157 29.63 -52.93 2.90
CA GLY C 157 29.71 -53.63 1.62
C GLY C 157 28.66 -53.24 0.59
N TYR C 158 27.80 -52.28 0.93
CA TYR C 158 26.75 -51.85 0.00
C TYR C 158 26.92 -50.38 -0.35
N ARG C 159 27.09 -50.09 -1.65
CA ARG C 159 27.32 -48.72 -2.08
C ARG C 159 26.18 -47.81 -1.58
N ALA C 160 24.96 -48.36 -1.61
CA ALA C 160 23.76 -47.67 -1.16
C ALA C 160 23.99 -46.95 0.16
N ASN C 161 24.70 -47.60 1.07
CA ASN C 161 24.93 -47.01 2.39
C ASN C 161 26.01 -45.92 2.37
N TRP C 162 26.88 -45.94 1.36
CA TRP C 162 27.84 -44.85 1.18
C TRP C 162 27.10 -43.63 0.61
N THR C 163 26.29 -43.88 -0.41
CA THR C 163 25.48 -42.83 -1.01
C THR C 163 24.55 -42.19 0.01
N SER C 164 23.88 -43.00 0.85
CA SER C 164 22.92 -42.42 1.79
C SER C 164 23.65 -41.64 2.87
N LEU C 165 24.84 -42.08 3.24
CA LEU C 165 25.65 -41.30 4.18
C LEU C 165 26.07 -39.95 3.58
N ALA C 166 26.44 -39.95 2.30
CA ALA C 166 26.90 -38.73 1.65
C ALA C 166 25.75 -37.72 1.50
N VAL C 167 24.56 -38.23 1.20
CA VAL C 167 23.36 -37.39 1.13
C VAL C 167 23.02 -36.76 2.46
N ALA C 168 23.09 -37.55 3.53
CA ALA C 168 22.85 -36.99 4.86
C ALA C 168 23.87 -35.91 5.18
N GLN C 169 25.14 -36.14 4.82
CA GLN C 169 26.18 -35.16 5.05
C GLN C 169 25.89 -33.87 4.27
N ASP C 170 25.58 -34.04 2.99
CA ASP C 170 25.23 -32.94 2.11
C ASP C 170 24.08 -32.09 2.70
N VAL C 171 22.99 -32.76 3.08
CA VAL C 171 21.81 -32.10 3.65
C VAL C 171 22.11 -31.38 4.97
N ASN C 172 23.06 -31.88 5.74
CA ASN C 172 23.48 -31.20 6.96
C ASN C 172 24.57 -30.13 6.71
N GLY C 173 24.84 -29.82 5.46
CA GLY C 173 25.77 -28.74 5.12
C GLY C 173 27.23 -29.15 5.15
N GLU C 174 27.47 -30.46 5.30
CA GLU C 174 28.85 -30.95 5.32
C GLU C 174 29.25 -31.38 3.92
N ARG C 175 29.47 -30.39 3.07
CA ARG C 175 29.65 -30.64 1.65
C ARG C 175 30.94 -31.36 1.35
N GLN C 176 32.02 -30.94 2.00
CA GLN C 176 33.31 -31.55 1.76
C GLN C 176 33.34 -32.97 2.31
N GLN C 177 32.66 -33.18 3.43
CA GLN C 177 32.49 -34.54 3.96
C GLN C 177 31.75 -35.40 2.93
N ALA C 178 30.67 -34.85 2.38
CA ALA C 178 29.87 -35.57 1.39
C ALA C 178 30.70 -35.91 0.17
N ILE C 179 31.47 -34.95 -0.31
CA ILE C 179 32.31 -35.18 -1.48
C ILE C 179 33.37 -36.25 -1.19
N ASN C 180 33.93 -36.25 0.02
CA ASN C 180 34.94 -37.24 0.37
C ASN C 180 34.35 -38.65 0.41
N THR C 181 33.19 -38.77 1.04
CA THR C 181 32.51 -40.06 1.12
C THR C 181 32.30 -40.63 -0.26
N LEU C 182 31.79 -39.80 -1.16
CA LEU C 182 31.50 -40.23 -2.53
C LEU C 182 32.81 -40.53 -3.26
N SER C 183 33.82 -39.68 -3.05
CA SER C 183 35.12 -39.85 -3.70
C SER C 183 35.82 -41.14 -3.27
N GLN C 184 35.73 -41.48 -2.00
CA GLN C 184 36.35 -42.72 -1.52
C GLN C 184 35.72 -43.94 -2.20
N PHE C 185 34.39 -43.98 -2.29
CA PHE C 185 33.78 -45.13 -2.95
C PHE C 185 34.19 -45.23 -4.42
N GLU C 186 34.30 -44.09 -5.10
CA GLU C 186 34.83 -44.04 -6.47
C GLU C 186 36.17 -44.79 -6.64
N LYS C 187 37.10 -44.56 -5.72
CA LYS C 187 38.40 -45.23 -5.82
C LYS C 187 38.23 -46.74 -5.71
N LEU C 188 37.36 -47.18 -4.81
CA LEU C 188 37.07 -48.61 -4.65
C LEU C 188 36.51 -49.19 -5.94
N ALA C 189 35.71 -48.40 -6.62
CA ALA C 189 34.95 -48.85 -7.77
C ALA C 189 35.82 -49.02 -9.02
N GLU C 190 37.00 -48.40 -9.03
CA GLU C 190 37.93 -48.54 -10.14
C GLU C 190 38.24 -50.02 -10.43
N ILE C 193 33.62 -51.48 -12.72
CA ILE C 193 32.17 -51.48 -12.56
C ILE C 193 31.48 -52.32 -13.63
N SER C 194 30.67 -53.27 -13.18
CA SER C 194 29.90 -54.11 -14.08
C SER C 194 28.83 -53.30 -14.82
N ASP C 195 28.32 -53.86 -15.90
CA ASP C 195 27.24 -53.22 -16.65
C ASP C 195 26.05 -52.96 -15.73
N SER C 196 25.88 -53.82 -14.73
CA SER C 196 24.78 -53.68 -13.77
C SER C 196 24.97 -52.48 -12.82
N GLU C 197 26.17 -51.95 -12.74
CA GLU C 197 26.47 -50.91 -11.75
C GLU C 197 26.75 -49.55 -12.38
N LYS C 198 26.82 -49.51 -13.70
CA LYS C 198 27.20 -48.31 -14.45
C LYS C 198 26.21 -47.16 -14.27
N TYR C 199 24.92 -47.47 -14.27
CA TYR C 199 23.91 -46.41 -14.13
C TYR C 199 24.09 -45.70 -12.78
N GLU C 200 24.14 -46.48 -11.71
CA GLU C 200 24.38 -45.98 -10.35
C GLU C 200 25.65 -45.13 -10.24
N HIS C 201 26.74 -45.64 -10.84
CA HIS C 201 28.03 -44.95 -10.86
C HIS C 201 27.89 -43.60 -11.57
N SER C 202 27.31 -43.62 -12.77
CA SER C 202 27.03 -42.40 -13.50
C SER C 202 26.30 -41.38 -12.63
N GLU C 203 25.26 -41.84 -11.93
CA GLU C 203 24.43 -40.97 -11.08
C GLU C 203 25.22 -40.40 -9.93
N CYS C 204 26.08 -41.21 -9.34
CA CYS C 204 26.88 -40.74 -8.19
C CYS C 204 27.98 -39.75 -8.62
N LEU C 205 28.51 -39.92 -9.82
CA LEU C 205 29.46 -38.97 -10.36
C LEU C 205 28.79 -37.60 -10.54
N MET C 206 27.60 -37.56 -11.16
CA MET C 206 26.94 -36.27 -11.41
C MET C 206 26.56 -35.62 -10.10
N TYR C 207 26.13 -36.44 -9.15
CA TYR C 207 25.70 -35.95 -7.85
C TYR C 207 26.89 -35.28 -7.17
N LYS C 208 28.06 -35.89 -7.25
CA LYS C 208 29.24 -35.25 -6.66
C LYS C 208 29.50 -33.92 -7.35
N ASN C 209 29.39 -33.90 -8.67
CA ASN C 209 29.53 -32.64 -9.39
C ASN C 209 28.51 -31.59 -8.92
N ASP C 210 27.26 -31.98 -8.66
CA ASP C 210 26.28 -31.09 -8.02
C ASP C 210 26.82 -30.46 -6.76
N ILE C 211 27.36 -31.28 -5.87
CA ILE C 211 27.80 -30.76 -4.60
C ILE C 211 28.95 -29.77 -4.83
N MET C 212 29.88 -30.15 -5.70
CA MET C 212 31.00 -29.27 -6.02
C MET C 212 30.52 -27.97 -6.67
N TYR C 213 29.50 -28.10 -7.51
CA TYR C 213 28.96 -26.94 -8.21
C TYR C 213 28.31 -25.96 -7.23
N LYS C 214 27.52 -26.48 -6.29
CA LYS C 214 26.98 -25.70 -5.19
C LYS C 214 28.07 -24.94 -4.43
N ALA C 215 29.13 -25.65 -4.03
CA ALA C 215 30.17 -25.06 -3.19
C ALA C 215 31.01 -24.00 -3.90
N ALA C 216 31.00 -23.98 -5.24
CA ALA C 216 31.82 -23.03 -5.98
C ALA C 216 31.18 -21.65 -6.02
N SER C 217 29.85 -21.59 -5.90
CA SER C 217 29.13 -20.33 -5.99
C SER C 217 29.57 -19.56 -7.23
N ASP C 218 30.02 -18.32 -7.04
CA ASP C 218 30.44 -17.48 -8.15
C ASP C 218 31.96 -17.42 -8.25
N ASN C 219 32.65 -18.17 -7.39
CA ASN C 219 34.11 -18.18 -7.38
C ASN C 219 34.68 -18.79 -8.66
N GLN C 220 35.27 -17.94 -9.49
CA GLN C 220 35.78 -18.32 -10.81
C GLN C 220 36.72 -19.51 -10.84
N ASP C 221 37.64 -19.60 -9.89
CA ASP C 221 38.63 -20.69 -9.87
C ASP C 221 37.99 -22.02 -9.58
N LYS C 222 37.15 -22.05 -8.54
CA LYS C 222 36.45 -23.25 -8.14
C LYS C 222 35.55 -23.76 -9.27
N LEU C 223 34.87 -22.83 -9.93
CA LEU C 223 34.03 -23.14 -11.09
C LEU C 223 34.85 -23.80 -12.20
N GLN C 224 36.07 -23.32 -12.37
CA GLN C 224 36.97 -23.91 -13.35
C GLN C 224 37.32 -25.36 -12.97
N ASN C 225 37.49 -25.61 -11.67
CA ASN C 225 37.72 -26.95 -11.17
C ASN C 225 36.48 -27.84 -11.31
N VAL C 226 35.29 -27.24 -11.19
CA VAL C 226 34.05 -28.01 -11.36
C VAL C 226 33.90 -28.42 -12.82
N LEU C 227 34.31 -27.52 -13.72
CA LEU C 227 34.23 -27.73 -15.15
C LEU C 227 35.19 -28.85 -15.58
N LYS C 228 36.38 -28.88 -14.97
CA LYS C 228 37.36 -29.93 -15.24
C LYS C 228 36.86 -31.30 -14.80
N HIS C 229 36.32 -31.35 -13.58
CA HIS C 229 35.69 -32.56 -13.07
C HIS C 229 34.60 -33.05 -14.03
N LEU C 230 33.75 -32.13 -14.49
CA LEU C 230 32.66 -32.46 -15.40
C LEU C 230 33.18 -33.11 -16.67
N ASN C 231 34.26 -32.55 -17.22
CA ASN C 231 34.89 -33.11 -18.42
C ASN C 231 35.63 -34.44 -18.15
N ASP C 232 36.20 -34.58 -16.96
CA ASP C 232 36.83 -35.86 -16.62
C ASP C 232 35.82 -37.00 -16.55
N ILE C 233 34.63 -36.72 -15.97
CA ILE C 233 33.67 -37.79 -15.70
C ILE C 233 32.75 -38.09 -16.90
N GLU C 234 32.79 -37.20 -17.90
CA GLU C 234 31.86 -37.24 -19.03
C GLU C 234 31.68 -38.64 -19.64
N PRO C 235 32.80 -39.31 -19.97
CA PRO C 235 32.70 -40.64 -20.60
C PRO C 235 31.91 -41.64 -19.75
N CYS C 236 31.88 -41.44 -18.45
CA CYS C 236 31.22 -42.38 -17.54
C CYS C 236 29.87 -41.87 -17.06
N VAL C 237 29.41 -40.74 -17.61
CA VAL C 237 28.13 -40.19 -17.21
C VAL C 237 27.13 -40.30 -18.36
N PHE C 238 25.97 -40.90 -18.09
CA PHE C 238 25.02 -41.19 -19.15
C PHE C 238 23.88 -40.18 -19.16
N ASP C 239 23.77 -39.39 -18.10
CA ASP C 239 22.85 -38.26 -18.10
C ASP C 239 23.44 -37.12 -18.95
N LYS C 240 23.44 -37.28 -20.28
CA LYS C 240 24.10 -36.30 -21.14
C LYS C 240 23.36 -34.95 -21.17
N PHE C 241 22.03 -34.98 -21.16
CA PHE C 241 21.24 -33.73 -21.03
C PHE C 241 21.69 -32.95 -19.80
N GLY C 242 21.73 -33.64 -18.67
CA GLY C 242 22.02 -33.03 -17.39
C GLY C 242 23.44 -32.48 -17.38
N LEU C 243 24.36 -33.24 -17.97
CA LEU C 243 25.77 -32.84 -18.00
C LEU C 243 25.97 -31.61 -18.87
N LEU C 244 25.33 -31.60 -20.04
CA LEU C 244 25.42 -30.45 -20.94
C LEU C 244 24.76 -29.22 -20.31
N GLU C 245 23.62 -29.42 -19.64
CA GLU C 245 22.96 -28.28 -19.02
C GLU C 245 23.84 -27.70 -17.92
N ARG C 246 24.49 -28.58 -17.16
CA ARG C 246 25.45 -28.11 -16.16
C ARG C 246 26.60 -27.38 -16.83
N LYS C 247 27.09 -27.93 -17.94
CA LYS C 247 28.24 -27.36 -18.63
C LYS C 247 27.93 -25.94 -19.12
N ALA C 248 26.79 -25.77 -19.79
CA ALA C 248 26.34 -24.46 -20.27
C ALA C 248 26.28 -23.42 -19.15
N THR C 249 25.73 -23.83 -18.02
CA THR C 249 25.56 -22.96 -16.87
C THR C 249 26.89 -22.54 -16.26
N ILE C 250 27.87 -23.43 -16.27
CA ILE C 250 29.20 -23.08 -15.76
C ILE C 250 29.88 -22.06 -16.68
N TYR C 251 29.79 -22.29 -17.99
CA TYR C 251 30.34 -21.35 -18.96
C TYR C 251 29.71 -19.98 -18.76
N MET C 252 28.39 -19.95 -18.67
CA MET C 252 27.70 -18.69 -18.45
C MET C 252 28.26 -17.97 -17.20
N LYS C 253 28.41 -18.70 -16.10
CA LYS C 253 28.95 -18.10 -14.87
C LYS C 253 30.40 -17.70 -15.01
N LEU C 254 31.10 -18.28 -15.97
CA LEU C 254 32.49 -17.93 -16.22
C LEU C 254 32.58 -16.80 -17.24
N GLY C 255 31.44 -16.29 -17.68
CA GLY C 255 31.42 -15.22 -18.67
C GLY C 255 31.85 -15.69 -20.06
N GLN C 256 31.92 -17.00 -20.26
CA GLN C 256 32.37 -17.53 -21.55
C GLN C 256 31.16 -17.82 -22.45
N LEU C 257 30.62 -16.75 -23.01
CA LEU C 257 29.36 -16.82 -23.75
C LEU C 257 29.43 -17.69 -25.00
N LYS C 258 30.54 -17.58 -25.73
CA LYS C 258 30.76 -18.34 -26.96
C LYS C 258 30.74 -19.84 -26.68
N ASP C 259 31.43 -20.24 -25.62
CA ASP C 259 31.44 -21.65 -25.22
C ASP C 259 30.04 -22.13 -24.85
N ALA C 260 29.32 -21.28 -24.12
CA ALA C 260 27.98 -21.58 -23.66
C ALA C 260 27.05 -21.73 -24.86
N SER C 261 27.25 -20.87 -25.85
CA SER C 261 26.42 -20.88 -27.06
C SER C 261 26.59 -22.18 -27.84
N ILE C 262 27.81 -22.73 -27.86
CA ILE C 262 28.02 -24.05 -28.47
C ILE C 262 27.20 -25.15 -27.78
N VAL C 263 27.23 -25.16 -26.44
CA VAL C 263 26.48 -26.15 -25.67
C VAL C 263 24.98 -25.99 -25.90
N TYR C 264 24.48 -24.75 -25.89
CA TYR C 264 23.05 -24.53 -26.10
C TYR C 264 22.60 -24.99 -27.48
N ARG C 265 23.48 -24.86 -28.46
CA ARG C 265 23.18 -25.34 -29.80
C ARG C 265 23.06 -26.86 -29.81
N THR C 266 23.91 -27.50 -29.00
CA THR C 266 23.92 -28.94 -28.84
C THR C 266 22.66 -29.44 -28.12
N LEU C 267 22.29 -28.73 -27.06
CA LEU C 267 21.06 -29.01 -26.33
C LEU C 267 19.88 -28.85 -27.26
N ILE C 268 19.83 -27.74 -27.99
CA ILE C 268 18.77 -27.52 -28.96
C ILE C 268 18.67 -28.65 -29.98
N LYS C 269 19.83 -29.11 -30.47
CA LYS C 269 19.84 -30.15 -31.49
C LYS C 269 19.30 -31.48 -30.91
N ARG C 270 19.48 -31.66 -29.61
CA ARG C 270 19.00 -32.86 -28.92
C ARG C 270 17.52 -32.76 -28.58
N ASN C 271 17.03 -31.55 -28.35
CA ASN C 271 15.60 -31.34 -28.18
C ASN C 271 15.18 -29.98 -28.67
N PRO C 272 14.95 -29.87 -29.99
CA PRO C 272 14.68 -28.56 -30.59
C PRO C 272 13.24 -28.09 -30.34
N ASP C 273 12.45 -28.87 -29.60
CA ASP C 273 11.11 -28.48 -29.18
C ASP C 273 11.10 -27.84 -27.79
N ASN C 274 12.28 -27.67 -27.22
CA ASN C 274 12.42 -27.07 -25.91
C ASN C 274 12.71 -25.59 -26.04
N PHE C 275 11.69 -24.75 -25.82
CA PHE C 275 11.84 -23.30 -25.86
C PHE C 275 12.99 -22.76 -24.99
N LYS C 276 13.26 -23.41 -23.86
CA LYS C 276 14.18 -22.83 -22.88
C LYS C 276 15.61 -22.63 -23.45
N TYR C 277 16.07 -23.59 -24.23
CA TYR C 277 17.38 -23.53 -24.85
C TYR C 277 17.54 -22.38 -25.83
N TYR C 278 16.49 -22.10 -26.61
CA TYR C 278 16.53 -21.01 -27.59
C TYR C 278 16.75 -19.65 -26.93
N LYS C 279 16.02 -19.41 -25.84
CA LYS C 279 16.16 -18.15 -25.12
C LYS C 279 17.57 -17.99 -24.54
N LEU C 280 18.10 -19.06 -23.95
CA LEU C 280 19.46 -19.02 -23.41
C LEU C 280 20.50 -18.82 -24.52
N LEU C 281 20.27 -19.43 -25.68
CA LEU C 281 21.15 -19.25 -26.83
C LEU C 281 21.23 -17.76 -27.23
N GLU C 282 20.08 -17.09 -27.24
CA GLU C 282 20.01 -15.66 -27.54
C GLU C 282 20.97 -14.90 -26.66
N VAL C 283 20.92 -15.18 -25.36
CA VAL C 283 21.75 -14.49 -24.38
C VAL C 283 23.23 -14.80 -24.61
N SER C 284 23.56 -16.07 -24.80
CA SER C 284 24.95 -16.47 -24.97
C SER C 284 25.56 -15.79 -26.19
N LEU C 285 24.72 -15.45 -27.16
CA LEU C 285 25.18 -14.77 -28.37
C LEU C 285 25.10 -13.24 -28.29
N GLY C 286 24.51 -12.72 -27.23
CA GLY C 286 24.42 -11.27 -27.06
C GLY C 286 23.50 -10.57 -28.03
N ILE C 287 22.48 -11.25 -28.52
CA ILE C 287 21.55 -10.60 -29.44
C ILE C 287 20.12 -10.53 -28.90
N GLN C 288 19.94 -10.73 -27.59
CA GLN C 288 18.58 -10.71 -27.01
C GLN C 288 17.83 -9.45 -27.41
N GLY C 289 18.57 -8.35 -27.51
CA GLY C 289 17.99 -7.05 -27.83
C GLY C 289 18.17 -6.61 -29.27
N ASP C 290 18.64 -7.51 -30.12
CA ASP C 290 18.86 -7.19 -31.53
C ASP C 290 17.82 -7.90 -32.42
N ASN C 291 16.79 -7.18 -32.80
CA ASN C 291 15.68 -7.76 -33.54
C ASN C 291 16.04 -8.25 -34.94
N LYS C 292 16.89 -7.53 -35.65
CA LYS C 292 17.28 -7.95 -37.00
C LYS C 292 18.13 -9.22 -36.96
N LEU C 293 19.05 -9.31 -35.99
CA LEU C 293 19.87 -10.52 -35.84
C LEU C 293 19.04 -11.69 -35.31
N LYS C 294 18.06 -11.40 -34.45
CA LYS C 294 17.20 -12.44 -33.94
C LYS C 294 16.38 -13.02 -35.09
N LYS C 295 15.85 -12.13 -35.92
CA LYS C 295 15.13 -12.58 -37.13
C LYS C 295 15.97 -13.56 -37.91
N ALA C 296 17.24 -13.19 -38.13
CA ALA C 296 18.16 -14.01 -38.90
C ALA C 296 18.56 -15.29 -38.18
N LEU C 297 18.74 -15.23 -36.86
CA LEU C 297 19.04 -16.45 -36.08
C LEU C 297 17.92 -17.47 -36.21
N TYR C 298 16.69 -17.02 -36.06
CA TYR C 298 15.55 -17.94 -36.10
C TYR C 298 15.22 -18.37 -37.53
N GLY C 299 15.58 -17.54 -38.50
CA GLY C 299 15.50 -17.92 -39.90
C GLY C 299 16.39 -19.12 -40.21
N LYS C 300 17.62 -19.09 -39.72
CA LYS C 300 18.55 -20.21 -39.84
C LYS C 300 18.06 -21.45 -39.05
N LEU C 301 17.68 -21.25 -37.79
CA LEU C 301 17.22 -22.35 -36.93
C LEU C 301 15.98 -23.05 -37.52
N GLU C 302 15.11 -22.28 -38.16
CA GLU C 302 13.93 -22.86 -38.79
C GLU C 302 14.34 -23.78 -39.95
N GLN C 303 15.50 -23.51 -40.53
CA GLN C 303 16.05 -24.41 -41.56
C GLN C 303 16.57 -25.71 -40.92
N PHE C 304 17.07 -25.61 -39.70
CA PHE C 304 17.57 -26.80 -38.99
C PHE C 304 16.40 -27.64 -38.51
N TYR C 305 15.40 -26.95 -37.98
CA TYR C 305 14.33 -27.57 -37.22
C TYR C 305 12.97 -27.07 -37.69
N PRO C 306 12.63 -27.35 -38.97
CA PRO C 306 11.40 -26.81 -39.58
C PRO C 306 10.09 -27.39 -39.03
N ARG C 307 10.15 -28.49 -38.27
CA ARG C 307 8.94 -29.06 -37.68
C ARG C 307 8.65 -28.51 -36.28
N CYS C 308 9.53 -27.68 -35.75
CA CYS C 308 9.48 -27.32 -34.32
C CYS C 308 8.85 -25.94 -34.07
N GLU C 309 8.26 -25.78 -32.87
CA GLU C 309 7.53 -24.57 -32.52
C GLU C 309 8.38 -23.32 -32.36
N PRO C 310 9.46 -23.42 -31.57
CA PRO C 310 10.26 -22.24 -31.20
C PRO C 310 10.67 -21.37 -32.39
N PRO C 311 11.31 -21.96 -33.42
CA PRO C 311 11.74 -21.16 -34.58
C PRO C 311 10.57 -20.54 -35.34
N LYS C 312 9.43 -21.22 -35.36
CA LYS C 312 8.22 -20.68 -35.98
C LYS C 312 7.59 -19.61 -35.11
N PHE C 313 7.59 -19.86 -33.81
CA PHE C 313 6.75 -19.09 -32.91
C PHE C 313 7.45 -17.88 -32.31
N ILE C 314 8.73 -18.02 -31.96
CA ILE C 314 9.40 -16.93 -31.25
C ILE C 314 9.47 -15.63 -32.06
N PRO C 315 9.78 -15.73 -33.37
CA PRO C 315 9.76 -14.49 -34.17
C PRO C 315 8.41 -13.77 -34.10
N LEU C 316 7.35 -14.51 -33.81
CA LEU C 316 6.03 -13.90 -33.72
C LEU C 316 5.94 -12.94 -32.53
N THR C 317 6.80 -13.14 -31.53
CA THR C 317 6.78 -12.29 -30.34
C THR C 317 7.61 -11.01 -30.50
N PHE C 318 8.42 -10.90 -31.57
CA PHE C 318 9.24 -9.69 -31.74
C PHE C 318 9.22 -9.03 -33.13
N LEU C 319 8.76 -9.71 -34.18
CA LEU C 319 8.74 -9.07 -35.51
C LEU C 319 7.79 -7.86 -35.50
N GLN C 320 8.24 -6.76 -36.10
CA GLN C 320 7.52 -5.49 -36.02
C GLN C 320 6.92 -5.09 -37.37
N ASP C 321 7.63 -5.36 -38.46
CA ASP C 321 7.11 -5.04 -39.78
C ASP C 321 5.84 -5.84 -40.11
N LYS C 322 4.79 -5.14 -40.52
CA LYS C 322 3.47 -5.74 -40.73
C LYS C 322 3.50 -6.90 -41.71
N GLU C 323 4.22 -6.72 -42.82
CA GLU C 323 4.29 -7.75 -43.86
C GLU C 323 5.06 -8.98 -43.37
N GLU C 324 6.22 -8.77 -42.76
CA GLU C 324 6.99 -9.89 -42.22
C GLU C 324 6.16 -10.65 -41.18
N LEU C 325 5.53 -9.92 -40.28
CA LEU C 325 4.83 -10.54 -39.18
C LEU C 325 3.62 -11.31 -39.68
N SER C 326 2.93 -10.74 -40.65
CA SER C 326 1.78 -11.39 -41.28
C SER C 326 2.17 -12.74 -41.88
N LYS C 327 3.24 -12.73 -42.69
CA LYS C 327 3.71 -13.93 -43.36
C LYS C 327 4.04 -15.00 -42.33
N LYS C 328 4.80 -14.61 -41.31
CA LYS C 328 5.16 -15.56 -40.25
C LYS C 328 3.91 -16.05 -39.51
N LEU C 329 2.94 -15.16 -39.31
CA LEU C 329 1.67 -15.53 -38.68
C LEU C 329 0.88 -16.50 -39.56
N ARG C 330 0.82 -16.20 -40.85
CA ARG C 330 0.16 -17.07 -41.82
C ARG C 330 0.78 -18.47 -41.81
N GLU C 331 2.11 -18.52 -41.89
CA GLU C 331 2.83 -19.79 -41.88
C GLU C 331 2.57 -20.60 -40.61
N TYR C 332 2.31 -19.93 -39.50
CA TYR C 332 2.11 -20.65 -38.26
C TYR C 332 0.67 -21.17 -38.17
N VAL C 333 -0.30 -20.29 -38.40
CA VAL C 333 -1.70 -20.58 -38.09
C VAL C 333 -2.42 -21.45 -39.14
N LEU C 334 -2.30 -21.09 -40.42
CA LEU C 334 -3.08 -21.75 -41.47
C LEU C 334 -2.85 -23.27 -41.56
N PRO C 335 -1.58 -23.73 -41.45
CA PRO C 335 -1.38 -25.18 -41.50
C PRO C 335 -2.13 -25.89 -40.37
N GLN C 336 -2.21 -25.26 -39.20
CA GLN C 336 -2.96 -25.80 -38.08
C GLN C 336 -4.47 -25.87 -38.37
N LEU C 337 -5.04 -24.75 -38.80
CA LEU C 337 -6.44 -24.72 -39.19
C LEU C 337 -6.71 -25.79 -40.25
N GLU C 338 -5.83 -25.87 -41.22
CA GLU C 338 -6.02 -26.81 -42.31
C GLU C 338 -6.00 -28.26 -41.81
N ARG C 339 -5.23 -28.53 -40.74
CA ARG C 339 -5.20 -29.86 -40.13
C ARG C 339 -6.36 -30.06 -39.18
N GLY C 340 -7.15 -29.01 -38.96
CA GLY C 340 -8.22 -29.08 -37.98
C GLY C 340 -7.74 -29.17 -36.54
N VAL C 341 -6.72 -28.40 -36.20
CA VAL C 341 -6.21 -28.40 -34.82
C VAL C 341 -7.10 -27.57 -33.90
N PRO C 342 -7.71 -28.22 -32.89
CA PRO C 342 -8.56 -27.51 -31.93
C PRO C 342 -7.82 -26.44 -31.13
N ALA C 343 -6.54 -26.67 -30.84
CA ALA C 343 -5.82 -25.75 -29.97
C ALA C 343 -5.19 -24.60 -30.74
N THR C 344 -5.52 -24.47 -32.01
CA THR C 344 -4.94 -23.39 -32.82
C THR C 344 -4.99 -22.02 -32.14
N PHE C 345 -6.16 -21.62 -31.65
CA PHE C 345 -6.26 -20.32 -30.98
C PHE C 345 -5.44 -20.27 -29.69
N SER C 346 -5.53 -21.31 -28.86
CA SER C 346 -4.74 -21.41 -27.63
C SER C 346 -3.25 -21.28 -27.89
N ASN C 347 -2.81 -21.85 -29.01
CA ASN C 347 -1.40 -21.81 -29.36
C ASN C 347 -0.90 -20.39 -29.58
N VAL C 348 -1.76 -19.53 -30.16
CA VAL C 348 -1.36 -18.13 -30.39
C VAL C 348 -1.93 -17.16 -29.38
N LYS C 349 -2.73 -17.65 -28.45
CA LYS C 349 -3.33 -16.78 -27.44
C LYS C 349 -2.30 -15.87 -26.73
N PRO C 350 -1.08 -16.38 -26.43
CA PRO C 350 -0.09 -15.51 -25.76
C PRO C 350 0.23 -14.27 -26.58
N LEU C 351 -0.03 -14.32 -27.89
CA LEU C 351 0.19 -13.17 -28.78
C LEU C 351 -0.96 -12.16 -28.68
N TYR C 352 -2.19 -12.65 -28.63
CA TYR C 352 -3.32 -11.76 -28.35
C TYR C 352 -3.13 -11.06 -27.00
N GLN C 353 -2.57 -11.78 -26.03
CA GLN C 353 -2.41 -11.24 -24.68
C GLN C 353 -1.33 -10.17 -24.60
N ARG C 354 -0.24 -10.37 -25.32
CA ARG C 354 0.95 -9.53 -25.18
C ARG C 354 1.12 -8.51 -26.31
N ARG C 355 0.54 -8.79 -27.48
CA ARG C 355 0.63 -7.85 -28.61
C ARG C 355 -0.73 -7.63 -29.26
N LYS C 356 -1.75 -7.33 -28.46
CA LYS C 356 -3.11 -7.41 -28.97
C LYS C 356 -3.38 -6.50 -30.18
N SER C 357 -3.07 -5.21 -30.06
CA SER C 357 -3.38 -4.27 -31.13
C SER C 357 -2.59 -4.51 -32.42
N LYS C 358 -1.44 -5.15 -32.31
CA LYS C 358 -0.60 -5.45 -33.48
C LYS C 358 -0.99 -6.79 -34.12
N VAL C 359 -1.17 -7.84 -33.32
CA VAL C 359 -1.41 -9.16 -33.90
C VAL C 359 -2.89 -9.39 -34.24
N SER C 360 -3.81 -8.93 -33.39
CA SER C 360 -5.26 -9.18 -33.58
C SER C 360 -5.77 -8.90 -35.00
N PRO C 361 -5.57 -7.67 -35.49
CA PRO C 361 -6.12 -7.31 -36.79
C PRO C 361 -5.46 -8.10 -37.91
N LEU C 362 -4.17 -8.41 -37.75
CA LEU C 362 -3.46 -9.19 -38.76
C LEU C 362 -4.08 -10.57 -38.86
N LEU C 363 -4.20 -11.23 -37.72
CA LEU C 363 -4.73 -12.59 -37.68
C LEU C 363 -6.19 -12.60 -38.12
N GLU C 364 -6.93 -11.55 -37.74
CA GLU C 364 -8.30 -11.40 -38.18
C GLU C 364 -8.41 -11.44 -39.71
N LYS C 365 -7.52 -10.71 -40.40
CA LYS C 365 -7.55 -10.67 -41.86
C LYS C 365 -7.15 -12.02 -42.45
N ILE C 366 -6.02 -12.54 -41.98
CA ILE C 366 -5.46 -13.79 -42.45
C ILE C 366 -6.49 -14.92 -42.44
N VAL C 367 -7.17 -15.06 -41.31
CA VAL C 367 -8.07 -16.18 -41.08
C VAL C 367 -9.44 -15.94 -41.73
N LEU C 368 -9.89 -14.69 -41.79
CA LEU C 368 -11.11 -14.38 -42.54
C LEU C 368 -10.91 -14.69 -44.03
N ASP C 369 -9.76 -14.30 -44.56
CA ASP C 369 -9.42 -14.61 -45.94
C ASP C 369 -9.37 -16.12 -46.18
N TYR C 370 -8.78 -16.86 -45.24
CA TYR C 370 -8.70 -18.31 -45.36
C TYR C 370 -10.08 -18.94 -45.41
N LEU C 371 -10.96 -18.50 -44.50
CA LEU C 371 -12.34 -18.97 -44.49
C LEU C 371 -13.02 -18.77 -45.84
N SER C 372 -12.84 -17.59 -46.43
CA SER C 372 -13.55 -17.21 -47.66
C SER C 372 -13.27 -18.16 -48.82
N GLY C 373 -12.15 -18.88 -48.75
CA GLY C 373 -11.78 -19.81 -49.80
C GLY C 373 -12.18 -21.25 -49.52
N LEU C 374 -12.78 -21.49 -48.36
CA LEU C 374 -13.20 -22.83 -47.98
C LEU C 374 -14.58 -23.21 -48.51
N ASP C 375 -14.69 -24.40 -49.09
CA ASP C 375 -16.01 -24.98 -49.38
C ASP C 375 -16.50 -25.75 -48.14
N PRO C 376 -17.63 -25.32 -47.55
CA PRO C 376 -18.12 -25.94 -46.32
C PRO C 376 -18.49 -27.43 -46.46
N THR C 377 -18.88 -27.88 -47.64
CA THR C 377 -19.24 -29.29 -47.81
C THR C 377 -18.03 -30.16 -48.18
N GLN C 378 -17.11 -29.63 -48.99
CA GLN C 378 -15.96 -30.40 -49.45
C GLN C 378 -14.65 -30.07 -48.73
N ASP C 379 -14.65 -28.99 -47.93
CA ASP C 379 -13.55 -28.70 -46.99
C ASP C 379 -14.07 -28.60 -45.56
N PRO C 380 -14.82 -29.62 -45.10
CA PRO C 380 -15.51 -29.58 -43.82
C PRO C 380 -14.60 -29.42 -42.60
N ILE C 381 -13.40 -29.99 -42.66
CA ILE C 381 -12.50 -29.97 -41.51
C ILE C 381 -11.90 -28.58 -41.25
N PRO C 382 -11.18 -28.03 -42.24
CA PRO C 382 -10.68 -26.66 -42.09
C PRO C 382 -11.84 -25.69 -41.84
N PHE C 383 -12.98 -25.97 -42.46
CA PHE C 383 -14.14 -25.09 -42.35
C PHE C 383 -14.65 -24.95 -40.92
N ILE C 384 -14.94 -26.07 -40.25
CA ILE C 384 -15.51 -25.98 -38.90
C ILE C 384 -14.46 -25.50 -37.90
N TRP C 385 -13.20 -25.88 -38.11
CA TRP C 385 -12.15 -25.49 -37.16
C TRP C 385 -11.65 -24.07 -37.42
N THR C 386 -11.89 -23.56 -38.63
CA THR C 386 -11.61 -22.16 -38.90
C THR C 386 -12.68 -21.27 -38.26
N ASN C 387 -13.95 -21.69 -38.34
CA ASN C 387 -15.03 -21.00 -37.62
C ASN C 387 -14.80 -21.01 -36.11
N TYR C 388 -14.45 -22.19 -35.59
CA TYR C 388 -14.09 -22.37 -34.19
C TYR C 388 -13.02 -21.36 -33.77
N TYR C 389 -11.94 -21.28 -34.55
CA TYR C 389 -10.92 -20.27 -34.31
C TYR C 389 -11.52 -18.88 -34.21
N LEU C 390 -12.27 -18.48 -35.24
CA LEU C 390 -12.80 -17.12 -35.32
C LEU C 390 -13.74 -16.82 -34.17
N SER C 391 -14.51 -17.82 -33.75
CA SER C 391 -15.39 -17.66 -32.60
C SER C 391 -14.58 -17.28 -31.36
N GLN C 392 -13.49 -18.01 -31.11
CA GLN C 392 -12.59 -17.71 -29.99
C GLN C 392 -11.96 -16.33 -30.13
N HIS C 393 -11.51 -16.02 -31.34
CA HIS C 393 -10.94 -14.72 -31.71
C HIS C 393 -11.85 -13.56 -31.27
N PHE C 394 -13.10 -13.60 -31.68
CA PHE C 394 -14.01 -12.51 -31.39
C PHE C 394 -14.50 -12.55 -29.95
N LEU C 395 -14.56 -13.73 -29.37
CA LEU C 395 -14.84 -13.86 -27.94
C LEU C 395 -13.74 -13.16 -27.13
N PHE C 396 -12.49 -13.38 -27.50
CA PHE C 396 -11.36 -12.73 -26.82
C PHE C 396 -11.41 -11.21 -26.99
N LEU C 397 -11.76 -10.75 -28.19
CA LEU C 397 -11.88 -9.33 -28.46
C LEU C 397 -13.21 -8.76 -27.95
N LYS C 398 -13.93 -9.57 -27.18
CA LYS C 398 -15.19 -9.14 -26.56
C LYS C 398 -16.25 -8.68 -27.57
N ASP C 399 -16.24 -9.30 -28.76
CA ASP C 399 -17.30 -9.11 -29.75
C ASP C 399 -18.19 -10.35 -29.76
N PHE C 400 -19.18 -10.36 -28.87
CA PHE C 400 -19.94 -11.57 -28.54
C PHE C 400 -20.95 -11.97 -29.61
N PRO C 401 -21.58 -11.00 -30.27
CA PRO C 401 -22.43 -11.34 -31.41
C PRO C 401 -21.68 -12.08 -32.52
N LYS C 402 -20.50 -11.60 -32.88
CA LYS C 402 -19.71 -12.26 -33.91
C LYS C 402 -19.17 -13.59 -33.41
N ALA C 403 -18.86 -13.65 -32.12
CA ALA C 403 -18.42 -14.92 -31.55
C ALA C 403 -19.54 -15.95 -31.71
N GLN C 404 -20.78 -15.54 -31.41
CA GLN C 404 -21.97 -16.38 -31.54
C GLN C 404 -22.17 -16.92 -32.95
N GLU C 405 -22.14 -16.01 -33.93
CA GLU C 405 -22.29 -16.39 -35.34
C GLU C 405 -21.29 -17.45 -35.79
N TYR C 406 -20.01 -17.27 -35.48
CA TYR C 406 -18.98 -18.16 -35.99
C TYR C 406 -19.07 -19.57 -35.39
N ILE C 407 -19.37 -19.66 -34.11
CA ILE C 407 -19.58 -20.97 -33.48
C ILE C 407 -20.83 -21.63 -34.05
N ASP C 408 -21.86 -20.81 -34.28
CA ASP C 408 -23.13 -21.29 -34.83
C ASP C 408 -22.94 -21.96 -36.18
N ALA C 409 -22.08 -21.37 -37.01
CA ALA C 409 -21.78 -21.97 -38.31
C ALA C 409 -21.07 -23.31 -38.12
N ALA C 410 -20.16 -23.38 -37.14
CA ALA C 410 -19.50 -24.64 -36.83
C ALA C 410 -20.52 -25.70 -36.44
N LEU C 411 -21.38 -25.33 -35.50
CA LEU C 411 -22.46 -26.20 -35.01
C LEU C 411 -23.41 -26.67 -36.11
N ASP C 412 -23.88 -25.73 -36.93
CA ASP C 412 -24.85 -26.02 -37.98
C ASP C 412 -24.29 -27.02 -38.96
N HIS C 413 -22.97 -26.98 -39.13
CA HIS C 413 -22.29 -27.91 -40.02
C HIS C 413 -22.05 -29.26 -39.35
N THR C 414 -21.45 -29.23 -38.16
CA THR C 414 -21.08 -30.44 -37.46
C THR C 414 -21.46 -30.34 -35.98
N PRO C 415 -22.66 -30.81 -35.65
CA PRO C 415 -23.22 -30.72 -34.28
C PRO C 415 -22.75 -31.84 -33.34
N THR C 416 -21.74 -32.59 -33.73
CA THR C 416 -21.32 -33.76 -32.97
C THR C 416 -20.04 -33.54 -32.17
N LEU C 417 -19.62 -32.29 -32.04
CA LEU C 417 -18.36 -31.97 -31.36
C LEU C 417 -18.59 -31.15 -30.10
N VAL C 418 -18.30 -31.76 -28.95
CA VAL C 418 -18.50 -31.13 -27.64
C VAL C 418 -17.84 -29.75 -27.51
N GLU C 419 -16.66 -29.55 -28.10
CA GLU C 419 -15.94 -28.28 -28.00
C GLU C 419 -16.79 -27.08 -28.44
N PHE C 420 -17.68 -27.32 -29.39
CA PHE C 420 -18.53 -26.27 -29.93
C PHE C 420 -19.60 -25.84 -28.92
N TYR C 421 -20.21 -26.81 -28.25
CA TYR C 421 -21.26 -26.53 -27.26
C TYR C 421 -20.65 -25.81 -26.08
N ILE C 422 -19.43 -26.20 -25.74
CA ILE C 422 -18.71 -25.57 -24.64
C ILE C 422 -18.44 -24.11 -24.97
N LEU C 423 -17.81 -23.84 -26.10
CA LEU C 423 -17.51 -22.47 -26.50
C LEU C 423 -18.79 -21.64 -26.64
N LYS C 424 -19.81 -22.20 -27.28
CA LYS C 424 -21.05 -21.46 -27.49
C LYS C 424 -21.69 -21.06 -26.16
N ALA C 425 -21.59 -21.95 -25.17
CA ALA C 425 -22.15 -21.68 -23.86
C ALA C 425 -21.42 -20.52 -23.17
N ARG C 426 -20.09 -20.50 -23.28
CA ARG C 426 -19.27 -19.40 -22.79
C ARG C 426 -19.76 -18.06 -23.34
N ILE C 427 -19.96 -18.01 -24.65
CA ILE C 427 -20.39 -16.81 -25.33
C ILE C 427 -21.75 -16.34 -24.83
N LEU C 428 -22.70 -17.27 -24.70
CA LEU C 428 -24.03 -16.93 -24.19
C LEU C 428 -23.99 -16.37 -22.76
N LYS C 429 -23.10 -16.91 -21.92
CA LYS C 429 -22.94 -16.42 -20.54
C LYS C 429 -22.53 -14.95 -20.54
N HIS C 430 -21.58 -14.60 -21.41
CA HIS C 430 -21.15 -13.22 -21.57
C HIS C 430 -22.26 -12.31 -22.09
N LEU C 431 -23.23 -12.89 -22.77
CA LEU C 431 -24.39 -12.15 -23.26
C LEU C 431 -25.48 -12.09 -22.18
N GLY C 432 -25.24 -12.79 -21.09
CA GLY C 432 -26.18 -12.79 -19.98
C GLY C 432 -27.41 -13.64 -20.20
N LEU C 433 -27.37 -14.52 -21.20
CA LEU C 433 -28.45 -15.48 -21.41
C LEU C 433 -28.10 -16.79 -20.68
N MET C 434 -28.13 -16.72 -19.36
CA MET C 434 -27.67 -17.79 -18.49
C MET C 434 -28.45 -19.09 -18.67
N ASP C 435 -29.77 -18.97 -18.74
CA ASP C 435 -30.65 -20.11 -18.98
C ASP C 435 -30.26 -20.82 -20.28
N THR C 436 -30.05 -20.03 -21.33
CA THR C 436 -29.73 -20.58 -22.63
C THR C 436 -28.35 -21.23 -22.62
N ALA C 437 -27.37 -20.54 -22.02
CA ALA C 437 -26.03 -21.08 -21.87
C ALA C 437 -26.03 -22.48 -21.22
N ALA C 438 -26.85 -22.63 -20.18
CA ALA C 438 -26.95 -23.89 -19.45
C ALA C 438 -27.47 -25.02 -20.35
N GLY C 439 -28.52 -24.73 -21.11
CA GLY C 439 -29.09 -25.72 -22.03
C GLY C 439 -28.08 -26.18 -23.05
N ILE C 440 -27.33 -25.23 -23.60
CA ILE C 440 -26.34 -25.54 -24.62
C ILE C 440 -25.25 -26.46 -24.07
N LEU C 441 -24.77 -26.14 -22.89
CA LEU C 441 -23.72 -26.93 -22.28
C LEU C 441 -24.25 -28.32 -21.96
N GLU C 442 -25.46 -28.37 -21.42
CA GLU C 442 -26.11 -29.64 -21.10
C GLU C 442 -26.23 -30.53 -22.34
N GLU C 443 -26.56 -29.92 -23.48
CA GLU C 443 -26.60 -30.67 -24.74
C GLU C 443 -25.22 -31.25 -25.07
N GLY C 444 -24.18 -30.46 -24.80
CA GLY C 444 -22.82 -30.92 -25.02
C GLY C 444 -22.46 -32.05 -24.07
N ARG C 445 -22.95 -31.96 -22.84
CA ARG C 445 -22.66 -32.97 -21.83
C ARG C 445 -23.23 -34.34 -22.25
N GLN C 446 -24.36 -34.32 -22.95
CA GLN C 446 -25.00 -35.55 -23.41
C GLN C 446 -24.12 -36.29 -24.42
N LEU C 447 -23.07 -35.62 -24.90
CA LEU C 447 -22.16 -36.20 -25.88
C LEU C 447 -20.90 -36.80 -25.24
N ASP C 448 -20.74 -36.61 -23.94
CA ASP C 448 -19.46 -36.93 -23.29
C ASP C 448 -19.71 -37.07 -21.80
N LEU C 449 -20.54 -38.04 -21.44
CA LEU C 449 -21.12 -38.11 -20.11
C LEU C 449 -20.15 -38.55 -19.02
N GLN C 450 -18.94 -38.94 -19.42
CA GLN C 450 -17.92 -39.35 -18.45
C GLN C 450 -16.84 -38.29 -18.31
N ASP C 451 -16.96 -37.18 -19.04
CA ASP C 451 -16.00 -36.09 -18.92
C ASP C 451 -16.26 -35.30 -17.63
N ARG C 452 -15.23 -35.22 -16.78
CA ARG C 452 -15.37 -34.53 -15.49
C ARG C 452 -15.49 -33.01 -15.67
N PHE C 453 -14.71 -32.48 -16.60
CA PHE C 453 -14.74 -31.06 -16.91
C PHE C 453 -16.16 -30.54 -17.20
N ILE C 454 -16.81 -31.07 -18.25
CA ILE C 454 -18.13 -30.59 -18.63
C ILE C 454 -19.20 -30.91 -17.58
N ASN C 455 -18.96 -31.95 -16.79
CA ASN C 455 -19.90 -32.27 -15.72
C ASN C 455 -19.93 -31.13 -14.69
N CYS C 456 -18.75 -30.74 -14.23
CA CYS C 456 -18.59 -29.63 -13.28
C CYS C 456 -19.04 -28.30 -13.86
N LYS C 457 -18.58 -28.02 -15.07
CA LYS C 457 -18.96 -26.78 -15.74
C LYS C 457 -20.48 -26.72 -15.87
N THR C 458 -21.09 -27.86 -16.19
CA THR C 458 -22.53 -27.89 -16.36
C THR C 458 -23.24 -27.60 -15.04
N VAL C 459 -22.69 -28.13 -13.95
CA VAL C 459 -23.25 -27.85 -12.62
C VAL C 459 -23.18 -26.35 -12.31
N LYS C 460 -22.02 -25.75 -12.56
CA LYS C 460 -21.82 -24.32 -12.31
C LYS C 460 -22.82 -23.47 -13.11
N TYR C 461 -22.98 -23.81 -14.39
CA TYR C 461 -23.86 -23.03 -15.26
C TYR C 461 -25.33 -23.11 -14.82
N PHE C 462 -25.80 -24.30 -14.50
CA PHE C 462 -27.19 -24.43 -14.05
C PHE C 462 -27.40 -23.68 -12.73
N LEU C 463 -26.32 -23.50 -11.96
CA LEU C 463 -26.41 -22.76 -10.70
C LEU C 463 -26.53 -21.26 -10.93
N ARG C 464 -25.68 -20.72 -11.81
CA ARG C 464 -25.71 -19.30 -12.14
C ARG C 464 -27.06 -18.92 -12.75
N ALA C 465 -27.79 -19.92 -13.22
CA ALA C 465 -29.12 -19.70 -13.80
C ALA C 465 -30.24 -20.01 -12.80
N ASN C 466 -29.88 -20.29 -11.56
CA ASN C 466 -30.88 -20.57 -10.52
C ASN C 466 -31.76 -21.79 -10.87
N ASN C 467 -31.13 -22.82 -11.45
CA ASN C 467 -31.77 -24.12 -11.64
C ASN C 467 -31.15 -25.16 -10.71
N ILE C 468 -31.63 -25.19 -9.47
CA ILE C 468 -31.04 -25.99 -8.41
C ILE C 468 -31.18 -27.50 -8.68
N ASP C 469 -32.40 -27.92 -9.02
CA ASP C 469 -32.70 -29.33 -9.23
C ASP C 469 -31.79 -29.95 -10.28
N LYS C 470 -31.55 -29.22 -11.36
CA LYS C 470 -30.72 -29.71 -12.43
C LYS C 470 -29.28 -29.81 -11.98
N ALA C 471 -28.85 -28.83 -11.19
CA ALA C 471 -27.47 -28.79 -10.73
C ALA C 471 -27.19 -29.96 -9.80
N VAL C 472 -28.11 -30.22 -8.88
CA VAL C 472 -27.98 -31.35 -7.96
C VAL C 472 -27.91 -32.67 -8.72
N GLU C 473 -28.84 -32.86 -9.65
CA GLU C 473 -28.85 -34.05 -10.50
C GLU C 473 -27.49 -34.28 -11.16
N VAL C 474 -27.04 -33.30 -11.94
CA VAL C 474 -25.78 -33.46 -12.66
C VAL C 474 -24.60 -33.69 -11.73
N ALA C 475 -24.62 -33.05 -10.56
CA ALA C 475 -23.48 -33.12 -9.65
C ALA C 475 -23.36 -34.50 -8.98
N SER C 476 -24.52 -35.15 -8.76
CA SER C 476 -24.56 -36.43 -8.06
C SER C 476 -24.13 -37.62 -8.92
N LEU C 477 -24.17 -37.44 -10.24
CA LEU C 477 -23.85 -38.50 -11.20
C LEU C 477 -22.58 -39.30 -10.85
N PHE C 478 -21.42 -38.65 -10.88
CA PHE C 478 -20.17 -39.42 -10.72
C PHE C 478 -19.95 -39.94 -9.30
N THR C 479 -20.52 -39.26 -8.31
CA THR C 479 -20.24 -39.62 -6.92
C THR C 479 -21.13 -40.76 -6.45
N LYS C 480 -22.41 -40.73 -6.83
CA LYS C 480 -23.29 -41.86 -6.55
C LYS C 480 -22.67 -43.13 -7.15
N ASN C 481 -22.21 -43.03 -8.41
CA ASN C 481 -21.53 -44.16 -9.06
C ASN C 481 -20.25 -44.60 -8.32
N ASP C 482 -19.35 -43.66 -8.04
CA ASP C 482 -18.14 -43.93 -7.26
C ASP C 482 -18.47 -44.69 -5.96
N ASP C 483 -19.54 -44.27 -5.31
CA ASP C 483 -19.95 -44.89 -4.05
C ASP C 483 -20.37 -46.33 -4.31
N SER C 484 -21.13 -46.54 -5.38
CA SER C 484 -21.66 -47.86 -5.72
C SER C 484 -20.52 -48.86 -5.98
N VAL C 485 -19.67 -48.54 -6.96
CA VAL C 485 -18.64 -49.48 -7.38
C VAL C 485 -17.47 -49.56 -6.39
N ASN C 486 -17.19 -48.46 -5.69
CA ASN C 486 -16.04 -48.41 -4.78
C ASN C 486 -16.38 -48.61 -3.29
N GLY C 487 -17.67 -48.57 -2.97
CA GLY C 487 -18.07 -48.48 -1.57
C GLY C 487 -17.87 -47.05 -1.12
N ILE C 488 -18.16 -46.77 0.16
CA ILE C 488 -18.00 -45.42 0.69
C ILE C 488 -16.53 -45.13 1.00
N LYS C 489 -15.74 -44.91 -0.05
CA LYS C 489 -14.34 -44.52 0.11
C LYS C 489 -14.23 -43.01 -0.05
N ASP C 490 -13.24 -42.41 0.60
CA ASP C 490 -13.06 -40.98 0.49
C ASP C 490 -12.76 -40.60 -0.95
N LEU C 491 -13.47 -39.59 -1.46
CA LEU C 491 -13.42 -39.25 -2.89
C LEU C 491 -11.99 -38.99 -3.38
N HIS C 492 -11.07 -38.66 -2.47
CA HIS C 492 -9.70 -38.37 -2.88
C HIS C 492 -9.00 -39.62 -3.44
N LEU C 493 -9.59 -40.78 -3.17
CA LEU C 493 -9.07 -42.05 -3.68
C LEU C 493 -9.60 -42.38 -5.07
N VAL C 494 -10.65 -41.68 -5.48
CA VAL C 494 -11.34 -42.04 -6.73
C VAL C 494 -11.36 -40.91 -7.78
N GLU C 495 -11.34 -39.64 -7.35
CA GLU C 495 -11.37 -38.52 -8.31
C GLU C 495 -10.15 -37.61 -8.15
N ALA C 496 -9.89 -36.75 -9.13
CA ALA C 496 -8.78 -35.80 -9.03
C ALA C 496 -9.20 -34.56 -8.22
N SER C 497 -8.20 -33.80 -7.74
CA SER C 497 -8.47 -32.68 -6.84
C SER C 497 -9.41 -31.64 -7.45
N TRP C 498 -9.26 -31.36 -8.74
CA TRP C 498 -10.07 -30.32 -9.39
C TRP C 498 -11.57 -30.63 -9.33
N PHE C 499 -11.93 -31.83 -9.71
CA PHE C 499 -13.35 -32.23 -9.69
C PHE C 499 -13.91 -32.08 -8.27
N ILE C 500 -13.12 -32.45 -7.27
CA ILE C 500 -13.55 -32.38 -5.88
C ILE C 500 -13.73 -30.94 -5.40
N VAL C 501 -12.78 -30.06 -5.73
CA VAL C 501 -12.88 -28.65 -5.37
C VAL C 501 -14.08 -27.95 -6.04
N GLU C 502 -14.35 -28.30 -7.29
CA GLU C 502 -15.52 -27.78 -8.00
C GLU C 502 -16.81 -28.25 -7.35
N GLN C 503 -16.85 -29.52 -6.95
CA GLN C 503 -17.99 -30.06 -6.21
C GLN C 503 -18.23 -29.26 -4.92
N ALA C 504 -17.15 -29.05 -4.18
CA ALA C 504 -17.20 -28.32 -2.90
C ALA C 504 -17.77 -26.92 -3.12
N GLU C 505 -17.32 -26.28 -4.19
CA GLU C 505 -17.79 -24.96 -4.52
C GLU C 505 -19.25 -24.96 -4.94
N ALA C 506 -19.65 -25.96 -5.72
CA ALA C 506 -21.04 -26.09 -6.09
C ALA C 506 -21.94 -26.32 -4.87
N TYR C 507 -21.52 -27.21 -3.97
CA TYR C 507 -22.34 -27.47 -2.79
C TYR C 507 -22.37 -26.26 -1.88
N TYR C 508 -21.24 -25.55 -1.79
CA TYR C 508 -21.21 -24.32 -1.00
C TYR C 508 -22.25 -23.33 -1.52
N ARG C 509 -22.39 -23.24 -2.84
CA ARG C 509 -23.32 -22.28 -3.41
C ARG C 509 -24.77 -22.73 -3.19
N LEU C 510 -25.02 -24.03 -3.30
CA LEU C 510 -26.33 -24.59 -3.00
C LEU C 510 -26.68 -24.35 -1.54
N TYR C 511 -25.69 -24.44 -0.67
CA TYR C 511 -25.89 -24.19 0.76
C TYR C 511 -26.31 -22.73 0.99
N LEU C 512 -25.58 -21.78 0.41
CA LEU C 512 -25.93 -20.36 0.58
C LEU C 512 -27.31 -20.08 0.02
N ASP C 513 -27.65 -20.74 -1.08
CA ASP C 513 -28.97 -20.57 -1.69
C ASP C 513 -30.07 -21.00 -0.71
N ARG C 514 -29.94 -22.20 -0.16
CA ARG C 514 -30.91 -22.71 0.78
C ARG C 514 -30.93 -21.88 2.07
N LYS C 515 -29.77 -21.41 2.48
CA LYS C 515 -29.64 -20.56 3.68
C LYS C 515 -30.51 -19.31 3.54
N LYS C 516 -30.45 -18.66 2.37
CA LYS C 516 -31.24 -17.44 2.12
C LYS C 516 -32.74 -17.73 2.03
N LYS C 517 -33.11 -18.83 1.39
CA LYS C 517 -34.52 -19.22 1.28
C LYS C 517 -35.08 -19.44 2.68
N LEU C 518 -34.27 -20.04 3.54
CA LEU C 518 -34.68 -20.29 4.92
C LEU C 518 -34.96 -18.97 5.64
N ASP C 519 -34.04 -18.00 5.50
CA ASP C 519 -34.23 -16.69 6.10
C ASP C 519 -35.55 -16.08 5.65
N ASP C 520 -35.80 -16.12 4.35
CA ASP C 520 -37.03 -15.57 3.80
C ASP C 520 -38.26 -16.26 4.37
N LEU C 521 -38.19 -17.59 4.49
CA LEU C 521 -39.31 -18.35 5.05
C LEU C 521 -39.57 -17.95 6.51
N ALA C 522 -38.48 -17.78 7.27
CA ALA C 522 -38.57 -17.25 8.62
C ALA C 522 -39.23 -15.87 8.62
N SER C 523 -38.83 -15.01 7.69
CA SER C 523 -39.34 -13.64 7.64
C SER C 523 -40.82 -13.54 7.21
N LEU C 524 -41.49 -14.69 7.15
CA LEU C 524 -42.88 -14.75 6.71
C LEU C 524 -43.86 -14.85 7.87
N LYS C 525 -43.32 -14.78 9.10
CA LYS C 525 -44.11 -14.80 10.33
C LYS C 525 -45.26 -13.79 10.30
N ALA C 537 -43.26 -22.64 7.04
CA ALA C 537 -44.24 -23.72 7.07
C ALA C 537 -43.56 -25.08 7.11
N ASN C 538 -44.06 -26.00 6.30
CA ASN C 538 -43.38 -27.27 6.09
C ASN C 538 -42.15 -27.07 5.21
N ASP C 539 -42.13 -25.93 4.52
CA ASP C 539 -40.99 -25.55 3.70
C ASP C 539 -39.75 -25.32 4.54
N ILE C 540 -39.95 -24.76 5.74
CA ILE C 540 -38.83 -24.48 6.64
C ILE C 540 -38.14 -25.78 7.07
N LYS C 541 -38.94 -26.82 7.31
CA LYS C 541 -38.41 -28.14 7.63
C LYS C 541 -37.63 -28.76 6.46
N GLU C 542 -38.11 -28.58 5.24
CA GLU C 542 -37.40 -29.07 4.06
C GLU C 542 -36.07 -28.34 3.88
N ASN C 543 -36.09 -27.01 4.01
CA ASN C 543 -34.91 -26.21 3.74
C ASN C 543 -33.87 -26.31 4.85
N GLN C 544 -34.32 -26.50 6.08
CA GLN C 544 -33.40 -26.70 7.20
C GLN C 544 -32.62 -28.00 7.01
N TRP C 545 -33.27 -28.99 6.40
CA TRP C 545 -32.61 -30.24 6.07
C TRP C 545 -31.60 -30.05 4.94
N LEU C 546 -32.02 -29.37 3.88
CA LEU C 546 -31.16 -29.22 2.70
C LEU C 546 -29.95 -28.30 2.96
N VAL C 547 -30.13 -27.29 3.78
CA VAL C 547 -29.03 -26.40 4.10
C VAL C 547 -27.93 -27.23 4.73
N ARG C 548 -28.33 -28.16 5.60
CA ARG C 548 -27.39 -29.01 6.32
C ARG C 548 -26.74 -30.00 5.37
N LYS C 549 -27.54 -30.62 4.52
CA LYS C 549 -27.01 -31.57 3.54
C LYS C 549 -25.93 -30.92 2.63
N TYR C 550 -26.25 -29.75 2.07
CA TYR C 550 -25.34 -29.07 1.13
C TYR C 550 -24.10 -28.52 1.81
N LYS C 551 -24.26 -28.00 3.03
CA LYS C 551 -23.12 -27.51 3.78
C LYS C 551 -22.15 -28.66 4.13
N GLY C 552 -22.67 -29.79 4.59
CA GLY C 552 -21.81 -30.91 4.96
C GLY C 552 -21.11 -31.50 3.75
N LEU C 553 -21.84 -31.64 2.64
CA LEU C 553 -21.22 -32.13 1.41
C LEU C 553 -20.10 -31.19 0.97
N ALA C 554 -20.32 -29.88 1.08
CA ALA C 554 -19.28 -28.89 0.75
C ALA C 554 -18.06 -29.11 1.60
N LEU C 555 -18.25 -29.22 2.91
CA LEU C 555 -17.14 -29.50 3.81
C LEU C 555 -16.54 -30.88 3.49
N LYS C 556 -17.39 -31.86 3.24
CA LYS C 556 -16.89 -33.18 2.93
C LYS C 556 -16.02 -33.19 1.67
N ARG C 557 -16.42 -32.45 0.64
CA ARG C 557 -15.60 -32.36 -0.58
C ARG C 557 -14.29 -31.64 -0.30
N PHE C 558 -14.36 -30.49 0.37
CA PHE C 558 -13.14 -29.73 0.69
C PHE C 558 -12.16 -30.57 1.46
N ASN C 559 -12.68 -31.37 2.40
CA ASN C 559 -11.82 -32.15 3.27
C ASN C 559 -11.10 -33.27 2.54
N ALA C 560 -11.55 -33.62 1.34
CA ALA C 560 -10.91 -34.71 0.62
C ALA C 560 -9.58 -34.22 0.04
N ILE C 561 -9.43 -32.91 -0.09
CA ILE C 561 -8.29 -32.35 -0.80
C ILE C 561 -6.98 -32.51 -0.03
N PRO C 562 -6.94 -32.01 1.22
CA PRO C 562 -5.72 -32.20 2.02
C PRO C 562 -5.29 -33.67 2.07
N LYS C 563 -6.25 -34.59 2.00
CA LYS C 563 -5.93 -36.01 2.05
C LYS C 563 -5.02 -36.48 0.90
N PHE C 564 -5.21 -35.91 -0.29
CA PHE C 564 -4.28 -36.13 -1.41
C PHE C 564 -2.85 -35.89 -0.99
N TYR C 565 -2.63 -34.67 -0.49
CA TYR C 565 -1.28 -34.19 -0.23
C TYR C 565 -0.65 -34.86 0.98
N LYS C 566 -1.45 -35.19 1.99
CA LYS C 566 -0.95 -35.96 3.13
C LYS C 566 -0.46 -37.32 2.67
N GLN C 567 -1.17 -37.91 1.72
CA GLN C 567 -0.77 -39.20 1.18
CA GLN C 567 -0.78 -39.20 1.16
C GLN C 567 0.51 -39.05 0.35
N PHE C 568 0.60 -38.00 -0.46
CA PHE C 568 1.82 -37.77 -1.24
C PHE C 568 2.99 -37.60 -0.30
N GLU C 569 2.78 -36.91 0.82
CA GLU C 569 3.85 -36.73 1.79
C GLU C 569 4.29 -38.08 2.32
N ASP C 570 3.31 -38.91 2.64
CA ASP C 570 3.59 -40.18 3.27
C ASP C 570 4.21 -41.15 2.26
N ASP C 571 3.93 -40.94 0.98
CA ASP C 571 4.47 -41.78 -0.09
C ASP C 571 6.00 -41.71 -0.18
N GLN C 572 6.61 -40.66 0.40
CA GLN C 572 8.08 -40.54 0.45
C GLN C 572 8.77 -41.64 1.24
N LEU C 573 8.05 -42.23 2.18
CA LEU C 573 8.69 -43.00 3.24
C LEU C 573 9.65 -44.08 2.72
N ASP C 574 9.22 -44.88 1.74
CA ASP C 574 10.04 -45.98 1.22
C ASP C 574 11.23 -45.48 0.43
N PHE C 575 11.15 -44.25 -0.06
CA PHE C 575 12.16 -43.79 -1.00
C PHE C 575 13.45 -43.37 -0.30
N HIS C 576 13.38 -43.13 1.00
CA HIS C 576 14.57 -42.78 1.78
C HIS C 576 15.62 -43.88 1.70
N SER C 577 15.17 -45.13 1.59
CA SER C 577 16.09 -46.27 1.40
C SER C 577 16.17 -46.66 -0.06
N TYR C 578 15.04 -46.67 -0.74
CA TYR C 578 15.04 -47.21 -2.10
C TYR C 578 15.83 -46.37 -3.12
N CYS C 579 15.78 -45.04 -3.03
CA CYS C 579 16.60 -44.22 -3.95
C CYS C 579 18.12 -44.45 -3.79
N MET C 580 18.56 -44.72 -2.56
CA MET C 580 19.94 -45.06 -2.30
C MET C 580 20.34 -46.38 -2.93
N ARG C 581 19.48 -47.38 -2.79
CA ARG C 581 19.72 -48.69 -3.41
C ARG C 581 19.67 -48.59 -4.92
N LYS C 582 18.74 -47.80 -5.45
CA LYS C 582 18.62 -47.64 -6.90
C LYS C 582 19.76 -46.77 -7.48
N GLY C 583 20.39 -45.95 -6.65
CA GLY C 583 21.42 -45.03 -7.11
C GLY C 583 20.90 -43.77 -7.79
N THR C 584 19.93 -43.10 -7.18
CA THR C 584 19.40 -41.85 -7.74
C THR C 584 19.37 -40.72 -6.70
N PRO C 585 20.54 -40.40 -6.15
CA PRO C 585 20.61 -39.36 -5.11
C PRO C 585 20.13 -37.97 -5.57
N ARG C 586 20.42 -37.59 -6.82
CA ARG C 586 19.94 -36.29 -7.31
C ARG C 586 18.42 -36.22 -7.32
N ALA C 587 17.78 -37.22 -7.92
CA ALA C 587 16.33 -37.26 -7.91
C ALA C 587 15.77 -37.34 -6.49
N TYR C 588 16.47 -38.07 -5.63
CA TYR C 588 15.99 -38.18 -4.25
C TYR C 588 15.95 -36.80 -3.56
N LEU C 589 16.98 -35.99 -3.79
CA LEU C 589 17.02 -34.69 -3.14
C LEU C 589 15.89 -33.81 -3.66
N GLU C 590 15.60 -33.93 -4.96
CA GLU C 590 14.47 -33.19 -5.54
C GLU C 590 13.20 -33.66 -4.90
N MET C 591 13.10 -34.96 -4.59
CA MET C 591 11.92 -35.45 -3.89
C MET C 591 11.80 -34.80 -2.52
N LEU C 592 12.91 -34.69 -1.82
CA LEU C 592 12.85 -34.07 -0.51
C LEU C 592 12.31 -32.64 -0.61
N GLU C 593 12.81 -31.89 -1.59
CA GLU C 593 12.36 -30.51 -1.84
C GLU C 593 10.88 -30.44 -2.19
N TRP C 594 10.45 -31.30 -3.09
CA TRP C 594 9.06 -31.45 -3.46
C TRP C 594 8.18 -31.75 -2.24
N GLY C 595 8.60 -32.67 -1.40
CA GLY C 595 7.81 -33.02 -0.22
C GLY C 595 7.65 -31.86 0.74
N LYS C 596 8.66 -31.00 0.80
CA LYS C 596 8.64 -29.84 1.68
C LYS C 596 7.81 -28.70 1.13
N ALA C 597 7.15 -28.91 -0.01
CA ALA C 597 6.34 -27.85 -0.60
C ALA C 597 4.92 -28.33 -0.92
N LEU C 598 4.61 -29.56 -0.59
CA LEU C 598 3.31 -30.14 -0.92
C LEU C 598 2.13 -29.30 -0.43
N TYR C 599 2.25 -28.75 0.77
CA TYR C 599 1.15 -28.06 1.40
C TYR C 599 1.14 -26.58 1.03
N THR C 600 1.93 -26.23 0.00
CA THR C 600 1.96 -24.89 -0.56
C THR C 600 1.50 -24.85 -2.02
N LYS C 601 1.13 -25.99 -2.58
CA LYS C 601 0.68 -26.06 -3.98
C LYS C 601 -0.63 -25.27 -4.17
N PRO C 602 -0.80 -24.62 -5.34
CA PRO C 602 -1.95 -23.75 -5.59
C PRO C 602 -3.30 -24.39 -5.29
N MET C 603 -3.46 -25.65 -5.66
CA MET C 603 -4.76 -26.30 -5.46
C MET C 603 -4.98 -26.57 -3.98
N TYR C 604 -3.90 -26.85 -3.25
CA TYR C 604 -4.02 -27.08 -1.81
C TYR C 604 -4.42 -25.78 -1.10
N VAL C 605 -3.75 -24.69 -1.48
CA VAL C 605 -4.01 -23.38 -0.89
C VAL C 605 -5.41 -22.88 -1.26
N ARG C 606 -5.83 -23.16 -2.48
CA ARG C 606 -7.20 -22.84 -2.93
C ARG C 606 -8.22 -23.54 -2.04
N ALA C 607 -8.11 -24.86 -1.89
CA ALA C 607 -9.04 -25.62 -1.07
C ALA C 607 -8.99 -25.14 0.37
N MET C 608 -7.79 -24.86 0.85
CA MET C 608 -7.63 -24.49 2.24
C MET C 608 -8.34 -23.17 2.54
N LYS C 609 -8.21 -22.20 1.64
CA LYS C 609 -8.79 -20.89 1.87
C LYS C 609 -10.29 -20.85 1.64
N GLU C 610 -10.76 -21.54 0.61
CA GLU C 610 -12.19 -21.66 0.41
C GLU C 610 -12.84 -22.45 1.52
N ALA C 611 -12.19 -23.51 1.99
CA ALA C 611 -12.71 -24.28 3.15
C ALA C 611 -12.72 -23.43 4.43
N SER C 612 -11.76 -22.52 4.58
CA SER C 612 -11.64 -21.70 5.78
C SER C 612 -12.93 -20.91 6.04
N LYS C 613 -13.55 -20.46 4.95
CA LYS C 613 -14.89 -19.85 4.96
C LYS C 613 -15.82 -20.56 5.92
N LEU C 614 -15.91 -21.87 5.72
CA LEU C 614 -16.87 -22.69 6.43
C LEU C 614 -16.47 -22.84 7.89
N TYR C 615 -15.19 -23.04 8.14
CA TYR C 615 -14.74 -23.27 9.51
C TYR C 615 -14.83 -21.98 10.31
N PHE C 616 -14.48 -20.86 9.69
CA PHE C 616 -14.51 -19.58 10.37
C PHE C 616 -15.96 -19.27 10.73
N GLN C 617 -16.86 -19.58 9.80
CA GLN C 617 -18.26 -19.24 9.99
C GLN C 617 -18.90 -20.14 11.04
N MET C 618 -18.49 -21.41 11.08
CA MET C 618 -19.00 -22.31 12.13
C MET C 618 -18.53 -21.84 13.50
N HIS C 619 -17.32 -21.28 13.56
CA HIS C 619 -16.86 -20.68 14.81
C HIS C 619 -17.62 -19.40 15.13
N ASP C 620 -17.70 -18.48 14.17
CA ASP C 620 -18.31 -17.17 14.40
C ASP C 620 -19.80 -17.29 14.73
N ASP C 621 -20.50 -18.11 13.96
CA ASP C 621 -21.94 -18.26 14.10
C ASP C 621 -22.32 -18.99 15.40
N ARG C 622 -21.47 -19.89 15.87
CA ARG C 622 -21.71 -20.50 17.18
C ARG C 622 -21.70 -19.41 18.26
N LEU C 623 -20.74 -18.48 18.15
CA LEU C 623 -20.64 -17.40 19.12
C LEU C 623 -21.83 -16.45 19.01
N LYS C 624 -22.29 -16.21 17.80
CA LYS C 624 -23.48 -15.42 17.57
C LYS C 624 -24.71 -16.07 18.22
N ARG C 625 -24.88 -17.38 17.99
CA ARG C 625 -26.06 -18.07 18.53
C ARG C 625 -26.02 -18.11 20.05
N LYS C 626 -24.82 -18.29 20.60
CA LYS C 626 -24.65 -18.29 22.05
C LYS C 626 -25.06 -16.94 22.63
N SER C 627 -24.74 -15.84 21.96
CA SER C 627 -25.12 -14.52 22.46
C SER C 627 -26.62 -14.30 22.21
N ASP C 628 -27.11 -14.76 21.05
CA ASP C 628 -28.57 -14.75 20.78
C ASP C 628 -29.39 -15.45 21.86
N SER C 629 -28.92 -16.61 22.30
CA SER C 629 -29.74 -17.48 23.17
C SER C 629 -29.47 -17.25 24.64
N LEU C 630 -28.83 -16.13 24.95
CA LEU C 630 -28.40 -15.84 26.32
C LEU C 630 -29.49 -15.93 27.38
N ASP C 631 -30.72 -15.60 27.01
CA ASP C 631 -31.82 -15.68 27.97
C ASP C 631 -32.63 -16.98 27.88
N GLU C 632 -32.53 -17.67 26.75
CA GLU C 632 -33.50 -18.73 26.44
C GLU C 632 -33.42 -19.94 27.36
N ASN C 633 -34.58 -20.43 27.82
CA ASN C 633 -34.60 -21.58 28.72
C ASN C 633 -34.97 -22.88 28.02
N SER C 634 -34.56 -23.03 26.77
CA SER C 634 -34.87 -24.23 25.99
C SER C 634 -34.04 -24.26 24.72
N ASN C 678 -18.32 -43.81 7.11
CA ASN C 678 -19.59 -43.31 6.64
C ASN C 678 -19.69 -41.78 6.70
N ASP C 679 -20.81 -41.29 7.23
CA ASP C 679 -21.11 -39.85 7.27
C ASP C 679 -20.99 -39.24 5.87
N VAL C 680 -21.77 -39.81 4.95
CA VAL C 680 -21.70 -39.50 3.53
C VAL C 680 -22.05 -38.05 3.24
N PHE C 681 -22.87 -37.45 4.09
CA PHE C 681 -23.30 -36.07 3.91
C PHE C 681 -22.53 -35.06 4.79
N GLY C 682 -21.49 -35.54 5.45
CA GLY C 682 -20.64 -34.65 6.23
C GLY C 682 -21.36 -34.04 7.42
N GLU C 683 -22.36 -34.73 7.95
CA GLU C 683 -23.14 -34.20 9.06
C GLU C 683 -22.29 -34.00 10.30
N LYS C 684 -21.38 -34.94 10.56
CA LYS C 684 -20.52 -34.84 11.73
C LYS C 684 -19.60 -33.64 11.57
N LEU C 685 -19.14 -33.41 10.35
CA LEU C 685 -18.19 -32.33 10.10
C LEU C 685 -18.80 -30.99 10.47
N ILE C 686 -20.10 -30.81 10.24
CA ILE C 686 -20.68 -29.49 10.45
C ILE C 686 -21.31 -29.35 11.82
N GLU C 687 -21.30 -30.42 12.61
CA GLU C 687 -21.76 -30.36 13.98
C GLU C 687 -20.65 -29.98 14.94
N THR C 688 -19.43 -29.92 14.43
CA THR C 688 -18.26 -29.86 15.28
C THR C 688 -18.28 -28.66 16.23
N SER C 689 -17.86 -28.92 17.46
CA SER C 689 -17.64 -27.84 18.43
C SER C 689 -16.22 -27.31 18.40
N THR C 690 -15.36 -27.90 17.57
CA THR C 690 -13.98 -27.43 17.47
C THR C 690 -13.62 -27.09 16.03
N PRO C 691 -14.41 -26.20 15.41
CA PRO C 691 -14.19 -25.87 13.99
C PRO C 691 -12.78 -25.35 13.70
N MET C 692 -12.22 -24.61 14.63
CA MET C 692 -10.92 -23.98 14.42
C MET C 692 -9.79 -25.00 14.54
N GLU C 693 -9.88 -25.91 15.50
CA GLU C 693 -8.88 -26.97 15.59
C GLU C 693 -9.01 -27.96 14.40
N ASP C 694 -10.23 -28.24 13.96
CA ASP C 694 -10.47 -29.04 12.76
C ASP C 694 -9.77 -28.44 11.53
N PHE C 695 -9.91 -27.13 11.33
CA PHE C 695 -9.25 -26.42 10.24
C PHE C 695 -7.73 -26.53 10.36
N ALA C 696 -7.24 -26.31 11.58
CA ALA C 696 -5.79 -26.34 11.86
C ALA C 696 -5.14 -27.68 11.47
N THR C 697 -5.69 -28.77 11.99
CA THR C 697 -5.14 -30.10 11.77
C THR C 697 -5.44 -30.67 10.38
N GLU C 698 -6.55 -30.24 9.78
CA GLU C 698 -6.91 -30.74 8.46
C GLU C 698 -6.26 -29.94 7.32
N PHE C 699 -6.10 -28.63 7.49
CA PHE C 699 -5.60 -27.76 6.42
C PHE C 699 -4.41 -26.91 6.81
N TYR C 700 -4.53 -26.19 7.92
CA TYR C 700 -3.71 -25.00 8.07
C TYR C 700 -2.32 -25.28 8.60
N ASN C 701 -2.20 -26.11 9.61
CA ASN C 701 -0.91 -26.33 10.25
C ASN C 701 0.15 -26.84 9.26
N ASN C 702 -0.22 -27.78 8.40
CA ASN C 702 0.74 -28.30 7.43
C ASN C 702 1.17 -27.26 6.41
N TYR C 703 0.22 -26.47 5.94
CA TYR C 703 0.52 -25.30 5.12
C TYR C 703 1.46 -24.32 5.82
N SER C 704 1.14 -23.99 7.07
CA SER C 704 1.85 -22.93 7.77
C SER C 704 3.30 -23.34 8.07
N MET C 705 3.51 -24.64 8.24
CA MET C 705 4.85 -25.16 8.52
C MET C 705 5.74 -25.11 7.27
N GLN C 706 5.13 -25.06 6.09
CA GLN C 706 5.92 -25.13 4.86
C GLN C 706 5.98 -23.81 4.08
N VAL C 707 5.03 -22.92 4.29
CA VAL C 707 4.93 -21.82 3.37
C VAL C 707 6.12 -20.87 3.50
N ARG C 708 6.64 -20.42 2.36
CA ARG C 708 7.71 -19.42 2.33
C ARG C 708 7.21 -18.07 2.85
N GLU C 709 8.08 -17.34 3.55
CA GLU C 709 7.72 -16.02 4.06
C GLU C 709 7.23 -15.08 2.97
N ASP C 710 7.78 -15.19 1.76
CA ASP C 710 7.44 -14.27 0.68
C ASP C 710 6.14 -14.67 -0.01
N GLU C 711 5.57 -15.81 0.38
CA GLU C 711 4.29 -16.27 -0.14
C GLU C 711 3.21 -16.32 0.94
N ARG C 712 3.58 -15.96 2.16
CA ARG C 712 2.71 -16.15 3.29
C ARG C 712 1.61 -15.09 3.29
N ASP C 713 0.38 -15.54 3.53
CA ASP C 713 -0.79 -14.68 3.59
C ASP C 713 -1.01 -14.26 5.05
N TYR C 714 -0.59 -13.05 5.39
CA TYR C 714 -0.61 -12.60 6.78
C TYR C 714 -2.03 -12.25 7.25
N ILE C 715 -2.91 -11.99 6.29
CA ILE C 715 -4.28 -11.70 6.64
C ILE C 715 -4.97 -12.99 7.07
N LEU C 716 -4.72 -14.09 6.37
CA LEU C 716 -5.18 -15.41 6.79
C LEU C 716 -4.63 -15.76 8.16
N ASP C 717 -3.32 -15.54 8.37
CA ASP C 717 -2.71 -15.83 9.66
C ASP C 717 -3.40 -15.02 10.76
N PHE C 718 -3.68 -13.75 10.49
CA PHE C 718 -4.30 -12.87 11.47
C PHE C 718 -5.67 -13.43 11.81
N GLU C 719 -6.49 -13.73 10.80
CA GLU C 719 -7.89 -14.07 11.05
C GLU C 719 -8.05 -15.46 11.64
N PHE C 720 -7.11 -16.34 11.35
CA PHE C 720 -7.07 -17.66 11.99
C PHE C 720 -6.69 -17.55 13.47
N ASN C 721 -5.58 -16.87 13.74
CA ASN C 721 -5.10 -16.78 15.12
C ASN C 721 -6.00 -15.93 16.01
N TYR C 722 -6.73 -14.99 15.40
CA TYR C 722 -7.68 -14.19 16.15
C TYR C 722 -8.76 -15.08 16.77
N ARG C 723 -9.19 -16.06 15.99
CA ARG C 723 -10.29 -16.92 16.37
C ARG C 723 -9.92 -18.00 17.41
N ILE C 724 -8.63 -18.29 17.56
CA ILE C 724 -8.18 -19.21 18.59
C ILE C 724 -7.44 -18.46 19.68
N GLY C 725 -7.59 -17.15 19.70
CA GLY C 725 -7.04 -16.32 20.76
C GLY C 725 -5.54 -16.14 20.84
N LYS C 726 -4.80 -16.53 19.79
CA LYS C 726 -3.35 -16.30 19.82
C LYS C 726 -2.98 -14.88 19.36
N LEU C 727 -3.26 -13.88 20.21
CA LEU C 727 -3.08 -12.46 19.86
C LEU C 727 -1.65 -12.04 19.51
N ALA C 728 -0.66 -12.71 20.09
CA ALA C 728 0.72 -12.35 19.78
C ALA C 728 1.06 -12.77 18.35
N LEU C 729 0.44 -13.83 17.87
CA LEU C 729 0.62 -14.19 16.48
C LEU C 729 -0.11 -13.22 15.57
N CYS C 730 -1.27 -12.72 16.02
CA CYS C 730 -1.99 -11.67 15.27
C CYS C 730 -1.11 -10.43 15.13
N PHE C 731 -0.47 -10.02 16.22
CA PHE C 731 0.41 -8.86 16.18
C PHE C 731 1.59 -9.10 15.23
N ALA C 732 2.17 -10.30 15.31
CA ALA C 732 3.30 -10.61 14.45
C ALA C 732 2.90 -10.55 12.97
N SER C 733 1.76 -11.15 12.63
CA SER C 733 1.18 -11.03 11.30
C SER C 733 1.02 -9.58 10.87
N LEU C 734 0.43 -8.78 11.74
CA LEU C 734 0.16 -7.38 11.47
C LEU C 734 1.46 -6.65 11.15
N ASN C 735 2.49 -7.02 11.90
CA ASN C 735 3.76 -6.34 11.82
C ASN C 735 4.52 -6.70 10.54
N LYS C 736 4.49 -7.98 10.21
CA LYS C 736 5.17 -8.48 9.02
C LYS C 736 4.42 -8.02 7.76
N PHE C 737 3.10 -7.94 7.83
CA PHE C 737 2.30 -7.40 6.74
C PHE C 737 2.68 -5.96 6.42
N ALA C 738 2.92 -5.17 7.47
CA ALA C 738 3.25 -3.76 7.32
C ALA C 738 4.57 -3.59 6.57
N LYS C 739 5.54 -4.44 6.89
CA LYS C 739 6.84 -4.42 6.23
C LYS C 739 6.73 -4.52 4.70
N ARG C 740 5.78 -5.32 4.21
CA ARG C 740 5.62 -5.47 2.76
C ARG C 740 4.66 -4.44 2.15
N PHE C 741 3.56 -4.14 2.85
CA PHE C 741 2.47 -3.35 2.24
C PHE C 741 2.32 -1.94 2.79
N GLY C 742 3.15 -1.60 3.78
CA GLY C 742 3.16 -0.25 4.32
C GLY C 742 2.16 -0.05 5.45
N THR C 743 2.32 1.06 6.16
CA THR C 743 1.42 1.40 7.26
C THR C 743 0.22 2.25 6.81
N THR C 744 0.07 2.46 5.50
CA THR C 744 -1.00 3.30 4.98
C THR C 744 -2.08 2.47 4.30
N SER C 745 -1.78 1.20 4.10
CA SER C 745 -2.72 0.24 3.54
C SER C 745 -4.01 0.16 4.39
N GLY C 746 -5.15 0.21 3.72
CA GLY C 746 -6.44 0.14 4.42
C GLY C 746 -6.57 -1.19 5.14
N LEU C 747 -5.93 -2.20 4.56
CA LEU C 747 -5.92 -3.54 5.11
C LEU C 747 -5.07 -3.62 6.39
N PHE C 748 -3.95 -2.90 6.40
CA PHE C 748 -3.18 -2.72 7.62
C PHE C 748 -4.02 -2.05 8.71
N GLY C 749 -4.69 -0.96 8.34
CA GLY C 749 -5.48 -0.21 9.29
C GLY C 749 -6.58 -1.04 9.91
N SER C 750 -7.26 -1.85 9.10
CA SER C 750 -8.41 -2.60 9.58
C SER C 750 -7.95 -3.73 10.52
N MET C 751 -6.87 -4.41 10.17
CA MET C 751 -6.31 -5.39 11.09
C MET C 751 -5.84 -4.76 12.40
N ALA C 752 -5.17 -3.61 12.31
CA ALA C 752 -4.66 -2.93 13.49
C ALA C 752 -5.81 -2.52 14.42
N ILE C 753 -6.88 -2.00 13.85
CA ILE C 753 -8.04 -1.61 14.63
C ILE C 753 -8.64 -2.81 15.38
N VAL C 754 -8.70 -3.95 14.71
CA VAL C 754 -9.32 -5.13 15.28
C VAL C 754 -8.41 -5.69 16.36
N LEU C 755 -7.10 -5.62 16.13
CA LEU C 755 -6.14 -6.08 17.14
C LEU C 755 -6.17 -5.18 18.38
N LEU C 756 -6.21 -3.87 18.16
CA LEU C 756 -6.40 -2.89 19.23
C LEU C 756 -7.59 -3.22 20.09
N HIS C 757 -8.72 -3.44 19.44
CA HIS C 757 -9.93 -3.74 20.17
C HIS C 757 -9.78 -5.00 21.00
N ALA C 758 -9.03 -5.97 20.51
CA ALA C 758 -8.87 -7.24 21.20
C ALA C 758 -8.09 -7.09 22.52
N THR C 759 -7.34 -6.00 22.66
CA THR C 759 -6.55 -5.77 23.86
C THR C 759 -7.35 -5.14 24.99
N ARG C 760 -8.63 -4.88 24.77
CA ARG C 760 -9.50 -4.35 25.83
C ARG C 760 -9.70 -5.36 26.96
N ASN C 761 -9.89 -4.84 28.17
CA ASN C 761 -10.12 -5.67 29.34
C ASN C 761 -11.33 -6.57 29.23
N ASP C 762 -12.36 -6.10 28.53
CA ASP C 762 -13.64 -6.82 28.50
C ASP C 762 -13.70 -7.88 27.40
N THR C 763 -12.63 -8.06 26.64
CA THR C 763 -12.59 -9.12 25.63
C THR C 763 -12.09 -10.42 26.24
N PRO C 764 -12.52 -11.55 25.66
CA PRO C 764 -12.29 -12.88 26.24
C PRO C 764 -10.88 -13.45 26.07
N PHE C 765 -9.96 -12.70 25.48
CA PHE C 765 -8.58 -13.16 25.30
C PHE C 765 -7.84 -13.21 26.63
N ASP C 766 -6.76 -13.98 26.67
CA ASP C 766 -5.97 -14.08 27.88
C ASP C 766 -5.42 -12.72 28.29
N PRO C 767 -5.69 -12.31 29.54
CA PRO C 767 -5.32 -11.00 30.07
C PRO C 767 -3.81 -10.75 30.08
N ILE C 768 -3.03 -11.81 30.18
CA ILE C 768 -1.59 -11.63 30.23
C ILE C 768 -1.10 -11.33 28.82
N LEU C 769 -1.62 -12.11 27.87
CA LEU C 769 -1.32 -11.91 26.46
C LEU C 769 -1.72 -10.51 26.00
N LYS C 770 -2.85 -10.05 26.50
CA LYS C 770 -3.38 -8.75 26.09
C LYS C 770 -2.44 -7.63 26.46
N LYS C 771 -1.89 -7.70 27.67
CA LYS C 771 -0.97 -6.68 28.16
C LYS C 771 0.35 -6.71 27.38
N VAL C 772 0.74 -7.90 26.94
CA VAL C 772 1.97 -8.05 26.17
C VAL C 772 1.82 -7.47 24.76
N VAL C 773 0.65 -7.65 24.16
CA VAL C 773 0.37 -7.07 22.85
C VAL C 773 0.16 -5.57 22.93
N THR C 774 -0.42 -5.12 24.03
CA THR C 774 -0.52 -3.70 24.33
C THR C 774 0.87 -3.05 24.35
N LYS C 775 1.83 -3.72 24.99
CA LYS C 775 3.20 -3.24 25.03
C LYS C 775 3.82 -3.28 23.63
N SER C 776 3.57 -4.37 22.91
CA SER C 776 4.02 -4.46 21.52
C SER C 776 3.46 -3.30 20.68
N LEU C 777 2.17 -3.00 20.85
CA LEU C 777 1.53 -1.93 20.09
C LEU C 777 2.10 -0.55 20.43
N GLU C 778 2.24 -0.27 21.72
CA GLU C 778 2.77 1.02 22.17
C GLU C 778 4.18 1.25 21.63
N LYS C 779 4.98 0.19 21.62
CA LYS C 779 6.37 0.28 21.18
C LYS C 779 6.48 0.71 19.72
N GLU C 780 5.77 0.01 18.85
CA GLU C 780 5.89 0.24 17.42
C GLU C 780 4.86 1.21 16.82
N TYR C 781 3.69 1.35 17.42
CA TYR C 781 2.58 1.99 16.72
C TYR C 781 1.88 3.11 17.47
N SER C 782 2.56 3.71 18.43
CA SER C 782 1.98 4.78 19.24
C SER C 782 1.63 6.02 18.40
N GLU C 783 2.40 6.27 17.33
CA GLU C 783 2.17 7.45 16.50
C GLU C 783 1.18 7.19 15.36
N ASN C 784 0.82 5.91 15.18
CA ASN C 784 -0.11 5.52 14.13
C ASN C 784 -1.58 5.49 14.56
N PHE C 785 -1.82 5.12 15.82
CA PHE C 785 -3.17 4.92 16.32
C PHE C 785 -3.31 5.53 17.70
N PRO C 786 -4.49 6.10 17.98
CA PRO C 786 -4.68 6.60 19.35
C PRO C 786 -4.94 5.46 20.32
N LEU C 787 -3.91 4.69 20.63
CA LEU C 787 -3.96 3.59 21.59
C LEU C 787 -4.83 3.86 22.84
N ASN C 788 -4.89 5.12 23.26
CA ASN C 788 -5.64 5.47 24.47
C ASN C 788 -7.16 5.39 24.29
N GLU C 789 -7.59 5.54 23.04
CA GLU C 789 -9.01 5.55 22.70
C GLU C 789 -9.57 4.14 22.76
N ILE C 790 -8.69 3.17 22.96
CA ILE C 790 -9.07 1.77 22.97
C ILE C 790 -10.14 1.46 24.02
N SER C 791 -9.99 2.06 25.21
CA SER C 791 -10.91 1.83 26.31
C SER C 791 -12.15 2.74 26.27
N ASN C 792 -12.12 3.74 25.38
CA ASN C 792 -13.19 4.73 25.27
C ASN C 792 -14.33 4.26 24.37
N ASN C 793 -15.51 4.01 24.95
CA ASN C 793 -16.67 3.54 24.21
C ASN C 793 -17.34 4.61 23.33
N SER C 794 -16.81 5.82 23.37
CA SER C 794 -17.40 6.92 22.62
C SER C 794 -16.71 7.11 21.26
N PHE C 795 -15.55 6.49 21.10
CA PHE C 795 -14.73 6.75 19.93
C PHE C 795 -15.27 6.03 18.72
N ASP C 796 -15.37 6.76 17.61
CA ASP C 796 -15.87 6.21 16.35
C ASP C 796 -14.71 5.70 15.49
N TRP C 797 -14.54 4.39 15.44
CA TRP C 797 -13.43 3.79 14.70
C TRP C 797 -13.66 3.79 13.19
N LEU C 798 -14.91 3.90 12.74
CA LEU C 798 -15.16 3.97 11.31
C LEU C 798 -14.72 5.33 10.81
N ASN C 799 -15.04 6.35 11.60
CA ASN C 799 -14.64 7.69 11.30
C ASN C 799 -13.12 7.83 11.32
N PHE C 800 -12.47 7.27 12.32
CA PHE C 800 -11.02 7.25 12.35
C PHE C 800 -10.47 6.59 11.10
N TYR C 801 -11.10 5.48 10.70
CA TYR C 801 -10.63 4.71 9.54
C TYR C 801 -10.71 5.49 8.23
N GLN C 802 -11.85 6.13 7.98
CA GLN C 802 -12.06 6.94 6.79
C GLN C 802 -11.01 8.03 6.70
N GLU C 803 -10.80 8.73 7.81
CA GLU C 803 -9.87 9.85 7.87
C GLU C 803 -8.43 9.42 7.57
N LYS C 804 -7.98 8.33 8.19
CA LYS C 804 -6.58 7.96 8.12
C LYS C 804 -6.25 7.01 6.97
N PHE C 805 -7.21 6.21 6.52
CA PHE C 805 -6.92 5.23 5.46
C PHE C 805 -7.77 5.40 4.22
N GLY C 806 -8.75 6.29 4.27
CA GLY C 806 -9.65 6.51 3.15
C GLY C 806 -10.68 5.41 2.94
N LYS C 807 -11.36 5.49 1.80
CA LYS C 807 -12.56 4.71 1.56
C LYS C 807 -12.46 3.80 0.34
N ASN C 808 -11.26 3.66 -0.22
CA ASN C 808 -11.08 3.00 -1.51
C ASN C 808 -10.55 1.57 -1.47
N ASP C 809 -10.15 1.10 -0.29
CA ASP C 809 -9.54 -0.22 -0.19
C ASP C 809 -10.61 -1.29 0.13
N ILE C 810 -11.09 -1.97 -0.90
CA ILE C 810 -12.23 -2.86 -0.75
C ILE C 810 -11.94 -3.97 0.27
N ASN C 811 -10.74 -4.52 0.22
CA ASN C 811 -10.39 -5.57 1.16
C ASN C 811 -10.31 -5.10 2.61
N GLY C 812 -9.90 -3.86 2.80
CA GLY C 812 -9.92 -3.25 4.12
C GLY C 812 -11.34 -3.11 4.61
N LEU C 813 -12.23 -2.70 3.71
CA LEU C 813 -13.63 -2.51 4.06
C LEU C 813 -14.30 -3.85 4.40
N LEU C 814 -14.01 -4.88 3.62
CA LEU C 814 -14.58 -6.21 3.88
C LEU C 814 -14.08 -6.79 5.20
N PHE C 815 -12.79 -6.61 5.46
CA PHE C 815 -12.21 -7.01 6.76
C PHE C 815 -12.99 -6.33 7.90
N LEU C 816 -13.18 -5.01 7.82
CA LEU C 816 -13.94 -4.33 8.87
C LEU C 816 -15.34 -4.93 8.95
N TYR C 817 -15.92 -5.27 7.80
CA TYR C 817 -17.29 -5.79 7.79
C TYR C 817 -17.40 -7.08 8.62
N ARG C 818 -16.36 -7.89 8.60
CA ARG C 818 -16.37 -9.16 9.33
C ARG C 818 -16.27 -8.96 10.85
N TYR C 819 -15.62 -7.87 11.29
CA TYR C 819 -15.53 -7.59 12.73
C TYR C 819 -16.38 -6.41 13.14
N ARG C 820 -17.35 -6.07 12.30
CA ARG C 820 -18.11 -4.82 12.49
C ARG C 820 -18.91 -4.81 13.81
N ASP C 821 -19.16 -5.98 14.38
CA ASP C 821 -19.87 -6.04 15.65
C ASP C 821 -18.93 -6.33 16.82
N ASP C 822 -17.64 -6.57 16.52
CA ASP C 822 -16.60 -6.68 17.54
C ASP C 822 -15.99 -5.31 17.81
N VAL C 823 -15.23 -4.81 16.84
CA VAL C 823 -14.99 -3.40 16.84
C VAL C 823 -16.38 -2.95 16.67
N PRO C 824 -16.78 -1.95 17.43
CA PRO C 824 -17.99 -1.42 16.81
C PRO C 824 -17.51 -0.69 15.54
N ILE C 825 -18.01 -1.08 14.37
CA ILE C 825 -17.91 -0.34 13.12
C ILE C 825 -19.32 -0.14 12.58
N GLY C 826 -19.77 1.10 12.44
CA GLY C 826 -21.10 1.38 11.92
C GLY C 826 -21.48 0.61 10.65
N SER C 827 -22.45 -0.29 10.75
CA SER C 827 -22.77 -1.21 9.64
C SER C 827 -23.26 -0.56 8.35
N SER C 828 -24.23 0.34 8.44
CA SER C 828 -24.80 0.91 7.22
C SER C 828 -23.79 1.72 6.41
N ASN C 829 -23.02 2.58 7.08
CA ASN C 829 -22.05 3.42 6.36
C ASN C 829 -20.90 2.58 5.82
N LEU C 830 -20.49 1.56 6.56
CA LEU C 830 -19.49 0.62 6.05
C LEU C 830 -20.00 -0.03 4.78
N LYS C 831 -21.25 -0.49 4.80
CA LYS C 831 -21.83 -1.21 3.67
C LYS C 831 -21.94 -0.31 2.45
N GLU C 832 -22.38 0.91 2.69
CA GLU C 832 -22.49 1.88 1.63
C GLU C 832 -21.10 2.14 0.98
N MET C 833 -20.03 2.14 1.77
CA MET C 833 -18.70 2.32 1.18
C MET C 833 -18.32 1.12 0.33
N ILE C 834 -18.57 -0.07 0.84
CA ILE C 834 -18.32 -1.29 0.07
C ILE C 834 -19.08 -1.26 -1.27
N ILE C 835 -20.33 -0.83 -1.23
CA ILE C 835 -21.16 -0.84 -2.44
C ILE C 835 -20.64 0.20 -3.44
N SER C 836 -20.31 1.38 -2.93
CA SER C 836 -19.70 2.43 -3.72
C SER C 836 -18.48 1.87 -4.45
N SER C 837 -17.64 1.15 -3.70
CA SER C 837 -16.42 0.58 -4.24
C SER C 837 -16.66 -0.47 -5.32
N LEU C 838 -17.87 -1.02 -5.37
CA LEU C 838 -18.18 -2.04 -6.38
C LEU C 838 -18.96 -1.44 -7.56
N SER C 839 -19.20 -0.13 -7.52
CA SER C 839 -20.05 0.58 -8.51
C SER C 839 -19.72 0.30 -9.98
N PRO C 840 -18.42 0.35 -10.34
CA PRO C 840 -17.99 0.06 -11.72
C PRO C 840 -18.35 -1.33 -12.24
N LEU C 841 -18.90 -2.17 -11.37
CA LEU C 841 -19.32 -3.51 -11.79
C LEU C 841 -20.73 -3.53 -12.31
N GLU C 842 -21.05 -4.58 -13.08
CA GLU C 842 -22.41 -4.85 -13.54
C GLU C 842 -23.37 -4.97 -12.35
N PRO C 843 -24.68 -4.89 -12.61
CA PRO C 843 -25.61 -4.91 -11.48
C PRO C 843 -25.73 -6.29 -10.83
N HIS C 844 -25.94 -7.32 -11.65
CA HIS C 844 -26.10 -8.68 -11.13
C HIS C 844 -24.79 -9.20 -10.55
N SER C 845 -23.67 -8.63 -11.00
CA SER C 845 -22.35 -9.04 -10.50
C SER C 845 -22.10 -8.47 -9.10
N GLN C 846 -22.45 -7.20 -8.89
CA GLN C 846 -22.36 -6.59 -7.56
C GLN C 846 -23.09 -7.46 -6.56
N ASN C 847 -24.34 -7.82 -6.90
CA ASN C 847 -25.21 -8.59 -6.02
C ASN C 847 -24.65 -9.97 -5.69
N GLU C 848 -24.09 -10.66 -6.67
CA GLU C 848 -23.53 -11.97 -6.43
C GLU C 848 -22.31 -11.88 -5.52
N ILE C 849 -21.56 -10.80 -5.65
CA ILE C 849 -20.41 -10.58 -4.76
C ILE C 849 -20.85 -10.31 -3.32
N LEU C 850 -21.92 -9.54 -3.15
CA LEU C 850 -22.45 -9.29 -1.83
C LEU C 850 -22.93 -10.60 -1.20
N GLN C 851 -23.39 -11.52 -2.04
CA GLN C 851 -23.88 -12.80 -1.54
C GLN C 851 -22.72 -13.62 -0.97
N TYR C 852 -21.54 -13.48 -1.58
CA TYR C 852 -20.37 -14.20 -1.10
C TYR C 852 -19.58 -13.51 0.05
N TYR C 853 -19.59 -12.18 0.09
CA TYR C 853 -18.63 -11.45 0.92
C TYR C 853 -19.27 -10.65 2.04
N LEU C 854 -20.58 -10.47 1.96
CA LEU C 854 -21.33 -9.77 3.01
C LEU C 854 -22.33 -10.70 3.70
N TYR C 855 -23.20 -11.32 2.90
CA TYR C 855 -24.35 -12.05 3.41
C TYR C 855 -24.01 -13.10 4.49
N PRO C 856 -22.95 -13.89 4.29
CA PRO C 856 -22.64 -14.89 5.32
C PRO C 856 -22.36 -14.28 6.69
N TYR C 857 -21.88 -13.04 6.69
CA TYR C 857 -21.58 -12.35 7.95
C TYR C 857 -22.77 -11.57 8.48
N ASP C 858 -23.91 -11.62 7.77
CA ASP C 858 -25.12 -10.95 8.23
C ASP C 858 -26.03 -11.80 9.16
N VAL C 859 -26.35 -13.01 8.74
CA VAL C 859 -27.25 -13.87 9.53
C VAL C 859 -26.54 -15.18 9.81
N PRO C 860 -26.54 -15.60 11.07
CA PRO C 860 -25.90 -16.89 11.37
C PRO C 860 -26.75 -18.09 10.90
N ASP C 861 -26.10 -19.22 10.60
CA ASP C 861 -26.76 -20.52 10.40
C ASP C 861 -27.53 -20.99 11.62
N TYR C 862 -28.24 -22.11 11.40
CA TYR C 862 -29.06 -22.85 12.36
C TYR C 862 -30.27 -22.03 12.70
N PRO D 2 1.90 -21.70 -27.29
CA PRO D 2 2.54 -22.84 -27.95
C PRO D 2 2.88 -23.95 -26.96
N ILE D 3 3.34 -25.08 -27.49
CA ILE D 3 3.69 -26.23 -26.68
C ILE D 3 5.19 -26.31 -26.43
N ASN D 4 5.57 -26.73 -25.23
CA ASN D 4 6.97 -26.95 -24.89
C ASN D 4 7.22 -28.41 -24.59
N ILE D 5 8.33 -28.96 -25.09
CA ILE D 5 8.73 -30.33 -24.79
C ILE D 5 10.00 -30.34 -23.94
N ARG D 6 9.97 -31.09 -22.83
CA ARG D 6 11.11 -31.16 -21.93
C ARG D 6 11.06 -32.42 -21.07
N ARG D 7 12.13 -32.63 -20.32
CA ARG D 7 12.24 -33.76 -19.42
C ARG D 7 11.34 -33.57 -18.22
N ALA D 8 10.71 -34.67 -17.78
CA ALA D 8 9.87 -34.66 -16.59
C ALA D 8 10.71 -34.55 -15.33
N THR D 9 10.18 -33.91 -14.29
CA THR D 9 10.76 -34.04 -12.94
C THR D 9 9.64 -34.41 -11.97
N ILE D 10 9.97 -34.63 -10.69
CA ILE D 10 8.94 -34.99 -9.71
C ILE D 10 7.85 -33.92 -9.57
N ASN D 11 8.17 -32.65 -9.87
CA ASN D 11 7.17 -31.55 -9.87
C ASN D 11 6.10 -31.67 -10.94
N ASP D 12 6.29 -32.57 -11.87
CA ASP D 12 5.27 -32.81 -12.89
C ASP D 12 4.25 -33.88 -12.47
N ILE D 13 4.58 -34.75 -11.51
CA ILE D 13 3.75 -35.96 -11.36
C ILE D 13 2.34 -35.64 -10.85
N ILE D 14 2.20 -34.65 -9.98
CA ILE D 14 0.87 -34.24 -9.55
C ILE D 14 0.04 -33.68 -10.72
N CYS D 15 0.73 -32.97 -11.62
CA CYS D 15 0.14 -32.46 -12.84
C CYS D 15 -0.40 -33.58 -13.75
N MET D 16 0.15 -34.77 -13.60
CA MET D 16 -0.23 -35.93 -14.41
C MET D 16 -1.57 -36.54 -14.01
N GLN D 17 -2.09 -36.10 -12.87
CA GLN D 17 -3.35 -36.65 -12.40
C GLN D 17 -4.52 -35.89 -13.01
N ASN D 18 -4.22 -34.81 -13.75
CA ASN D 18 -5.27 -33.95 -14.32
C ASN D 18 -6.25 -34.74 -15.20
N ALA D 19 -7.54 -34.61 -14.91
CA ALA D 19 -8.58 -35.38 -15.59
C ALA D 19 -8.60 -35.15 -17.10
N ASN D 20 -8.07 -34.01 -17.54
CA ASN D 20 -7.96 -33.70 -18.97
C ASN D 20 -6.99 -34.64 -19.68
N LEU D 21 -6.15 -35.33 -18.91
CA LEU D 21 -5.19 -36.26 -19.50
C LEU D 21 -5.64 -37.71 -19.40
N HIS D 22 -6.83 -37.94 -18.85
CA HIS D 22 -7.29 -39.32 -18.69
C HIS D 22 -8.76 -39.48 -19.07
N ASN D 23 -9.05 -40.54 -19.83
CA ASN D 23 -10.43 -40.88 -20.17
C ASN D 23 -11.23 -41.22 -18.89
N LEU D 24 -10.59 -41.98 -18.01
CA LEU D 24 -11.12 -42.22 -16.66
C LEU D 24 -10.06 -41.89 -15.60
N PRO D 25 -10.51 -41.59 -14.37
CA PRO D 25 -9.62 -41.34 -13.23
C PRO D 25 -8.68 -42.51 -12.95
N GLU D 26 -7.42 -42.22 -12.63
CA GLU D 26 -6.49 -43.27 -12.21
C GLU D 26 -5.52 -42.78 -11.14
N MET D 29 -2.06 -44.93 -8.06
CA MET D 29 -1.40 -44.64 -9.32
C MET D 29 -0.46 -43.43 -9.21
N MET D 30 -0.55 -42.70 -8.10
CA MET D 30 0.34 -41.55 -7.87
C MET D 30 1.70 -42.04 -7.37
N LYS D 31 1.68 -43.08 -6.54
CA LYS D 31 2.91 -43.68 -6.06
C LYS D 31 3.66 -44.36 -7.21
N TYR D 32 2.90 -44.82 -8.19
CA TYR D 32 3.48 -45.42 -9.38
CA TYR D 32 3.49 -45.41 -9.40
C TYR D 32 4.25 -44.35 -10.18
N TYR D 33 3.66 -43.15 -10.31
CA TYR D 33 4.37 -42.05 -10.96
C TYR D 33 5.69 -41.78 -10.23
N MET D 34 5.60 -41.74 -8.89
CA MET D 34 6.74 -41.48 -8.02
C MET D 34 7.85 -42.50 -8.23
N TYR D 35 7.44 -43.76 -8.22
CA TYR D 35 8.35 -44.86 -8.42
C TYR D 35 9.05 -44.77 -9.78
N HIS D 36 8.30 -44.39 -10.82
CA HIS D 36 8.96 -44.17 -12.13
C HIS D 36 9.97 -43.04 -12.09
N ILE D 37 9.52 -41.88 -11.64
CA ILE D 37 10.31 -40.68 -11.77
C ILE D 37 11.56 -40.71 -10.89
N LEU D 38 11.50 -41.47 -9.80
CA LEU D 38 12.62 -41.56 -8.86
C LEU D 38 13.52 -42.76 -9.15
N SER D 39 13.10 -43.62 -10.08
CA SER D 39 13.90 -44.80 -10.49
C SER D 39 14.61 -44.58 -11.81
N TRP D 40 13.88 -43.94 -12.75
CA TRP D 40 14.40 -43.60 -14.07
C TRP D 40 14.15 -42.11 -14.32
N PRO D 41 14.90 -41.26 -13.62
CA PRO D 41 14.71 -39.80 -13.62
C PRO D 41 15.09 -39.10 -14.92
N GLU D 42 15.78 -39.79 -15.83
CA GLU D 42 16.11 -39.19 -17.12
C GLU D 42 15.29 -39.74 -18.29
N ALA D 43 14.30 -40.58 -18.01
CA ALA D 43 13.68 -41.32 -19.12
C ALA D 43 12.33 -40.78 -19.54
N SER D 44 11.64 -40.05 -18.66
CA SER D 44 10.29 -39.56 -18.96
C SER D 44 10.27 -38.09 -19.42
N PHE D 45 9.25 -37.72 -20.21
CA PHE D 45 9.17 -36.40 -20.82
C PHE D 45 7.74 -35.89 -20.80
N VAL D 46 7.59 -34.57 -20.83
CA VAL D 46 6.26 -33.94 -20.82
C VAL D 46 6.14 -32.84 -21.88
N ALA D 47 4.92 -32.54 -22.29
CA ALA D 47 4.62 -31.39 -23.12
C ALA D 47 3.75 -30.46 -22.31
N THR D 48 4.08 -29.17 -22.31
CA THR D 48 3.47 -28.24 -21.39
C THR D 48 3.01 -26.96 -22.07
N THR D 49 2.02 -26.31 -21.46
CA THR D 49 1.73 -24.89 -21.70
C THR D 49 1.68 -24.21 -20.33
N THR D 50 1.51 -22.90 -20.33
CA THR D 50 1.60 -22.12 -19.10
C THR D 50 0.28 -22.15 -18.34
N THR D 51 0.39 -22.07 -17.02
CA THR D 51 -0.75 -22.24 -16.15
C THR D 51 -0.51 -21.50 -14.84
N LEU D 52 -1.59 -21.25 -14.09
CA LEU D 52 -1.46 -20.79 -12.71
C LEU D 52 -1.51 -21.97 -11.76
N ASP D 53 -2.12 -23.07 -12.21
CA ASP D 53 -2.31 -24.27 -11.38
C ASP D 53 -2.43 -25.48 -12.32
N CYS D 54 -1.40 -26.34 -12.34
CA CYS D 54 -1.34 -27.46 -13.28
C CYS D 54 -2.41 -28.50 -12.97
N GLU D 55 -2.99 -28.38 -11.79
CA GLU D 55 -4.06 -29.26 -11.35
C GLU D 55 -5.45 -28.78 -11.79
N ASP D 56 -5.53 -27.52 -12.21
CA ASP D 56 -6.78 -26.92 -12.68
C ASP D 56 -7.13 -27.44 -14.07
N SER D 57 -8.32 -28.00 -14.23
CA SER D 57 -8.76 -28.54 -15.52
C SER D 57 -9.56 -27.51 -16.34
N ASP D 58 -9.77 -26.32 -15.78
CA ASP D 58 -10.50 -25.26 -16.46
C ASP D 58 -9.80 -23.92 -16.25
N GLU D 59 -8.75 -23.69 -17.03
CA GLU D 59 -7.93 -22.49 -16.84
C GLU D 59 -8.61 -21.24 -17.41
N ASP D 64 -11.64 -14.32 -16.94
CA ASP D 64 -11.49 -13.13 -16.11
C ASP D 64 -11.43 -13.52 -14.63
N LYS D 65 -10.63 -12.79 -13.86
CA LYS D 65 -10.53 -13.02 -12.42
C LYS D 65 -11.88 -12.76 -11.72
N LEU D 66 -12.64 -11.79 -12.21
CA LEU D 66 -13.98 -11.52 -11.69
C LEU D 66 -14.88 -12.74 -11.88
N GLU D 67 -14.78 -13.37 -13.05
CA GLU D 67 -15.65 -14.49 -13.41
C GLU D 67 -15.41 -15.71 -12.54
N LEU D 68 -14.14 -15.99 -12.22
CA LEU D 68 -13.78 -17.14 -11.39
C LEU D 68 -14.30 -16.95 -9.96
N THR D 69 -14.27 -15.69 -9.52
CA THR D 69 -14.75 -15.30 -8.20
C THR D 69 -16.26 -15.57 -8.07
N LEU D 70 -17.03 -15.19 -9.08
CA LEU D 70 -18.49 -15.35 -9.03
C LEU D 70 -18.92 -16.81 -9.28
N ASP D 71 -17.99 -17.65 -9.72
CA ASP D 71 -18.24 -19.09 -9.82
C ASP D 71 -17.95 -19.79 -8.50
N GLY D 72 -17.77 -19.01 -7.44
CA GLY D 72 -17.49 -19.56 -6.13
C GLY D 72 -16.03 -19.89 -5.87
N THR D 73 -15.14 -19.44 -6.75
CA THR D 73 -13.70 -19.63 -6.51
C THR D 73 -13.15 -18.41 -5.78
N ASN D 74 -13.49 -18.32 -4.50
CA ASN D 74 -13.09 -17.23 -3.64
C ASN D 74 -13.10 -17.66 -2.16
N ASP D 75 -12.41 -16.90 -1.31
CA ASP D 75 -12.34 -17.25 0.09
C ASP D 75 -13.37 -16.50 0.93
N GLY D 76 -14.29 -15.79 0.28
CA GLY D 76 -15.32 -15.04 0.99
C GLY D 76 -14.81 -13.88 1.84
N ARG D 77 -13.54 -13.49 1.65
CA ARG D 77 -12.91 -12.47 2.47
C ARG D 77 -12.06 -11.51 1.65
N THR D 78 -11.51 -12.03 0.56
CA THR D 78 -10.51 -11.36 -0.25
C THR D 78 -10.99 -11.21 -1.68
N ILE D 79 -11.02 -9.97 -2.15
CA ILE D 79 -11.45 -9.67 -3.52
C ILE D 79 -10.21 -9.42 -4.39
N LYS D 80 -10.06 -10.23 -5.43
CA LYS D 80 -8.97 -10.11 -6.42
C LYS D 80 -7.60 -10.01 -5.76
N GLY D 89 3.58 -21.26 -13.79
CA GLY D 89 3.43 -22.71 -13.71
C GLY D 89 3.37 -23.38 -15.08
N GLU D 90 3.39 -24.71 -15.09
CA GLU D 90 3.23 -25.48 -16.31
C GLU D 90 2.19 -26.57 -16.19
N LYS D 91 1.21 -26.53 -17.10
CA LYS D 91 0.19 -27.56 -17.22
C LYS D 91 0.66 -28.58 -18.23
N LEU D 92 0.31 -29.84 -18.02
CA LEU D 92 0.70 -30.88 -18.96
C LEU D 92 -0.36 -31.05 -20.04
N VAL D 93 0.02 -31.02 -21.32
CA VAL D 93 -0.94 -31.36 -22.37
C VAL D 93 -0.61 -32.74 -22.91
N GLY D 94 0.50 -33.29 -22.44
CA GLY D 94 0.94 -34.64 -22.77
C GLY D 94 2.11 -35.06 -21.88
N TYR D 95 2.28 -36.37 -21.72
CA TYR D 95 3.51 -36.89 -21.13
C TYR D 95 3.75 -38.32 -21.60
N VAL D 96 4.99 -38.76 -21.42
CA VAL D 96 5.33 -40.17 -21.61
C VAL D 96 6.07 -40.63 -20.34
N LEU D 97 5.53 -41.66 -19.71
CA LEU D 97 6.09 -42.22 -18.49
C LEU D 97 6.83 -43.51 -18.83
N VAL D 98 8.12 -43.55 -18.51
CA VAL D 98 9.00 -44.56 -19.02
C VAL D 98 9.78 -45.29 -17.92
N LYS D 99 10.08 -46.56 -18.15
CA LYS D 99 10.83 -47.38 -17.19
C LYS D 99 11.73 -48.34 -17.93
N MET D 100 12.69 -48.90 -17.21
CA MET D 100 13.39 -50.09 -17.66
C MET D 100 12.68 -51.27 -16.99
N ASN D 101 12.59 -52.41 -17.65
CA ASN D 101 11.97 -53.56 -17.02
C ASN D 101 12.81 -54.02 -15.83
N ASP D 102 12.15 -54.12 -14.67
CA ASP D 102 12.81 -54.42 -13.41
C ASP D 102 12.11 -55.57 -12.70
N ASP D 103 11.35 -56.36 -13.43
CA ASP D 103 10.79 -57.58 -12.89
C ASP D 103 11.95 -58.44 -12.39
N PRO D 104 11.79 -59.03 -11.19
CA PRO D 104 12.86 -59.89 -10.68
C PRO D 104 12.98 -61.13 -11.55
N ASP D 105 11.84 -61.70 -11.91
CA ASP D 105 11.79 -62.80 -12.87
C ASP D 105 12.43 -62.37 -14.18
N GLN D 106 11.99 -61.24 -14.71
CA GLN D 106 12.47 -60.72 -15.99
C GLN D 106 14.00 -60.60 -16.12
N GLN D 107 14.74 -61.10 -15.13
CA GLN D 107 16.20 -61.21 -15.15
C GLN D 107 16.89 -59.90 -14.82
N GLU D 109 17.81 -61.75 -19.47
CA GLU D 109 17.15 -60.79 -20.34
C GLU D 109 18.05 -59.56 -20.56
N PRO D 110 18.28 -59.19 -21.82
CA PRO D 110 18.97 -57.95 -22.12
C PRO D 110 18.19 -56.76 -21.58
N PRO D 111 18.88 -55.71 -21.17
CA PRO D 111 18.15 -54.51 -20.75
C PRO D 111 17.17 -54.05 -21.82
N ASN D 112 15.92 -53.84 -21.42
CA ASN D 112 14.91 -53.31 -22.34
C ASN D 112 13.98 -52.34 -21.61
N GLY D 113 13.48 -51.35 -22.33
CA GLY D 113 12.61 -50.34 -21.76
C GLY D 113 11.13 -50.64 -21.99
N HIS D 114 10.28 -49.93 -21.26
CA HIS D 114 8.85 -50.15 -21.33
C HIS D 114 8.16 -48.79 -21.22
N ILE D 115 7.19 -48.55 -22.10
CA ILE D 115 6.37 -47.35 -22.05
C ILE D 115 5.19 -47.59 -21.15
N THR D 116 5.28 -47.18 -19.90
CA THR D 116 4.17 -47.40 -18.98
C THR D 116 2.94 -46.65 -19.43
N SER D 117 3.14 -45.42 -19.89
CA SER D 117 2.00 -44.57 -20.17
C SER D 117 2.37 -43.51 -21.19
N LEU D 118 1.46 -43.25 -22.12
CA LEU D 118 1.66 -42.22 -23.11
C LEU D 118 0.34 -41.51 -23.28
N SER D 119 0.29 -40.26 -22.85
CA SER D 119 -0.99 -39.56 -22.85
C SER D 119 -0.86 -38.15 -23.43
N VAL D 120 -1.85 -37.77 -24.22
CA VAL D 120 -1.91 -36.45 -24.85
C VAL D 120 -3.34 -35.96 -24.76
N MET D 121 -3.56 -34.75 -24.27
CA MET D 121 -4.93 -34.22 -24.21
C MET D 121 -5.53 -34.26 -25.61
N ARG D 122 -6.80 -34.63 -25.71
CA ARG D 122 -7.48 -34.72 -27.01
C ARG D 122 -7.54 -33.37 -27.70
N THR D 123 -7.58 -32.30 -26.91
CA THR D 123 -7.66 -30.96 -27.47
C THR D 123 -6.36 -30.57 -28.16
N TYR D 124 -5.32 -31.36 -27.90
CA TYR D 124 -3.99 -31.08 -28.45
C TYR D 124 -3.58 -32.13 -29.47
N ARG D 125 -4.59 -32.79 -30.04
CA ARG D 125 -4.38 -33.70 -31.15
C ARG D 125 -3.77 -32.97 -32.35
N ARG D 126 -3.06 -33.73 -33.20
CA ARG D 126 -2.57 -33.24 -34.48
C ARG D 126 -1.49 -32.18 -34.31
N MET D 127 -0.68 -32.32 -33.25
CA MET D 127 0.45 -31.41 -32.97
C MET D 127 1.78 -32.14 -32.90
N GLY D 128 1.80 -33.43 -33.26
CA GLY D 128 3.02 -34.23 -33.18
C GLY D 128 3.56 -34.47 -31.77
N ILE D 129 2.73 -34.23 -30.76
CA ILE D 129 3.21 -34.33 -29.39
C ILE D 129 3.60 -35.78 -28.99
N ALA D 130 2.72 -36.73 -29.25
CA ALA D 130 3.00 -38.13 -28.90
C ALA D 130 4.32 -38.59 -29.53
N GLU D 131 4.50 -38.21 -30.78
CA GLU D 131 5.71 -38.58 -31.52
C GLU D 131 6.96 -37.98 -30.91
N ASN D 132 6.95 -36.66 -30.67
CA ASN D 132 8.09 -35.95 -30.11
C ASN D 132 8.45 -36.48 -28.73
N LEU D 133 7.43 -36.73 -27.92
CA LEU D 133 7.64 -37.37 -26.61
C LEU D 133 8.34 -38.71 -26.76
N MET D 134 7.79 -39.58 -27.61
CA MET D 134 8.33 -40.94 -27.78
C MET D 134 9.77 -40.93 -28.32
N ARG D 135 10.04 -40.04 -29.25
CA ARG D 135 11.39 -39.98 -29.81
C ARG D 135 12.39 -39.63 -28.72
N GLN D 136 12.05 -38.68 -27.84
CA GLN D 136 12.89 -38.39 -26.67
C GLN D 136 13.05 -39.64 -25.77
N ALA D 137 11.94 -40.32 -25.49
CA ALA D 137 11.97 -41.48 -24.59
C ALA D 137 12.90 -42.55 -25.13
N LEU D 138 12.76 -42.85 -26.41
CA LEU D 138 13.55 -43.92 -27.03
C LEU D 138 15.03 -43.62 -26.99
N PHE D 139 15.39 -42.39 -27.35
CA PHE D 139 16.78 -41.98 -27.37
C PHE D 139 17.36 -42.03 -25.95
N ALA D 140 16.59 -41.55 -24.99
CA ALA D 140 16.98 -41.57 -23.58
C ALA D 140 17.16 -43.01 -23.07
N LEU D 141 16.25 -43.91 -23.43
CA LEU D 141 16.39 -45.33 -23.04
C LEU D 141 17.72 -45.92 -23.53
N ARG D 142 18.05 -45.64 -24.79
CA ARG D 142 19.33 -46.11 -25.36
C ARG D 142 20.52 -45.39 -24.70
N GLU D 143 20.44 -44.08 -24.61
CA GLU D 143 21.56 -43.26 -24.18
C GLU D 143 21.88 -43.43 -22.70
N VAL D 144 20.85 -43.33 -21.87
CA VAL D 144 21.02 -43.33 -20.43
C VAL D 144 21.15 -44.75 -19.85
N HIS D 145 20.42 -45.70 -20.42
CA HIS D 145 20.33 -47.05 -19.84
C HIS D 145 20.84 -48.16 -20.74
N GLN D 146 21.29 -47.80 -21.93
CA GLN D 146 21.75 -48.80 -22.90
C GLN D 146 20.68 -49.84 -23.16
N ALA D 147 19.41 -49.45 -23.07
CA ALA D 147 18.33 -50.34 -23.45
C ALA D 147 18.61 -50.91 -24.83
N GLU D 148 18.39 -52.21 -24.99
CA GLU D 148 18.64 -52.83 -26.28
C GLU D 148 17.40 -52.74 -27.16
N TYR D 149 16.23 -52.77 -26.53
CA TYR D 149 15.00 -52.70 -27.30
C TYR D 149 13.80 -52.22 -26.49
N VAL D 150 12.72 -51.91 -27.19
CA VAL D 150 11.45 -51.61 -26.55
C VAL D 150 10.36 -52.44 -27.19
N SER D 151 9.62 -53.18 -26.35
CA SER D 151 8.51 -54.01 -26.80
C SER D 151 7.17 -53.59 -26.21
N LEU D 152 6.10 -53.89 -26.93
CA LEU D 152 4.74 -53.62 -26.46
C LEU D 152 3.74 -54.40 -27.30
N HIS D 153 2.49 -54.44 -26.83
CA HIS D 153 1.38 -54.98 -27.62
C HIS D 153 0.33 -53.92 -27.85
N VAL D 154 -0.30 -53.98 -29.03
CA VAL D 154 -1.35 -53.06 -29.41
C VAL D 154 -2.59 -53.81 -29.92
N ARG D 155 -3.76 -53.42 -29.44
CA ARG D 155 -5.01 -54.03 -29.90
C ARG D 155 -5.20 -53.80 -31.39
N GLN D 156 -5.79 -54.79 -32.07
CA GLN D 156 -5.97 -54.72 -33.52
C GLN D 156 -6.70 -53.45 -33.94
N SER D 157 -7.64 -53.03 -33.10
CA SER D 157 -8.52 -51.91 -33.43
C SER D 157 -7.96 -50.55 -33.02
N ASN D 158 -6.82 -50.52 -32.34
CA ASN D 158 -6.24 -49.25 -31.91
C ASN D 158 -5.39 -48.63 -33.02
N ARG D 159 -6.06 -47.99 -33.96
CA ARG D 159 -5.40 -47.42 -35.14
C ARG D 159 -4.36 -46.35 -34.79
N ALA D 160 -4.68 -45.45 -33.86
CA ALA D 160 -3.76 -44.35 -33.55
C ALA D 160 -2.43 -44.87 -33.02
N ALA D 161 -2.48 -45.88 -32.17
CA ALA D 161 -1.27 -46.47 -31.61
C ALA D 161 -0.49 -47.26 -32.65
N LEU D 162 -1.21 -48.08 -33.43
CA LEU D 162 -0.59 -48.85 -34.51
C LEU D 162 0.21 -47.94 -35.42
N HIS D 163 -0.41 -46.86 -35.91
CA HIS D 163 0.25 -45.98 -36.85
C HIS D 163 1.48 -45.33 -36.21
N LEU D 164 1.32 -44.79 -35.01
CA LEU D 164 2.41 -44.14 -34.28
C LEU D 164 3.63 -45.06 -34.10
N TYR D 165 3.41 -46.28 -33.63
CA TYR D 165 4.51 -47.19 -33.35
C TYR D 165 5.06 -47.88 -34.59
N ARG D 166 4.19 -48.47 -35.38
CA ARG D 166 4.64 -49.20 -36.57
C ARG D 166 5.18 -48.25 -37.63
N ASP D 167 4.43 -47.19 -37.91
CA ASP D 167 4.76 -46.36 -39.04
C ASP D 167 5.66 -45.19 -38.64
N THR D 168 5.15 -44.32 -37.78
CA THR D 168 5.90 -43.12 -37.39
C THR D 168 7.25 -43.43 -36.73
N LEU D 169 7.25 -44.36 -35.78
CA LEU D 169 8.45 -44.66 -35.00
C LEU D 169 9.19 -45.88 -35.53
N ALA D 170 8.66 -46.46 -36.59
CA ALA D 170 9.30 -47.59 -37.28
C ALA D 170 9.60 -48.76 -36.34
N PHE D 171 8.63 -49.12 -35.50
CA PHE D 171 8.67 -50.39 -34.79
C PHE D 171 8.42 -51.52 -35.76
N GLU D 172 9.10 -52.66 -35.58
CA GLU D 172 8.82 -53.84 -36.38
C GLU D 172 7.66 -54.62 -35.79
N VAL D 173 6.76 -55.09 -36.64
CA VAL D 173 5.72 -56.03 -36.20
C VAL D 173 6.28 -57.44 -36.26
N LEU D 174 6.50 -58.05 -35.10
CA LEU D 174 7.08 -59.39 -35.04
C LEU D 174 6.07 -60.45 -35.46
N SER D 175 4.86 -60.32 -34.93
CA SER D 175 3.78 -61.21 -35.26
C SER D 175 2.45 -60.56 -34.89
N ILE D 176 1.38 -61.23 -35.28
CA ILE D 176 0.04 -60.92 -34.82
C ILE D 176 -0.41 -62.04 -33.89
N GLU D 177 -0.90 -61.68 -32.71
CA GLU D 177 -1.27 -62.67 -31.70
C GLU D 177 -2.78 -62.88 -31.62
N LYS D 178 -3.21 -64.15 -31.70
CA LYS D 178 -4.60 -64.49 -31.99
C LYS D 178 -5.64 -63.87 -31.05
N SER D 179 -5.74 -64.33 -29.81
CA SER D 179 -6.85 -63.87 -28.98
C SER D 179 -6.32 -63.25 -27.70
N TYR D 180 -5.57 -62.17 -27.85
CA TYR D 180 -4.75 -61.60 -26.78
C TYR D 180 -5.56 -61.08 -25.59
N TYR D 181 -6.73 -60.51 -25.88
CA TYR D 181 -7.54 -59.83 -24.86
C TYR D 181 -8.88 -60.57 -24.63
N GLN D 182 -9.76 -60.02 -23.78
CA GLN D 182 -11.19 -60.44 -23.75
C GLN D 182 -11.75 -60.26 -25.15
N ASP D 183 -12.85 -59.53 -25.31
CA ASP D 183 -13.58 -59.46 -26.60
C ASP D 183 -13.15 -60.36 -27.83
N GLY D 184 -12.01 -61.08 -27.71
CA GLY D 184 -11.34 -61.78 -28.79
C GLY D 184 -10.16 -61.08 -29.49
N GLU D 185 -9.96 -59.77 -29.26
CA GLU D 185 -9.06 -58.97 -30.13
C GLU D 185 -7.65 -59.54 -30.30
N ASP D 186 -7.12 -59.54 -31.53
CA ASP D 186 -5.72 -59.86 -31.75
C ASP D 186 -4.87 -58.72 -31.18
N ALA D 187 -3.59 -59.00 -30.96
CA ALA D 187 -2.64 -57.95 -30.62
C ALA D 187 -1.49 -57.95 -31.62
N TYR D 188 -1.03 -56.75 -31.96
CA TYR D 188 0.17 -56.60 -32.77
C TYR D 188 1.38 -56.57 -31.83
N ALA D 189 2.29 -57.54 -32.02
CA ALA D 189 3.49 -57.61 -31.20
C ALA D 189 4.62 -56.84 -31.84
N MET D 190 5.07 -55.80 -31.15
CA MET D 190 5.99 -54.86 -31.77
C MET D 190 7.27 -54.69 -30.99
N LYS D 191 8.37 -54.51 -31.72
CA LYS D 191 9.66 -54.35 -31.09
C LYS D 191 10.52 -53.41 -31.89
N LYS D 192 11.24 -52.55 -31.17
CA LYS D 192 12.23 -51.69 -31.81
C LYS D 192 13.58 -51.93 -31.19
N VAL D 193 14.52 -52.37 -32.00
CA VAL D 193 15.89 -52.49 -31.59
C VAL D 193 16.46 -51.07 -31.52
N LEU D 194 17.09 -50.73 -30.40
CA LEU D 194 17.52 -49.37 -30.17
C LEU D 194 18.98 -49.16 -30.55
N LYS D 195 19.22 -48.18 -31.41
CA LYS D 195 20.58 -47.84 -31.82
C LYS D 195 20.71 -46.33 -31.81
N LEU D 196 21.72 -45.85 -31.09
CA LEU D 196 21.87 -44.43 -30.78
C LEU D 196 21.93 -43.57 -32.04
N GLU D 197 22.69 -44.02 -33.04
CA GLU D 197 22.84 -43.26 -34.28
C GLU D 197 21.51 -43.16 -35.02
N GLU D 198 20.72 -44.21 -34.94
CA GLU D 198 19.43 -44.25 -35.62
C GLU D 198 18.39 -43.41 -34.88
N LEU D 199 18.57 -43.26 -33.58
CA LEU D 199 17.58 -42.59 -32.75
C LEU D 199 17.83 -41.08 -32.58
N GLN D 200 19.00 -40.61 -33.03
CA GLN D 200 19.34 -39.19 -32.89
C GLN D 200 18.18 -38.33 -33.36
N ILE D 201 17.82 -37.36 -32.53
CA ILE D 201 16.66 -36.53 -32.78
C ILE D 201 16.79 -35.72 -34.07
N SER D 202 18.01 -35.31 -34.39
CA SER D 202 18.23 -34.58 -35.65
C SER D 202 17.96 -35.43 -36.88
N ASN D 203 17.82 -36.74 -36.72
CA ASN D 203 17.52 -37.60 -37.87
C ASN D 203 16.14 -37.33 -38.45
N PHE D 204 15.30 -36.67 -37.68
CA PHE D 204 13.86 -36.65 -37.92
C PHE D 204 13.33 -35.23 -38.03
N THR D 205 14.24 -34.26 -38.01
CA THR D 205 13.86 -32.86 -38.07
C THR D 205 13.38 -32.41 -39.45
N HIS D 206 13.62 -33.22 -40.48
CA HIS D 206 13.19 -32.86 -41.83
C HIS D 206 12.24 -33.91 -42.42
N ARG D 207 11.47 -34.58 -41.58
CA ARG D 207 10.38 -35.38 -42.09
C ARG D 207 9.23 -34.46 -42.50
N LYS D 215 17.47 -29.55 -46.48
CA LYS D 215 17.58 -30.30 -45.22
C LYS D 215 18.94 -30.07 -44.50
N LEU D 216 19.22 -28.82 -44.15
CA LEU D 216 20.46 -28.47 -43.45
C LEU D 216 20.33 -28.74 -41.94
N GLU D 217 21.42 -29.17 -41.33
CA GLU D 217 21.44 -29.31 -39.88
C GLU D 217 22.61 -28.54 -39.30
N ASP D 218 22.56 -28.24 -38.01
CA ASP D 218 23.64 -27.55 -37.33
C ASP D 218 24.80 -28.50 -37.12
N ASP D 219 25.98 -28.19 -37.67
CA ASP D 219 27.10 -29.12 -37.53
C ASP D 219 27.80 -28.98 -36.16
N LEU D 220 27.42 -27.96 -35.41
CA LEU D 220 27.93 -27.68 -34.07
C LEU D 220 29.43 -27.33 -34.06
N GLU D 221 30.00 -27.04 -35.23
CA GLU D 221 31.41 -26.67 -35.31
C GLU D 221 31.59 -25.26 -35.86
N SER D 222 30.76 -24.90 -36.82
CA SER D 222 30.81 -23.59 -37.45
C SER D 222 30.37 -22.51 -36.48
N ASP D 223 30.71 -21.27 -36.81
CA ASP D 223 30.28 -20.13 -36.03
C ASP D 223 28.91 -19.65 -36.53
N LEU D 224 27.87 -20.08 -35.84
CA LEU D 224 26.51 -19.84 -36.27
C LEU D 224 26.19 -18.35 -36.51
N LEU D 225 26.54 -17.49 -35.56
CA LEU D 225 26.20 -16.08 -35.67
C LEU D 225 27.02 -15.43 -36.78
N GLU D 226 28.31 -15.71 -36.84
CA GLU D 226 29.14 -15.21 -37.92
C GLU D 226 28.59 -15.65 -39.27
N ASP D 227 28.23 -16.93 -39.37
CA ASP D 227 27.69 -17.45 -40.63
C ASP D 227 26.44 -16.71 -41.05
N ILE D 228 25.54 -16.50 -40.09
CA ILE D 228 24.27 -15.85 -40.38
C ILE D 228 24.49 -14.42 -40.88
N ILE D 229 25.49 -13.76 -40.30
CA ILE D 229 25.81 -12.38 -40.62
C ILE D 229 26.40 -12.26 -42.03
N LYS D 230 27.27 -13.20 -42.37
CA LYS D 230 27.85 -13.28 -43.70
C LYS D 230 26.78 -13.55 -44.76
N GLN D 231 25.89 -14.50 -44.47
CA GLN D 231 24.89 -14.95 -45.43
C GLN D 231 23.92 -13.84 -45.82
N GLY D 232 23.71 -12.89 -44.92
CA GLY D 232 22.87 -11.74 -45.20
C GLY D 232 23.35 -11.02 -46.44
N VAL D 233 24.67 -10.91 -46.57
CA VAL D 233 25.26 -10.28 -47.75
C VAL D 233 25.36 -11.28 -48.89
N ASN D 234 25.91 -12.46 -48.57
CA ASN D 234 26.13 -13.49 -49.57
C ASN D 234 24.87 -13.94 -50.29
N ASP D 235 23.74 -13.93 -49.60
CA ASP D 235 22.47 -14.31 -50.24
C ASP D 235 22.16 -13.37 -51.38
N ILE D 236 22.66 -12.14 -51.30
CA ILE D 236 22.42 -11.17 -52.36
C ILE D 236 23.45 -11.22 -53.50
N ILE D 237 24.73 -11.30 -53.14
CA ILE D 237 25.79 -11.06 -54.13
C ILE D 237 26.33 -12.32 -54.79
N VAL D 238 25.95 -13.49 -54.26
CA VAL D 238 26.45 -14.75 -54.77
C VAL D 238 25.44 -15.45 -55.69
N GLU D 239 25.87 -15.75 -56.92
CA GLU D 239 25.08 -16.55 -57.88
C GLU D 239 23.94 -15.74 -58.49
#